data_1JEG
#
_entry.id   1JEG
#
_cell.length_a   ?
_cell.length_b   ?
_cell.length_c   ?
_cell.angle_alpha   ?
_cell.angle_beta   ?
_cell.angle_gamma   ?
#
loop_
_entity.id
_entity.type
_entity.pdbx_description
1 polymer 'TYROSINE-PROTEIN KINASE CSK'
2 polymer 'HEMATOPOIETIC CELL PROTEIN-TYROSINE PHOSPHATASE 70Z-PEP'
#
loop_
_entity_poly.entity_id
_entity_poly.type
_entity_poly.pdbx_seq_one_letter_code
_entity_poly.pdbx_strand_id
1 'polypeptide(L)'
;MSAIQAAWPSGTECIAKYNFHGTAEQDLPFCKGDVLTIVAVTKDPNWYKAKNKVGREGIIPANYVQKREGVKAGTKLSLM
PWF
;
A
2 'polypeptide(L)' SRRTDDEIPPPLPERTPESFIVVEE B
#
# COMPACT_ATOMS: atom_id res chain seq x y z
N SER A 10 3.79 10.28 -7.50
CA SER A 10 3.20 11.52 -7.95
C SER A 10 2.12 11.23 -9.00
N GLY A 11 0.91 11.01 -8.51
CA GLY A 11 -0.21 10.73 -9.39
C GLY A 11 -1.49 10.47 -8.58
N THR A 12 -1.64 9.22 -8.17
CA THR A 12 -2.81 8.83 -7.39
C THR A 12 -2.49 8.87 -5.89
N GLU A 13 -3.45 9.36 -5.13
CA GLU A 13 -3.29 9.45 -3.69
C GLU A 13 -4.30 8.54 -2.98
N CYS A 14 -3.80 7.83 -1.98
CA CYS A 14 -4.63 6.92 -1.21
C CYS A 14 -4.62 7.38 0.25
N ILE A 15 -5.71 7.09 0.94
CA ILE A 15 -5.84 7.45 2.34
C ILE A 15 -6.05 6.19 3.17
N ALA A 16 -5.32 6.12 4.28
CA ALA A 16 -5.43 4.98 5.18
C ALA A 16 -6.68 5.11 6.04
N LYS A 17 -7.47 4.05 6.06
CA LYS A 17 -8.69 4.05 6.85
C LYS A 17 -8.38 3.58 8.27
N TYR A 18 -7.54 2.56 8.35
CA TYR A 18 -7.16 2.01 9.64
C TYR A 18 -5.67 2.23 9.91
N ASN A 19 -5.25 1.80 11.08
CA ASN A 19 -3.85 1.95 11.47
C ASN A 19 -3.17 0.57 11.42
N PHE A 20 -2.94 0.12 10.19
CA PHE A 20 -2.30 -1.17 9.99
C PHE A 20 -0.78 -1.06 10.15
N HIS A 21 -0.26 -1.84 11.07
CA HIS A 21 1.17 -1.85 11.33
C HIS A 21 1.91 -2.49 10.17
N GLY A 22 3.20 -2.70 10.37
CA GLY A 22 4.03 -3.32 9.34
C GLY A 22 3.91 -4.84 9.37
N THR A 23 3.75 -5.42 8.19
CA THR A 23 3.63 -6.86 8.07
C THR A 23 4.80 -7.43 7.27
N ALA A 24 5.32 -6.62 6.38
CA ALA A 24 6.44 -7.03 5.55
C ALA A 24 7.53 -5.95 5.59
N GLU A 25 8.76 -6.40 5.48
CA GLU A 25 9.90 -5.49 5.51
C GLU A 25 9.78 -4.46 4.37
N GLN A 26 9.07 -4.85 3.33
CA GLN A 26 8.87 -3.99 2.18
C GLN A 26 7.62 -3.13 2.38
N ASP A 27 6.74 -3.60 3.25
CA ASP A 27 5.51 -2.87 3.54
C ASP A 27 5.81 -1.75 4.53
N LEU A 28 4.99 -0.72 4.47
CA LEU A 28 5.15 0.42 5.35
C LEU A 28 3.82 0.72 6.06
N PRO A 29 3.90 0.85 7.40
CA PRO A 29 2.72 1.13 8.21
C PRO A 29 2.28 2.59 8.05
N PHE A 30 1.01 2.81 8.31
CA PHE A 30 0.44 4.15 8.21
C PHE A 30 -0.52 4.44 9.36
N CYS A 31 -0.97 5.68 9.41
CA CYS A 31 -1.90 6.10 10.45
C CYS A 31 -3.15 6.67 9.78
N LYS A 32 -4.30 6.11 10.17
CA LYS A 32 -5.56 6.55 9.61
C LYS A 32 -5.52 8.06 9.37
N GLY A 33 -5.80 8.44 8.14
CA GLY A 33 -5.79 9.84 7.76
C GLY A 33 -4.54 10.18 6.95
N ASP A 34 -3.60 9.24 6.95
CA ASP A 34 -2.35 9.45 6.23
C ASP A 34 -2.61 9.25 4.73
N VAL A 35 -1.89 10.04 3.94
CA VAL A 35 -2.03 9.97 2.49
C VAL A 35 -0.75 9.40 1.89
N LEU A 36 -0.91 8.51 0.92
CA LEU A 36 0.22 7.90 0.26
C LEU A 36 0.04 8.00 -1.25
N THR A 37 1.16 8.20 -1.94
CA THR A 37 1.13 8.32 -3.39
C THR A 37 1.63 7.02 -4.04
N ILE A 38 0.87 6.55 -5.01
CA ILE A 38 1.21 5.33 -5.72
C ILE A 38 2.46 5.59 -6.57
N VAL A 39 3.42 4.68 -6.44
CA VAL A 39 4.66 4.78 -7.19
C VAL A 39 4.75 3.63 -8.19
N ALA A 40 4.21 2.49 -7.78
CA ALA A 40 4.22 1.31 -8.61
C ALA A 40 3.25 0.28 -8.05
N VAL A 41 2.86 -0.66 -8.91
CA VAL A 41 1.94 -1.70 -8.50
C VAL A 41 2.71 -3.02 -8.29
N THR A 42 2.22 -3.81 -7.36
CA THR A 42 2.85 -5.08 -7.05
C THR A 42 2.17 -6.21 -7.82
N LYS A 43 2.79 -7.38 -7.75
CA LYS A 43 2.25 -8.55 -8.44
C LYS A 43 0.75 -8.64 -8.18
N ASP A 44 0.37 -8.29 -6.97
CA ASP A 44 -1.03 -8.33 -6.58
C ASP A 44 -1.66 -6.96 -6.81
N PRO A 45 -3.01 -6.96 -6.97
CA PRO A 45 -3.74 -5.73 -7.19
C PRO A 45 -3.88 -4.93 -5.91
N ASN A 46 -4.86 -5.30 -5.11
CA ASN A 46 -5.11 -4.63 -3.84
C ASN A 46 -3.77 -4.17 -3.25
N TRP A 47 -2.76 -4.98 -3.47
CA TRP A 47 -1.43 -4.68 -2.96
C TRP A 47 -0.77 -3.71 -3.93
N TYR A 48 -0.43 -2.54 -3.40
CA TYR A 48 0.21 -1.51 -4.21
C TYR A 48 1.35 -0.84 -3.44
N LYS A 49 2.37 -0.45 -4.18
CA LYS A 49 3.53 0.20 -3.59
C LYS A 49 3.41 1.72 -3.76
N ALA A 50 3.42 2.41 -2.63
CA ALA A 50 3.30 3.85 -2.64
C ALA A 50 4.36 4.45 -1.72
N LYS A 51 4.51 5.77 -1.81
CA LYS A 51 5.48 6.47 -0.99
C LYS A 51 4.76 7.43 -0.05
N ASN A 52 5.44 7.79 1.04
CA ASN A 52 4.87 8.69 2.01
C ASN A 52 5.31 10.12 1.70
N LYS A 53 4.74 11.06 2.43
CA LYS A 53 5.06 12.47 2.24
C LYS A 53 6.47 12.73 2.79
N VAL A 54 6.97 11.76 3.54
CA VAL A 54 8.30 11.89 4.13
C VAL A 54 9.34 11.41 3.12
N GLY A 55 8.85 10.87 2.01
CA GLY A 55 9.71 10.37 0.97
C GLY A 55 10.01 8.88 1.15
N ARG A 56 9.23 8.27 2.04
CA ARG A 56 9.40 6.85 2.33
C ARG A 56 8.74 6.01 1.23
N GLU A 57 9.27 4.82 1.02
CA GLU A 57 8.75 3.92 0.02
C GLU A 57 8.42 2.56 0.64
N GLY A 58 7.18 2.14 0.42
CA GLY A 58 6.73 0.86 0.95
C GLY A 58 5.39 0.46 0.34
N ILE A 59 5.03 -0.80 0.54
CA ILE A 59 3.78 -1.31 0.02
C ILE A 59 2.70 -1.22 1.10
N ILE A 60 1.48 -1.00 0.66
CA ILE A 60 0.35 -0.89 1.58
C ILE A 60 -0.87 -1.59 0.98
N PRO A 61 -1.65 -2.26 1.87
CA PRO A 61 -2.84 -2.96 1.43
C PRO A 61 -3.98 -1.98 1.12
N ALA A 62 -4.49 -2.09 -0.09
CA ALA A 62 -5.58 -1.23 -0.52
C ALA A 62 -6.83 -1.53 0.31
N ASN A 63 -6.89 -2.74 0.82
CA ASN A 63 -8.01 -3.17 1.63
C ASN A 63 -7.95 -2.46 2.99
N TYR A 64 -6.89 -1.68 3.17
CA TYR A 64 -6.70 -0.96 4.41
C TYR A 64 -6.70 0.55 4.16
N VAL A 65 -6.81 0.91 2.89
CA VAL A 65 -6.81 2.31 2.51
C VAL A 65 -7.78 2.52 1.34
N GLN A 66 -7.95 3.78 0.97
CA GLN A 66 -8.84 4.11 -0.13
C GLN A 66 -8.10 4.93 -1.19
N LYS A 67 -8.31 4.57 -2.44
CA LYS A 67 -7.67 5.26 -3.54
C LYS A 67 -8.61 6.33 -4.10
N ARG A 68 -8.24 7.59 -3.86
CA ARG A 68 -9.04 8.71 -4.32
C ARG A 68 -9.16 8.68 -5.84
N GLU A 69 -8.17 8.07 -6.47
CA GLU A 69 -8.15 7.98 -7.92
C GLU A 69 -8.76 6.65 -8.37
N ILE B 8 -13.82 -12.37 13.30
CA ILE B 8 -12.59 -11.76 12.79
C ILE B 8 -12.90 -10.98 11.51
N PRO B 9 -12.29 -9.77 11.41
CA PRO B 9 -12.49 -8.93 10.25
C PRO B 9 -11.71 -9.47 9.04
N PRO B 10 -11.94 -8.80 7.87
CA PRO B 10 -11.27 -9.21 6.64
C PRO B 10 -9.80 -8.76 6.65
N PRO B 11 -8.90 -9.78 6.66
CA PRO B 11 -7.47 -9.51 6.66
C PRO B 11 -7.00 -9.05 5.28
N LEU B 12 -5.96 -8.23 5.30
CA LEU B 12 -5.40 -7.71 4.06
C LEU B 12 -5.17 -8.87 3.08
N PRO B 13 -4.73 -8.50 1.84
CA PRO B 13 -4.47 -9.50 0.82
C PRO B 13 -3.17 -10.25 1.11
N GLU B 14 -3.10 -11.45 0.56
CA GLU B 14 -1.91 -12.29 0.75
C GLU B 14 -0.65 -11.49 0.41
N ARG B 15 0.34 -11.63 1.27
CA ARG B 15 1.61 -10.93 1.06
C ARG B 15 2.52 -11.75 0.14
N THR B 16 2.46 -11.44 -1.14
CA THR B 16 3.26 -12.12 -2.12
C THR B 16 4.64 -11.46 -2.25
N PRO B 17 5.68 -12.32 -2.43
CA PRO B 17 7.04 -11.82 -2.56
C PRO B 17 7.26 -11.21 -3.95
N GLU B 18 6.36 -11.53 -4.85
CA GLU B 18 6.45 -11.03 -6.22
C GLU B 18 6.36 -9.50 -6.22
N SER B 19 5.96 -8.96 -5.08
CA SER B 19 5.83 -7.51 -4.94
C SER B 19 7.17 -6.84 -5.26
N PHE B 20 8.24 -7.58 -5.01
CA PHE B 20 9.58 -7.07 -5.26
C PHE B 20 9.76 -6.71 -6.74
N ILE B 21 8.81 -7.17 -7.54
CA ILE B 21 8.86 -6.91 -8.97
C ILE B 21 7.67 -6.02 -9.36
N VAL B 22 7.97 -4.98 -10.13
CA VAL B 22 6.94 -4.06 -10.57
C VAL B 22 6.62 -4.32 -12.04
N VAL B 23 5.34 -4.57 -12.30
CA VAL B 23 4.89 -4.84 -13.65
C VAL B 23 5.06 -3.58 -14.51
N GLU B 24 5.71 -3.76 -15.65
CA GLU B 24 5.94 -2.65 -16.56
C GLU B 24 4.67 -2.34 -17.35
N GLU B 25 3.60 -2.09 -16.63
CA GLU B 25 2.32 -1.78 -17.24
C GLU B 25 2.53 -0.96 -18.52
N SER A 10 3.98 8.31 -8.30
CA SER A 10 3.49 9.65 -7.99
C SER A 10 2.39 10.04 -8.97
N GLY A 11 1.20 9.49 -8.73
CA GLY A 11 0.05 9.78 -9.57
C GLY A 11 -1.25 9.68 -8.78
N THR A 12 -1.63 8.45 -8.47
CA THR A 12 -2.85 8.20 -7.72
C THR A 12 -2.61 8.48 -6.23
N GLU A 13 -3.61 9.10 -5.61
CA GLU A 13 -3.53 9.42 -4.19
C GLU A 13 -4.40 8.45 -3.39
N CYS A 14 -3.75 7.75 -2.48
CA CYS A 14 -4.45 6.79 -1.62
C CYS A 14 -4.75 7.47 -0.29
N ILE A 15 -5.92 7.15 0.25
CA ILE A 15 -6.34 7.71 1.52
C ILE A 15 -6.42 6.60 2.57
N ALA A 16 -5.85 6.88 3.74
CA ALA A 16 -5.85 5.92 4.82
C ALA A 16 -7.22 5.92 5.50
N LYS A 17 -7.75 4.73 5.70
CA LYS A 17 -9.05 4.58 6.35
C LYS A 17 -8.89 3.78 7.64
N TYR A 18 -8.03 2.76 7.57
CA TYR A 18 -7.78 1.93 8.73
C TYR A 18 -6.43 2.25 9.36
N ASN A 19 -6.17 1.61 10.49
CA ASN A 19 -4.92 1.82 11.20
C ASN A 19 -4.22 0.48 11.41
N PHE A 20 -3.85 -0.14 10.30
CA PHE A 20 -3.17 -1.43 10.35
C PHE A 20 -1.67 -1.24 10.51
N HIS A 21 -1.11 -2.03 11.43
CA HIS A 21 0.33 -1.97 11.70
C HIS A 21 1.09 -2.59 10.53
N GLY A 22 2.40 -2.73 10.73
CA GLY A 22 3.25 -3.29 9.70
C GLY A 22 3.23 -4.83 9.76
N THR A 23 3.23 -5.43 8.58
CA THR A 23 3.21 -6.89 8.49
C THR A 23 4.49 -7.39 7.81
N ALA A 24 4.99 -6.59 6.90
CA ALA A 24 6.21 -6.94 6.17
C ALA A 24 7.23 -5.82 6.32
N GLU A 25 8.50 -6.20 6.33
CA GLU A 25 9.58 -5.25 6.46
C GLU A 25 9.56 -4.27 5.29
N GLN A 26 8.85 -4.65 4.25
CA GLN A 26 8.75 -3.82 3.05
C GLN A 26 7.48 -2.97 3.11
N ASP A 27 6.53 -3.43 3.92
CA ASP A 27 5.28 -2.72 4.08
C ASP A 27 5.48 -1.55 5.06
N LEU A 28 4.76 -0.47 4.80
CA LEU A 28 4.84 0.71 5.65
C LEU A 28 3.48 0.95 6.31
N PRO A 29 3.48 0.92 7.66
CA PRO A 29 2.27 1.13 8.42
C PRO A 29 1.88 2.61 8.42
N PHE A 30 0.57 2.85 8.39
CA PHE A 30 0.07 4.21 8.39
C PHE A 30 -1.17 4.33 9.29
N CYS A 31 -1.65 5.56 9.41
CA CYS A 31 -2.82 5.82 10.23
C CYS A 31 -3.88 6.50 9.37
N LYS A 32 -5.13 6.25 9.72
CA LYS A 32 -6.25 6.82 8.97
C LYS A 32 -6.04 8.32 8.84
N GLY A 33 -6.35 8.84 7.65
CA GLY A 33 -6.20 10.25 7.39
C GLY A 33 -4.91 10.55 6.64
N ASP A 34 -3.99 9.60 6.72
CA ASP A 34 -2.70 9.72 6.05
C ASP A 34 -2.89 9.52 4.55
N VAL A 35 -2.19 10.35 3.78
CA VAL A 35 -2.27 10.26 2.33
C VAL A 35 -0.95 9.74 1.78
N LEU A 36 -1.06 8.83 0.81
CA LEU A 36 0.12 8.25 0.20
C LEU A 36 -0.01 8.33 -1.33
N THR A 37 1.13 8.27 -1.99
CA THR A 37 1.15 8.34 -3.44
C THR A 37 1.63 7.01 -4.02
N ILE A 38 0.94 6.58 -5.07
CA ILE A 38 1.27 5.33 -5.73
C ILE A 38 2.65 5.45 -6.38
N VAL A 39 3.48 4.45 -6.12
CA VAL A 39 4.83 4.44 -6.67
C VAL A 39 4.94 3.30 -7.69
N ALA A 40 4.23 2.22 -7.42
CA ALA A 40 4.24 1.07 -8.31
C ALA A 40 3.20 0.05 -7.82
N VAL A 41 2.69 -0.72 -8.77
CA VAL A 41 1.70 -1.74 -8.45
C VAL A 41 2.38 -3.10 -8.35
N THR A 42 1.81 -3.96 -7.52
CA THR A 42 2.35 -5.29 -7.33
C THR A 42 1.57 -6.30 -8.16
N LYS A 43 2.08 -7.53 -8.19
CA LYS A 43 1.46 -8.60 -8.94
C LYS A 43 0.11 -8.94 -8.29
N ASP A 44 0.05 -8.73 -6.99
CA ASP A 44 -1.17 -9.02 -6.24
C ASP A 44 -2.02 -7.75 -6.15
N PRO A 45 -3.36 -7.96 -6.18
CA PRO A 45 -4.29 -6.85 -6.11
C PRO A 45 -4.37 -6.28 -4.69
N ASN A 46 -4.78 -5.02 -4.61
CA ASN A 46 -4.89 -4.35 -3.33
C ASN A 46 -3.50 -3.99 -2.82
N TRP A 47 -2.54 -4.85 -3.14
CA TRP A 47 -1.16 -4.64 -2.72
C TRP A 47 -0.53 -3.63 -3.69
N TYR A 48 -0.13 -2.50 -3.13
CA TYR A 48 0.49 -1.45 -3.92
C TYR A 48 1.58 -0.73 -3.12
N LYS A 49 2.67 -0.44 -3.80
CA LYS A 49 3.79 0.25 -3.17
C LYS A 49 3.65 1.76 -3.40
N ALA A 50 3.58 2.49 -2.31
CA ALA A 50 3.45 3.94 -2.38
C ALA A 50 4.44 4.59 -1.41
N LYS A 51 4.58 5.89 -1.56
CA LYS A 51 5.50 6.65 -0.70
C LYS A 51 4.70 7.67 0.11
N ASN A 52 5.29 8.08 1.22
CA ASN A 52 4.66 9.04 2.09
C ASN A 52 5.29 10.42 1.87
N LYS A 53 4.78 11.40 2.62
CA LYS A 53 5.28 12.76 2.50
C LYS A 53 6.69 12.82 3.10
N VAL A 54 7.07 11.74 3.76
CA VAL A 54 8.38 11.66 4.38
C VAL A 54 9.41 11.24 3.33
N GLY A 55 8.90 10.76 2.21
CA GLY A 55 9.77 10.32 1.12
C GLY A 55 10.00 8.81 1.20
N ARG A 56 9.49 8.21 2.27
CA ARG A 56 9.64 6.79 2.47
C ARG A 56 8.78 6.02 1.45
N GLU A 57 9.27 4.83 1.10
CA GLU A 57 8.57 4.00 0.15
C GLU A 57 8.31 2.61 0.75
N GLY A 58 7.06 2.20 0.71
CA GLY A 58 6.67 0.90 1.25
C GLY A 58 5.35 0.43 0.63
N ILE A 59 5.02 -0.83 0.93
CA ILE A 59 3.79 -1.41 0.42
C ILE A 59 2.70 -1.31 1.48
N ILE A 60 1.48 -1.11 1.00
CA ILE A 60 0.34 -1.00 1.90
C ILE A 60 -0.89 -1.60 1.23
N PRO A 61 -1.60 -2.49 2.00
CA PRO A 61 -2.79 -3.12 1.48
C PRO A 61 -3.97 -2.15 1.45
N ALA A 62 -4.63 -2.11 0.31
CA ALA A 62 -5.78 -1.22 0.13
C ALA A 62 -6.87 -1.62 1.13
N ASN A 63 -6.69 -2.78 1.73
CA ASN A 63 -7.65 -3.28 2.71
C ASN A 63 -7.74 -2.30 3.88
N TYR A 64 -6.76 -1.40 3.93
CA TYR A 64 -6.72 -0.40 4.98
C TYR A 64 -6.62 1.01 4.40
N VAL A 65 -6.56 1.07 3.08
CA VAL A 65 -6.47 2.35 2.39
C VAL A 65 -7.26 2.27 1.09
N GLN A 66 -7.85 3.41 0.74
CA GLN A 66 -8.65 3.49 -0.47
C GLN A 66 -7.94 4.35 -1.52
N LYS A 67 -8.28 4.12 -2.78
CA LYS A 67 -7.68 4.86 -3.87
C LYS A 67 -8.64 5.97 -4.31
N ARG A 68 -8.25 7.20 -4.02
CA ARG A 68 -9.06 8.35 -4.38
C ARG A 68 -9.47 8.28 -5.85
N GLU A 69 -8.65 7.57 -6.62
CA GLU A 69 -8.91 7.42 -8.04
C GLU A 69 -9.20 5.95 -8.37
N ILE B 8 -14.65 -10.47 13.36
CA ILE B 8 -13.28 -10.40 12.90
C ILE B 8 -13.27 -10.48 11.37
N PRO B 9 -12.69 -9.41 10.76
CA PRO B 9 -12.60 -9.34 9.31
C PRO B 9 -11.51 -10.28 8.78
N PRO B 10 -11.44 -10.37 7.42
CA PRO B 10 -10.45 -11.22 6.78
C PRO B 10 -9.06 -10.59 6.85
N PRO B 11 -8.02 -11.47 6.80
CA PRO B 11 -6.65 -11.01 6.86
C PRO B 11 -6.22 -10.39 5.52
N LEU B 12 -5.29 -9.46 5.61
CA LEU B 12 -4.79 -8.78 4.42
C LEU B 12 -4.48 -9.81 3.34
N PRO B 13 -4.11 -9.29 2.14
CA PRO B 13 -3.79 -10.16 1.02
C PRO B 13 -2.41 -10.79 1.20
N GLU B 14 -2.21 -11.92 0.52
CA GLU B 14 -0.95 -12.63 0.60
C GLU B 14 0.17 -11.79 -0.03
N ARG B 15 1.19 -11.52 0.77
CA ARG B 15 2.31 -10.74 0.31
C ARG B 15 3.16 -11.55 -0.67
N THR B 16 2.71 -11.56 -1.92
CA THR B 16 3.42 -12.29 -2.95
C THR B 16 4.78 -11.66 -3.23
N PRO B 17 5.76 -12.53 -3.59
CA PRO B 17 7.10 -12.08 -3.87
C PRO B 17 7.17 -11.38 -5.24
N GLU B 18 6.14 -11.61 -6.04
CA GLU B 18 6.07 -11.01 -7.36
C GLU B 18 6.04 -9.49 -7.26
N SER B 19 5.80 -9.01 -6.03
CA SER B 19 5.74 -7.59 -5.79
C SER B 19 7.04 -6.92 -6.23
N PHE B 20 8.12 -7.67 -6.12
CA PHE B 20 9.43 -7.16 -6.50
C PHE B 20 9.43 -6.69 -7.96
N ILE B 21 8.41 -7.13 -8.68
CA ILE B 21 8.27 -6.75 -10.08
C ILE B 21 7.02 -5.88 -10.26
N VAL B 22 7.21 -4.76 -10.93
CA VAL B 22 6.13 -3.83 -11.17
C VAL B 22 5.60 -4.03 -12.60
N VAL B 23 4.31 -4.34 -12.68
CA VAL B 23 3.68 -4.56 -13.97
C VAL B 23 3.64 -3.25 -14.75
N GLU B 24 4.35 -3.24 -15.87
CA GLU B 24 4.40 -2.05 -16.71
C GLU B 24 3.14 -1.94 -17.54
N GLU B 25 2.00 -1.94 -16.85
CA GLU B 25 0.72 -1.83 -17.52
C GLU B 25 0.74 -2.59 -18.84
N SER A 10 1.72 7.07 -10.31
CA SER A 10 2.52 8.28 -10.41
C SER A 10 1.62 9.52 -10.48
N GLY A 11 0.81 9.67 -9.46
CA GLY A 11 -0.11 10.80 -9.38
C GLY A 11 -1.29 10.49 -8.47
N THR A 12 -1.73 9.24 -8.53
CA THR A 12 -2.85 8.80 -7.71
C THR A 12 -2.47 8.80 -6.23
N GLU A 13 -3.41 9.27 -5.42
CA GLU A 13 -3.18 9.34 -3.98
C GLU A 13 -4.22 8.49 -3.24
N CYS A 14 -3.72 7.64 -2.37
CA CYS A 14 -4.59 6.77 -1.59
C CYS A 14 -4.73 7.36 -0.18
N ILE A 15 -5.87 7.08 0.43
CA ILE A 15 -6.13 7.57 1.78
C ILE A 15 -6.22 6.39 2.74
N ALA A 16 -5.53 6.54 3.86
CA ALA A 16 -5.52 5.50 4.87
C ALA A 16 -6.78 5.60 5.73
N LYS A 17 -7.44 4.46 5.92
CA LYS A 17 -8.65 4.42 6.71
C LYS A 17 -8.46 3.48 7.90
N TYR A 18 -7.81 2.36 7.62
CA TYR A 18 -7.55 1.37 8.65
C TYR A 18 -6.06 1.35 9.02
N ASN A 19 -5.81 1.25 10.31
CA ASN A 19 -4.43 1.22 10.81
C ASN A 19 -3.95 -0.22 10.83
N PHE A 20 -2.94 -0.49 10.01
CA PHE A 20 -2.37 -1.82 9.92
C PHE A 20 -0.85 -1.79 10.18
N HIS A 21 -0.42 -2.69 11.04
CA HIS A 21 0.99 -2.77 11.38
C HIS A 21 1.77 -3.28 10.17
N GLY A 22 3.09 -3.38 10.35
CA GLY A 22 3.96 -3.85 9.29
C GLY A 22 4.04 -5.38 9.28
N THR A 23 4.08 -5.92 8.08
CA THR A 23 4.16 -7.37 7.92
C THR A 23 5.45 -7.75 7.18
N ALA A 24 5.89 -6.86 6.31
CA ALA A 24 7.11 -7.09 5.54
C ALA A 24 7.99 -5.83 5.61
N GLU A 25 9.29 -6.07 5.57
CA GLU A 25 10.24 -4.98 5.62
C GLU A 25 9.98 -3.99 4.48
N GLN A 26 9.52 -4.53 3.37
CA GLN A 26 9.21 -3.70 2.21
C GLN A 26 7.90 -2.96 2.41
N ASP A 27 7.07 -3.51 3.30
CA ASP A 27 5.78 -2.91 3.59
C ASP A 27 5.96 -1.76 4.57
N LEU A 28 4.99 -0.86 4.58
CA LEU A 28 5.03 0.28 5.46
C LEU A 28 3.71 0.38 6.24
N PRO A 29 3.83 0.85 7.51
CA PRO A 29 2.66 0.99 8.36
C PRO A 29 1.83 2.21 7.95
N PHE A 30 0.51 2.04 8.01
CA PHE A 30 -0.40 3.11 7.65
C PHE A 30 -1.17 3.61 8.87
N CYS A 31 -1.38 4.91 8.91
CA CYS A 31 -2.11 5.53 10.01
C CYS A 31 -3.29 6.30 9.44
N LYS A 32 -4.48 5.79 9.70
CA LYS A 32 -5.70 6.42 9.22
C LYS A 32 -5.52 7.94 9.25
N GLY A 33 -5.92 8.57 8.16
CA GLY A 33 -5.82 10.02 8.05
C GLY A 33 -4.61 10.42 7.19
N ASP A 34 -3.62 9.53 7.17
CA ASP A 34 -2.42 9.79 6.39
C ASP A 34 -2.70 9.52 4.91
N VAL A 35 -2.01 10.26 4.06
CA VAL A 35 -2.19 10.11 2.63
C VAL A 35 -0.89 9.56 2.02
N LEU A 36 -1.07 8.65 1.08
CA LEU A 36 0.08 8.04 0.41
C LEU A 36 -0.05 8.24 -1.09
N THR A 37 1.09 8.15 -1.77
CA THR A 37 1.11 8.31 -3.22
C THR A 37 1.56 7.02 -3.90
N ILE A 38 0.82 6.63 -4.93
CA ILE A 38 1.13 5.42 -5.67
C ILE A 38 2.46 5.60 -6.39
N VAL A 39 3.36 4.67 -6.14
CA VAL A 39 4.68 4.72 -6.76
C VAL A 39 4.77 3.61 -7.81
N ALA A 40 4.13 2.48 -7.50
CA ALA A 40 4.14 1.36 -8.41
C ALA A 40 3.18 0.29 -7.90
N VAL A 41 2.76 -0.58 -8.81
CA VAL A 41 1.84 -1.65 -8.46
C VAL A 41 2.61 -2.97 -8.35
N THR A 42 2.08 -3.87 -7.54
CA THR A 42 2.71 -5.16 -7.35
C THR A 42 1.93 -6.24 -8.09
N LYS A 43 2.52 -7.43 -8.13
CA LYS A 43 1.90 -8.56 -8.80
C LYS A 43 0.41 -8.62 -8.42
N ASP A 44 0.14 -8.33 -7.16
CA ASP A 44 -1.23 -8.33 -6.67
C ASP A 44 -1.82 -6.93 -6.78
N PRO A 45 -3.16 -6.89 -6.94
CA PRO A 45 -3.87 -5.62 -7.07
C PRO A 45 -3.97 -4.91 -5.71
N ASN A 46 -4.91 -5.40 -4.90
CA ASN A 46 -5.12 -4.84 -3.59
C ASN A 46 -3.78 -4.34 -3.02
N TRP A 47 -2.73 -5.09 -3.34
CA TRP A 47 -1.40 -4.73 -2.87
C TRP A 47 -0.85 -3.64 -3.79
N TYR A 48 -0.44 -2.54 -3.17
CA TYR A 48 0.10 -1.42 -3.93
C TYR A 48 1.27 -0.78 -3.17
N LYS A 49 2.24 -0.31 -3.94
CA LYS A 49 3.41 0.32 -3.36
C LYS A 49 3.30 1.84 -3.54
N ALA A 50 3.35 2.54 -2.41
CA ALA A 50 3.26 3.98 -2.42
C ALA A 50 4.28 4.56 -1.44
N LYS A 51 4.45 5.87 -1.52
CA LYS A 51 5.39 6.56 -0.65
C LYS A 51 4.66 7.70 0.08
N ASN A 52 5.14 7.98 1.29
CA ASN A 52 4.55 9.02 2.10
C ASN A 52 5.20 10.36 1.73
N LYS A 53 4.68 11.42 2.35
CA LYS A 53 5.21 12.76 2.10
C LYS A 53 6.59 12.88 2.74
N VAL A 54 6.94 11.87 3.52
CA VAL A 54 8.23 11.86 4.19
C VAL A 54 9.30 11.35 3.22
N GLY A 55 8.84 10.78 2.12
CA GLY A 55 9.74 10.24 1.11
C GLY A 55 9.92 8.74 1.27
N ARG A 56 9.30 8.20 2.30
CA ARG A 56 9.38 6.78 2.58
C ARG A 56 8.62 5.98 1.51
N GLU A 57 9.24 4.90 1.07
CA GLU A 57 8.63 4.05 0.05
C GLU A 57 8.40 2.66 0.61
N GLY A 58 7.14 2.23 0.54
CA GLY A 58 6.77 0.91 1.03
C GLY A 58 5.44 0.45 0.43
N ILE A 59 5.14 -0.82 0.62
CA ILE A 59 3.91 -1.38 0.11
C ILE A 59 2.85 -1.39 1.22
N ILE A 60 1.61 -1.13 0.81
CA ILE A 60 0.52 -1.10 1.77
C ILE A 60 -0.72 -1.72 1.11
N PRO A 61 -1.45 -2.55 1.92
CA PRO A 61 -2.65 -3.20 1.43
C PRO A 61 -3.81 -2.21 1.35
N ALA A 62 -4.46 -2.21 0.20
CA ALA A 62 -5.58 -1.32 -0.03
C ALA A 62 -6.71 -1.68 0.94
N ASN A 63 -6.55 -2.83 1.59
CA ASN A 63 -7.54 -3.30 2.54
C ASN A 63 -7.64 -2.30 3.69
N TYR A 64 -6.69 -1.39 3.72
CA TYR A 64 -6.67 -0.38 4.77
C TYR A 64 -6.54 1.03 4.16
N VAL A 65 -6.48 1.07 2.85
CA VAL A 65 -6.36 2.34 2.14
C VAL A 65 -7.14 2.25 0.82
N GLN A 66 -7.72 3.38 0.46
CA GLN A 66 -8.50 3.46 -0.77
C GLN A 66 -8.01 4.61 -1.64
N LYS A 67 -8.02 4.38 -2.95
CA LYS A 67 -7.57 5.38 -3.89
C LYS A 67 -8.61 6.50 -3.97
N ARG A 68 -8.20 7.67 -3.54
CA ARG A 68 -9.10 8.84 -3.56
C ARG A 68 -9.96 8.81 -4.82
N GLU A 69 -9.40 8.25 -5.88
CA GLU A 69 -10.12 8.15 -7.14
C GLU A 69 -10.31 6.69 -7.54
N ILE B 8 -12.40 -13.09 14.17
CA ILE B 8 -11.21 -12.64 13.48
C ILE B 8 -11.61 -11.86 12.22
N PRO B 9 -11.04 -10.63 12.11
CA PRO B 9 -11.33 -9.77 10.98
C PRO B 9 -10.63 -10.27 9.71
N PRO B 10 -10.95 -9.59 8.57
CA PRO B 10 -10.35 -9.96 7.30
C PRO B 10 -8.90 -9.47 7.21
N PRO B 11 -7.97 -10.47 7.14
CA PRO B 11 -6.55 -10.16 7.06
C PRO B 11 -6.18 -9.67 5.66
N LEU B 12 -5.17 -8.82 5.63
CA LEU B 12 -4.70 -8.27 4.36
C LEU B 12 -4.52 -9.41 3.35
N PRO B 13 -4.18 -9.01 2.09
CA PRO B 13 -3.99 -9.97 1.03
C PRO B 13 -2.65 -10.70 1.20
N GLU B 14 -2.61 -11.93 0.70
CA GLU B 14 -1.40 -12.73 0.79
C GLU B 14 -0.21 -11.94 0.24
N ARG B 15 0.82 -11.82 1.09
CA ARG B 15 2.02 -11.10 0.71
C ARG B 15 2.83 -11.92 -0.29
N THR B 16 2.55 -11.69 -1.56
CA THR B 16 3.26 -12.40 -2.62
C THR B 16 4.67 -11.82 -2.80
N PRO B 17 5.62 -12.73 -3.12
CA PRO B 17 7.00 -12.32 -3.33
C PRO B 17 7.17 -11.64 -4.68
N GLU B 18 6.20 -11.87 -5.55
CA GLU B 18 6.23 -11.28 -6.88
C GLU B 18 6.17 -9.76 -6.79
N SER B 19 5.84 -9.28 -5.60
CA SER B 19 5.75 -7.85 -5.36
C SER B 19 7.10 -7.18 -5.66
N PHE B 20 8.17 -7.95 -5.44
CA PHE B 20 9.50 -7.45 -5.68
C PHE B 20 9.67 -6.98 -7.13
N ILE B 21 8.72 -7.39 -7.96
CA ILE B 21 8.74 -7.02 -9.36
C ILE B 21 7.54 -6.13 -9.68
N VAL B 22 7.83 -5.02 -10.33
CA VAL B 22 6.78 -4.08 -10.69
C VAL B 22 6.56 -4.11 -12.21
N VAL B 23 5.31 -4.37 -12.58
CA VAL B 23 4.95 -4.44 -13.99
C VAL B 23 5.11 -3.06 -14.63
N GLU B 24 6.02 -2.97 -15.58
CA GLU B 24 6.28 -1.72 -16.27
C GLU B 24 5.19 -1.47 -17.32
N GLU B 25 3.95 -1.46 -16.85
CA GLU B 25 2.82 -1.22 -17.74
C GLU B 25 3.09 -1.82 -19.12
N SER A 10 3.74 11.12 -7.41
CA SER A 10 3.65 10.03 -8.38
C SER A 10 2.48 10.28 -9.33
N GLY A 11 1.28 10.23 -8.77
CA GLY A 11 0.08 10.44 -9.57
C GLY A 11 -1.17 10.18 -8.73
N THR A 12 -1.44 8.89 -8.51
CA THR A 12 -2.61 8.50 -7.73
C THR A 12 -2.33 8.65 -6.24
N GLU A 13 -3.29 9.24 -5.54
CA GLU A 13 -3.17 9.46 -4.12
C GLU A 13 -4.10 8.52 -3.35
N CYS A 14 -3.53 7.79 -2.40
CA CYS A 14 -4.30 6.86 -1.60
C CYS A 14 -4.61 7.52 -0.26
N ILE A 15 -5.77 7.18 0.29
CA ILE A 15 -6.19 7.73 1.56
C ILE A 15 -6.29 6.61 2.59
N ALA A 16 -5.64 6.82 3.72
CA ALA A 16 -5.64 5.84 4.79
C ALA A 16 -6.95 5.96 5.59
N LYS A 17 -7.53 4.81 5.90
CA LYS A 17 -8.77 4.78 6.65
C LYS A 17 -8.54 4.08 7.99
N TYR A 18 -7.76 3.01 7.93
CA TYR A 18 -7.46 2.25 9.13
C TYR A 18 -5.99 2.41 9.52
N ASN A 19 -5.66 1.90 10.70
CA ASN A 19 -4.30 1.99 11.20
C ASN A 19 -3.72 0.59 11.35
N PHE A 20 -3.35 0.01 10.22
CA PHE A 20 -2.79 -1.33 10.21
C PHE A 20 -1.27 -1.29 10.30
N HIS A 21 -0.75 -1.93 11.34
CA HIS A 21 0.69 -1.96 11.56
C HIS A 21 1.37 -2.61 10.36
N GLY A 22 2.69 -2.62 10.40
CA GLY A 22 3.48 -3.21 9.33
C GLY A 22 3.48 -4.73 9.44
N THR A 23 3.52 -5.37 8.27
CA THR A 23 3.54 -6.83 8.22
C THR A 23 4.85 -7.33 7.61
N ALA A 24 5.36 -6.55 6.67
CA ALA A 24 6.60 -6.90 6.00
C ALA A 24 7.57 -5.72 6.09
N GLU A 25 8.86 -6.04 6.05
CA GLU A 25 9.89 -5.02 6.13
C GLU A 25 9.68 -3.97 5.02
N GLN A 26 9.23 -4.46 3.88
CA GLN A 26 8.99 -3.58 2.74
C GLN A 26 7.67 -2.83 2.93
N ASP A 27 6.81 -3.39 3.77
CA ASP A 27 5.52 -2.79 4.04
C ASP A 27 5.70 -1.64 5.04
N LEU A 28 5.03 -0.54 4.75
CA LEU A 28 5.11 0.63 5.61
C LEU A 28 3.74 0.89 6.23
N PRO A 29 3.71 0.86 7.59
CA PRO A 29 2.46 1.09 8.31
C PRO A 29 2.09 2.57 8.31
N PHE A 30 0.79 2.82 8.18
CA PHE A 30 0.30 4.18 8.16
C PHE A 30 -0.90 4.35 9.10
N CYS A 31 -1.15 5.60 9.47
CA CYS A 31 -2.25 5.89 10.37
C CYS A 31 -3.34 6.61 9.56
N LYS A 32 -4.58 6.20 9.79
CA LYS A 32 -5.71 6.79 9.09
C LYS A 32 -5.50 8.30 8.97
N GLY A 33 -5.96 8.84 7.85
CA GLY A 33 -5.83 10.26 7.60
C GLY A 33 -4.56 10.56 6.79
N ASP A 34 -3.62 9.63 6.87
CA ASP A 34 -2.36 9.78 6.15
C ASP A 34 -2.59 9.53 4.66
N VAL A 35 -1.83 10.23 3.84
CA VAL A 35 -1.94 10.08 2.40
C VAL A 35 -0.69 9.39 1.86
N LEU A 36 -0.93 8.42 0.98
CA LEU A 36 0.16 7.67 0.38
C LEU A 36 -0.02 7.63 -1.14
N THR A 37 0.98 8.14 -1.84
CA THR A 37 0.95 8.16 -3.29
C THR A 37 1.52 6.87 -3.86
N ILE A 38 0.83 6.34 -4.85
CA ILE A 38 1.27 5.11 -5.50
C ILE A 38 2.60 5.36 -6.22
N VAL A 39 3.56 4.49 -5.95
CA VAL A 39 4.88 4.61 -6.56
C VAL A 39 5.01 3.56 -7.66
N ALA A 40 4.41 2.40 -7.41
CA ALA A 40 4.46 1.31 -8.37
C ALA A 40 3.47 0.23 -7.94
N VAL A 41 2.90 -0.44 -8.94
CA VAL A 41 1.94 -1.50 -8.68
C VAL A 41 2.66 -2.86 -8.75
N THR A 42 2.07 -3.83 -8.07
CA THR A 42 2.64 -5.17 -8.04
C THR A 42 1.66 -6.18 -8.64
N LYS A 43 2.14 -7.41 -8.79
CA LYS A 43 1.32 -8.47 -9.34
C LYS A 43 0.23 -8.86 -8.33
N ASP A 44 0.20 -8.11 -7.24
CA ASP A 44 -0.77 -8.37 -6.19
C ASP A 44 -2.04 -7.57 -6.47
N PRO A 45 -3.15 -8.00 -5.81
CA PRO A 45 -4.43 -7.34 -5.98
C PRO A 45 -4.46 -6.01 -5.22
N ASN A 46 -4.91 -6.09 -3.98
CA ASN A 46 -4.99 -4.90 -3.13
C ASN A 46 -3.64 -4.68 -2.44
N TRP A 47 -2.58 -4.87 -3.21
CA TRP A 47 -1.23 -4.69 -2.69
C TRP A 47 -0.46 -3.81 -3.67
N TYR A 48 -0.08 -2.64 -3.18
CA TYR A 48 0.67 -1.70 -4.01
C TYR A 48 1.71 -0.94 -3.16
N LYS A 49 2.77 -0.53 -3.83
CA LYS A 49 3.84 0.20 -3.17
C LYS A 49 3.62 1.71 -3.38
N ALA A 50 3.51 2.41 -2.27
CA ALA A 50 3.31 3.85 -2.31
C ALA A 50 4.31 4.52 -1.37
N LYS A 51 4.37 5.85 -1.49
CA LYS A 51 5.28 6.63 -0.67
C LYS A 51 4.47 7.63 0.18
N ASN A 52 5.08 8.06 1.27
CA ASN A 52 4.43 9.00 2.17
C ASN A 52 4.90 10.42 1.82
N LYS A 53 4.32 11.38 2.53
CA LYS A 53 4.67 12.78 2.31
C LYS A 53 6.07 13.05 2.83
N VAL A 54 6.59 12.07 3.57
CA VAL A 54 7.92 12.18 4.14
C VAL A 54 8.95 11.74 3.10
N GLY A 55 8.45 11.08 2.06
CA GLY A 55 9.32 10.59 1.00
C GLY A 55 9.64 9.12 1.19
N ARG A 56 9.05 8.54 2.23
CA ARG A 56 9.26 7.13 2.52
C ARG A 56 8.59 6.26 1.47
N GLU A 57 9.17 5.08 1.27
CA GLU A 57 8.65 4.15 0.28
C GLU A 57 8.36 2.80 0.94
N GLY A 58 7.19 2.25 0.62
CA GLY A 58 6.79 0.97 1.17
C GLY A 58 5.45 0.53 0.59
N ILE A 59 5.08 -0.71 0.90
CA ILE A 59 3.83 -1.27 0.42
C ILE A 59 2.77 -1.13 1.52
N ILE A 60 1.54 -0.93 1.08
CA ILE A 60 0.43 -0.79 2.00
C ILE A 60 -0.79 -1.54 1.48
N PRO A 61 -1.46 -2.29 2.40
CA PRO A 61 -2.63 -3.06 2.03
C PRO A 61 -3.84 -2.15 1.82
N ALA A 62 -4.33 -2.14 0.59
CA ALA A 62 -5.49 -1.33 0.24
C ALA A 62 -6.64 -1.67 1.18
N ASN A 63 -6.51 -2.82 1.83
CA ASN A 63 -7.54 -3.27 2.75
C ASN A 63 -7.70 -2.25 3.88
N TYR A 64 -6.73 -1.34 3.95
CA TYR A 64 -6.76 -0.30 4.97
C TYR A 64 -6.58 1.08 4.35
N VAL A 65 -6.46 1.09 3.03
CA VAL A 65 -6.29 2.34 2.31
C VAL A 65 -7.05 2.27 0.98
N GLN A 66 -7.58 3.42 0.58
CA GLN A 66 -8.33 3.49 -0.66
C GLN A 66 -7.60 4.38 -1.67
N LYS A 67 -7.86 4.12 -2.94
CA LYS A 67 -7.24 4.88 -4.01
C LYS A 67 -8.23 5.93 -4.53
N ARG A 68 -7.87 7.18 -4.32
CA ARG A 68 -8.72 8.28 -4.76
C ARG A 68 -9.13 8.09 -6.22
N GLU A 69 -8.27 7.40 -6.96
CA GLU A 69 -8.53 7.13 -8.36
C GLU A 69 -8.92 5.67 -8.56
N ILE B 8 -13.54 -12.40 14.06
CA ILE B 8 -12.34 -12.33 13.26
C ILE B 8 -12.61 -11.50 12.00
N PRO B 9 -11.94 -10.32 11.94
CA PRO B 9 -12.10 -9.43 10.80
C PRO B 9 -11.36 -9.96 9.57
N PRO B 10 -11.56 -9.25 8.43
CA PRO B 10 -10.92 -9.65 7.18
C PRO B 10 -9.42 -9.29 7.20
N PRO B 11 -8.57 -10.33 7.01
CA PRO B 11 -7.14 -10.13 6.99
C PRO B 11 -6.69 -9.49 5.68
N LEU B 12 -5.61 -8.72 5.77
CA LEU B 12 -5.06 -8.05 4.60
C LEU B 12 -4.94 -9.04 3.45
N PRO B 13 -4.53 -8.51 2.28
CA PRO B 13 -4.37 -9.35 1.09
C PRO B 13 -3.11 -10.20 1.19
N GLU B 14 -3.11 -11.29 0.43
CA GLU B 14 -1.98 -12.21 0.44
C GLU B 14 -0.70 -11.46 0.02
N ARG B 15 0.42 -11.98 0.50
CA ARG B 15 1.71 -11.38 0.20
C ARG B 15 2.37 -12.11 -0.97
N THR B 16 2.04 -11.65 -2.17
CA THR B 16 2.60 -12.25 -3.38
C THR B 16 4.07 -11.86 -3.53
N PRO B 17 4.89 -12.88 -3.91
CA PRO B 17 6.32 -12.67 -4.10
C PRO B 17 6.58 -11.91 -5.40
N GLU B 18 5.63 -12.01 -6.31
CA GLU B 18 5.75 -11.34 -7.60
C GLU B 18 5.84 -9.83 -7.41
N SER B 19 5.54 -9.40 -6.19
CA SER B 19 5.56 -7.99 -5.86
C SER B 19 6.96 -7.41 -6.15
N PHE B 20 7.95 -8.29 -6.12
CA PHE B 20 9.31 -7.89 -6.38
C PHE B 20 9.46 -7.36 -7.81
N ILE B 21 8.43 -7.57 -8.60
CA ILE B 21 8.43 -7.13 -9.98
C ILE B 21 7.36 -6.06 -10.17
N VAL B 22 7.75 -4.97 -10.81
CA VAL B 22 6.83 -3.87 -11.06
C VAL B 22 6.57 -3.77 -12.56
N VAL B 23 5.29 -3.84 -12.91
CA VAL B 23 4.88 -3.75 -14.31
C VAL B 23 5.17 -2.34 -14.83
N GLU B 24 6.05 -2.30 -15.83
CA GLU B 24 6.42 -1.03 -16.43
C GLU B 24 5.34 -0.56 -17.40
N GLU B 25 4.13 -0.46 -16.88
CA GLU B 25 2.99 -0.03 -17.68
C GLU B 25 3.11 -0.59 -19.11
N SER A 10 1.84 7.54 -12.98
CA SER A 10 1.45 7.51 -11.59
C SER A 10 0.95 8.88 -11.14
N GLY A 11 0.78 9.02 -9.84
CA GLY A 11 0.31 10.28 -9.28
C GLY A 11 -1.02 10.09 -8.54
N THR A 12 -1.34 8.82 -8.30
CA THR A 12 -2.58 8.49 -7.60
C THR A 12 -2.40 8.66 -6.08
N GLU A 13 -3.39 9.29 -5.48
CA GLU A 13 -3.36 9.53 -4.05
C GLU A 13 -4.22 8.50 -3.32
N CYS A 14 -3.61 7.83 -2.35
CA CYS A 14 -4.32 6.82 -1.59
C CYS A 14 -4.60 7.38 -0.19
N ILE A 15 -5.82 7.15 0.26
CA ILE A 15 -6.24 7.63 1.57
C ILE A 15 -6.31 6.45 2.55
N ALA A 16 -5.69 6.64 3.70
CA ALA A 16 -5.67 5.61 4.72
C ALA A 16 -7.00 5.62 5.47
N LYS A 17 -7.64 4.46 5.50
CA LYS A 17 -8.92 4.33 6.18
C LYS A 17 -8.73 3.54 7.47
N TYR A 18 -7.95 2.47 7.35
CA TYR A 18 -7.68 1.62 8.51
C TYR A 18 -6.20 1.69 8.90
N ASN A 19 -5.98 1.86 10.19
CA ASN A 19 -4.62 1.94 10.72
C ASN A 19 -3.98 0.55 10.70
N PHE A 20 -3.27 0.27 9.62
CA PHE A 20 -2.60 -1.02 9.47
C PHE A 20 -1.16 -0.94 9.96
N HIS A 21 -0.77 -1.96 10.71
CA HIS A 21 0.57 -2.03 11.25
C HIS A 21 1.50 -2.69 10.22
N GLY A 22 2.77 -2.77 10.60
CA GLY A 22 3.76 -3.37 9.72
C GLY A 22 3.51 -4.87 9.55
N THR A 23 3.41 -5.27 8.30
CA THR A 23 3.17 -6.67 7.98
C THR A 23 4.36 -7.26 7.21
N ALA A 24 5.21 -6.37 6.73
CA ALA A 24 6.38 -6.78 5.99
C ALA A 24 7.46 -5.71 6.09
N GLU A 25 8.71 -6.15 6.06
CA GLU A 25 9.83 -5.24 6.16
C GLU A 25 9.75 -4.18 5.05
N GLN A 26 9.13 -4.56 3.95
CA GLN A 26 8.97 -3.66 2.83
C GLN A 26 7.69 -2.84 2.97
N ASP A 27 6.78 -3.37 3.78
CA ASP A 27 5.50 -2.71 4.02
C ASP A 27 5.70 -1.58 5.02
N LEU A 28 5.08 -0.44 4.71
CA LEU A 28 5.17 0.71 5.58
C LEU A 28 3.79 1.06 6.13
N PRO A 29 3.70 1.06 7.49
CA PRO A 29 2.44 1.36 8.15
C PRO A 29 2.14 2.86 8.10
N PHE A 30 0.87 3.16 7.85
CA PHE A 30 0.44 4.55 7.76
C PHE A 30 -0.61 4.87 8.83
N CYS A 31 -1.03 6.12 8.85
CA CYS A 31 -2.02 6.56 9.82
C CYS A 31 -3.27 7.00 9.05
N LYS A 32 -4.38 6.34 9.37
CA LYS A 32 -5.65 6.64 8.72
C LYS A 32 -5.82 8.15 8.64
N GLY A 33 -6.32 8.60 7.49
CA GLY A 33 -6.53 10.02 7.28
C GLY A 33 -5.40 10.64 6.45
N ASP A 34 -4.23 10.02 6.55
CA ASP A 34 -3.07 10.49 5.81
C ASP A 34 -3.19 10.05 4.35
N VAL A 35 -2.65 10.88 3.47
CA VAL A 35 -2.69 10.59 2.05
C VAL A 35 -1.26 10.32 1.56
N LEU A 36 -1.15 9.31 0.70
CA LEU A 36 0.14 8.95 0.15
C LEU A 36 0.02 8.81 -1.37
N THR A 37 1.18 8.71 -2.01
CA THR A 37 1.22 8.59 -3.46
C THR A 37 1.72 7.19 -3.86
N ILE A 38 1.03 6.61 -4.84
CA ILE A 38 1.39 5.29 -5.31
C ILE A 38 2.67 5.38 -6.15
N VAL A 39 3.55 4.42 -5.93
CA VAL A 39 4.81 4.39 -6.65
C VAL A 39 4.75 3.30 -7.73
N ALA A 40 4.04 2.23 -7.40
CA ALA A 40 3.88 1.13 -8.32
C ALA A 40 2.92 0.09 -7.73
N VAL A 41 2.42 -0.77 -8.60
CA VAL A 41 1.49 -1.81 -8.17
C VAL A 41 2.23 -3.14 -8.10
N THR A 42 1.70 -4.03 -7.27
CA THR A 42 2.29 -5.34 -7.10
C THR A 42 1.53 -6.38 -7.93
N LYS A 43 2.10 -7.58 -7.96
CA LYS A 43 1.49 -8.67 -8.71
C LYS A 43 0.25 -9.18 -7.97
N ASP A 44 0.22 -8.88 -6.68
CA ASP A 44 -0.90 -9.29 -5.84
C ASP A 44 -1.96 -8.17 -5.82
N PRO A 45 -3.23 -8.59 -5.59
CA PRO A 45 -4.33 -7.65 -5.54
C PRO A 45 -4.32 -6.87 -4.23
N ASN A 46 -5.16 -5.84 -4.19
CA ASN A 46 -5.26 -5.01 -3.00
C ASN A 46 -3.86 -4.80 -2.41
N TRP A 47 -2.87 -4.84 -3.28
CA TRP A 47 -1.49 -4.67 -2.86
C TRP A 47 -0.82 -3.68 -3.83
N TYR A 48 -0.29 -2.61 -3.24
CA TYR A 48 0.37 -1.58 -4.03
C TYR A 48 1.44 -0.87 -3.21
N LYS A 49 2.55 -0.58 -3.86
CA LYS A 49 3.65 0.11 -3.19
C LYS A 49 3.51 1.62 -3.41
N ALA A 50 3.45 2.33 -2.29
CA ALA A 50 3.30 3.77 -2.34
C ALA A 50 4.31 4.41 -1.38
N LYS A 51 4.44 5.72 -1.47
CA LYS A 51 5.37 6.45 -0.63
C LYS A 51 4.59 7.51 0.18
N ASN A 52 5.17 7.90 1.30
CA ASN A 52 4.55 8.88 2.16
C ASN A 52 5.16 10.26 1.88
N LYS A 53 4.62 11.26 2.56
CA LYS A 53 5.11 12.61 2.41
C LYS A 53 6.51 12.74 3.01
N VAL A 54 6.91 11.68 3.70
CA VAL A 54 8.22 11.65 4.33
C VAL A 54 9.27 11.24 3.29
N GLY A 55 8.78 10.73 2.16
CA GLY A 55 9.65 10.30 1.09
C GLY A 55 9.94 8.80 1.18
N ARG A 56 9.43 8.20 2.25
CA ARG A 56 9.62 6.78 2.46
C ARG A 56 8.81 5.98 1.44
N GLU A 57 9.40 4.87 1.00
CA GLU A 57 8.74 4.00 0.04
C GLU A 57 8.48 2.62 0.64
N GLY A 58 7.22 2.21 0.60
CA GLY A 58 6.83 0.92 1.14
C GLY A 58 5.50 0.47 0.54
N ILE A 59 5.14 -0.77 0.86
CA ILE A 59 3.91 -1.35 0.36
C ILE A 59 2.81 -1.20 1.42
N ILE A 60 1.58 -1.08 0.95
CA ILE A 60 0.45 -0.92 1.84
C ILE A 60 -0.77 -1.63 1.24
N PRO A 61 -1.45 -2.44 2.10
CA PRO A 61 -2.63 -3.16 1.66
C PRO A 61 -3.83 -2.23 1.52
N ALA A 62 -4.39 -2.22 0.32
CA ALA A 62 -5.55 -1.37 0.05
C ALA A 62 -6.69 -1.75 0.99
N ASN A 63 -6.54 -2.91 1.61
CA ASN A 63 -7.55 -3.39 2.54
C ASN A 63 -7.64 -2.44 3.73
N TYR A 64 -6.66 -1.54 3.80
CA TYR A 64 -6.62 -0.57 4.87
C TYR A 64 -6.52 0.86 4.32
N VAL A 65 -6.43 0.94 3.01
CA VAL A 65 -6.33 2.23 2.33
C VAL A 65 -7.09 2.18 1.01
N GLN A 66 -7.70 3.30 0.66
CA GLN A 66 -8.46 3.40 -0.57
C GLN A 66 -7.74 4.31 -1.57
N LYS A 67 -7.98 4.04 -2.84
CA LYS A 67 -7.36 4.83 -3.90
C LYS A 67 -8.37 5.86 -4.41
N ARG A 68 -8.04 7.12 -4.18
CA ARG A 68 -8.90 8.21 -4.61
C ARG A 68 -9.33 8.01 -6.07
N GLU A 69 -8.46 7.35 -6.82
CA GLU A 69 -8.74 7.08 -8.22
C GLU A 69 -9.19 5.62 -8.41
N ILE B 8 -14.12 -10.88 14.00
CA ILE B 8 -12.77 -10.94 13.46
C ILE B 8 -12.84 -11.09 11.94
N PRO B 9 -12.38 -10.04 11.23
CA PRO B 9 -12.38 -10.04 9.78
C PRO B 9 -11.27 -10.94 9.23
N PRO B 10 -11.27 -11.09 7.88
CA PRO B 10 -10.27 -11.92 7.22
C PRO B 10 -8.92 -11.21 7.17
N PRO B 11 -7.84 -12.03 7.08
CA PRO B 11 -6.49 -11.49 7.02
C PRO B 11 -6.20 -10.91 5.63
N LEU B 12 -5.34 -9.90 5.64
CA LEU B 12 -4.97 -9.25 4.39
C LEU B 12 -4.59 -10.30 3.35
N PRO B 13 -4.32 -9.82 2.11
CA PRO B 13 -3.94 -10.72 1.03
C PRO B 13 -2.50 -11.20 1.19
N GLU B 14 -2.27 -12.42 0.71
CA GLU B 14 -0.94 -13.02 0.79
C GLU B 14 0.10 -12.08 0.18
N ARG B 15 1.14 -11.81 0.95
CA ARG B 15 2.20 -10.94 0.49
C ARG B 15 3.11 -11.68 -0.49
N THR B 16 2.63 -11.77 -1.73
CA THR B 16 3.39 -12.44 -2.78
C THR B 16 4.69 -11.70 -3.06
N PRO B 17 5.74 -12.49 -3.41
CA PRO B 17 7.04 -11.92 -3.71
C PRO B 17 7.04 -11.27 -5.09
N GLU B 18 5.98 -11.54 -5.84
CA GLU B 18 5.86 -10.98 -7.18
C GLU B 18 5.84 -9.45 -7.11
N SER B 19 5.66 -8.94 -5.90
CA SER B 19 5.62 -7.50 -5.70
C SER B 19 6.89 -6.86 -6.24
N PHE B 20 8.00 -7.59 -6.11
CA PHE B 20 9.27 -7.11 -6.59
C PHE B 20 9.20 -6.70 -8.06
N ILE B 21 8.16 -7.18 -8.73
CA ILE B 21 7.95 -6.88 -10.13
C ILE B 21 6.68 -6.05 -10.29
N VAL B 22 6.80 -4.95 -11.02
CA VAL B 22 5.67 -4.07 -11.26
C VAL B 22 5.03 -4.42 -12.60
N VAL B 23 3.74 -4.66 -12.56
CA VAL B 23 3.00 -5.01 -13.77
C VAL B 23 2.97 -3.80 -14.70
N GLU B 24 3.53 -3.99 -15.89
CA GLU B 24 3.58 -2.93 -16.88
C GLU B 24 2.22 -2.79 -17.58
N GLU B 25 1.19 -2.57 -16.77
CA GLU B 25 -0.15 -2.42 -17.29
C GLU B 25 -0.33 -3.26 -18.55
N SER A 10 1.48 8.04 -10.83
CA SER A 10 2.24 9.28 -10.79
C SER A 10 1.28 10.47 -10.61
N GLY A 11 0.54 10.43 -9.51
CA GLY A 11 -0.39 11.50 -9.21
C GLY A 11 -1.50 11.00 -8.27
N THR A 12 -1.91 9.76 -8.49
CA THR A 12 -2.95 9.15 -7.67
C THR A 12 -2.45 8.96 -6.23
N GLU A 13 -3.33 9.25 -5.30
CA GLU A 13 -3.00 9.11 -3.89
C GLU A 13 -4.06 8.28 -3.17
N CYS A 14 -3.59 7.42 -2.28
CA CYS A 14 -4.49 6.56 -1.51
C CYS A 14 -4.73 7.21 -0.15
N ILE A 15 -5.90 6.93 0.40
CA ILE A 15 -6.27 7.48 1.70
C ILE A 15 -6.43 6.33 2.70
N ALA A 16 -5.82 6.52 3.87
CA ALA A 16 -5.90 5.51 4.92
C ALA A 16 -7.24 5.62 5.63
N LYS A 17 -7.85 4.47 5.86
CA LYS A 17 -9.14 4.42 6.53
C LYS A 17 -9.01 3.58 7.81
N TYR A 18 -8.29 2.48 7.68
CA TYR A 18 -8.08 1.59 8.81
C TYR A 18 -6.68 1.77 9.41
N ASN A 19 -6.59 1.51 10.70
CA ASN A 19 -5.33 1.64 11.41
C ASN A 19 -4.58 0.32 11.35
N PHE A 20 -3.74 0.19 10.34
CA PHE A 20 -2.95 -1.02 10.16
C PHE A 20 -1.58 -0.89 10.83
N HIS A 21 -1.28 -1.88 11.66
CA HIS A 21 -0.01 -1.90 12.38
C HIS A 21 1.13 -2.09 11.38
N GLY A 22 1.11 -3.24 10.72
CA GLY A 22 2.14 -3.57 9.75
C GLY A 22 2.30 -5.08 9.61
N THR A 23 2.79 -5.49 8.45
CA THR A 23 3.00 -6.90 8.17
C THR A 23 4.48 -7.17 7.91
N ALA A 24 5.13 -6.22 7.26
CA ALA A 24 6.53 -6.35 6.93
C ALA A 24 7.17 -4.96 6.93
N GLU A 25 8.49 -4.95 7.12
CA GLU A 25 9.24 -3.71 7.14
C GLU A 25 9.26 -3.08 5.74
N GLN A 26 8.72 -3.82 4.79
CA GLN A 26 8.68 -3.35 3.42
C GLN A 26 7.42 -2.50 3.19
N ASP A 27 6.44 -2.71 4.06
CA ASP A 27 5.19 -1.98 3.96
C ASP A 27 5.38 -0.57 4.57
N LEU A 28 4.33 0.21 4.47
CA LEU A 28 4.36 1.57 4.99
C LEU A 28 3.18 1.78 5.95
N PRO A 29 3.48 1.66 7.27
CA PRO A 29 2.45 1.83 8.29
C PRO A 29 2.09 3.31 8.46
N PHE A 30 0.79 3.56 8.51
CA PHE A 30 0.30 4.92 8.67
C PHE A 30 -0.91 4.97 9.61
N CYS A 31 -1.49 6.15 9.71
CA CYS A 31 -2.66 6.33 10.56
C CYS A 31 -3.83 6.77 9.69
N LYS A 32 -4.97 6.14 9.93
CA LYS A 32 -6.18 6.45 9.17
C LYS A 32 -6.25 7.96 8.93
N GLY A 33 -6.38 8.32 7.67
CA GLY A 33 -6.46 9.73 7.30
C GLY A 33 -5.17 10.17 6.60
N ASP A 34 -4.19 9.30 6.62
CA ASP A 34 -2.91 9.60 6.00
C ASP A 34 -3.04 9.49 4.48
N VAL A 35 -2.24 10.27 3.78
CA VAL A 35 -2.26 10.26 2.33
C VAL A 35 -0.95 9.67 1.80
N LEU A 36 -1.08 8.83 0.78
CA LEU A 36 0.07 8.19 0.18
C LEU A 36 0.01 8.36 -1.33
N THR A 37 1.19 8.41 -1.94
CA THR A 37 1.28 8.57 -3.38
C THR A 37 1.72 7.26 -4.03
N ILE A 38 1.04 6.92 -5.12
CA ILE A 38 1.35 5.69 -5.84
C ILE A 38 2.75 5.82 -6.47
N VAL A 39 3.56 4.80 -6.22
CA VAL A 39 4.91 4.78 -6.75
C VAL A 39 5.03 3.65 -7.78
N ALA A 40 4.32 2.56 -7.51
CA ALA A 40 4.35 1.42 -8.39
C ALA A 40 3.36 0.37 -7.89
N VAL A 41 2.84 -0.41 -8.83
CA VAL A 41 1.87 -1.45 -8.49
C VAL A 41 2.61 -2.77 -8.33
N THR A 42 1.96 -3.69 -7.62
CA THR A 42 2.54 -5.01 -7.39
C THR A 42 1.76 -6.08 -8.14
N LYS A 43 2.35 -7.27 -8.21
CA LYS A 43 1.73 -8.38 -8.89
C LYS A 43 0.24 -8.44 -8.52
N ASP A 44 -0.02 -8.20 -7.23
CA ASP A 44 -1.38 -8.22 -6.74
C ASP A 44 -1.95 -6.81 -6.77
N PRO A 45 -3.31 -6.73 -6.88
CA PRO A 45 -3.99 -5.46 -6.92
C PRO A 45 -4.04 -4.81 -5.53
N ASN A 46 -5.01 -5.23 -4.75
CA ASN A 46 -5.16 -4.72 -3.40
C ASN A 46 -3.81 -4.25 -2.87
N TRP A 47 -2.79 -5.04 -3.17
CA TRP A 47 -1.44 -4.71 -2.74
C TRP A 47 -0.87 -3.67 -3.71
N TYR A 48 -0.46 -2.54 -3.13
CA TYR A 48 0.10 -1.46 -3.93
C TYR A 48 1.28 -0.81 -3.20
N LYS A 49 2.25 -0.37 -3.99
CA LYS A 49 3.43 0.29 -3.44
C LYS A 49 3.31 1.79 -3.64
N ALA A 50 3.38 2.52 -2.53
CA ALA A 50 3.29 3.96 -2.58
C ALA A 50 4.30 4.57 -1.60
N LYS A 51 4.44 5.88 -1.68
CA LYS A 51 5.38 6.59 -0.81
C LYS A 51 4.59 7.50 0.13
N ASN A 52 5.23 7.83 1.24
CA ASN A 52 4.61 8.69 2.23
C ASN A 52 5.10 10.13 2.05
N LYS A 53 4.56 11.02 2.86
CA LYS A 53 4.93 12.42 2.79
C LYS A 53 6.36 12.60 3.31
N VAL A 54 6.86 11.53 3.92
CA VAL A 54 8.20 11.56 4.47
C VAL A 54 9.22 11.24 3.37
N GLY A 55 8.69 10.73 2.27
CA GLY A 55 9.53 10.38 1.13
C GLY A 55 9.81 8.88 1.11
N ARG A 56 9.27 8.19 2.11
CA ARG A 56 9.47 6.75 2.21
C ARG A 56 8.71 6.03 1.10
N GLU A 57 9.24 4.87 0.71
CA GLU A 57 8.62 4.07 -0.33
C GLU A 57 8.49 2.63 0.12
N GLY A 58 7.26 2.13 0.05
CA GLY A 58 6.97 0.76 0.45
C GLY A 58 5.63 0.30 -0.11
N ILE A 59 5.13 -0.79 0.46
CA ILE A 59 3.86 -1.35 0.03
C ILE A 59 2.81 -1.12 1.13
N ILE A 60 1.56 -1.01 0.69
CA ILE A 60 0.46 -0.79 1.61
C ILE A 60 -0.78 -1.50 1.08
N PRO A 61 -1.42 -2.30 1.99
CA PRO A 61 -2.61 -3.04 1.64
C PRO A 61 -3.83 -2.11 1.57
N ALA A 62 -4.46 -2.11 0.40
CA ALA A 62 -5.63 -1.27 0.21
C ALA A 62 -6.72 -1.67 1.20
N ASN A 63 -6.51 -2.81 1.84
CA ASN A 63 -7.45 -3.31 2.82
C ASN A 63 -7.62 -2.28 3.93
N TYR A 64 -6.67 -1.35 3.98
CA TYR A 64 -6.71 -0.30 4.99
C TYR A 64 -6.61 1.08 4.35
N VAL A 65 -6.48 1.07 3.03
CA VAL A 65 -6.37 2.32 2.28
C VAL A 65 -7.09 2.17 0.94
N GLN A 66 -7.68 3.26 0.49
CA GLN A 66 -8.39 3.27 -0.77
C GLN A 66 -7.79 4.31 -1.72
N LYS A 67 -7.99 4.08 -3.01
CA LYS A 67 -7.48 4.98 -4.02
C LYS A 67 -8.43 6.17 -4.17
N ARG A 68 -7.95 7.33 -3.73
CA ARG A 68 -8.74 8.54 -3.81
C ARG A 68 -9.22 8.78 -5.24
N GLU A 69 -8.50 8.18 -6.18
CA GLU A 69 -8.83 8.32 -7.59
C GLU A 69 -10.08 7.50 -7.92
N ILE B 8 -12.05 -11.97 15.13
CA ILE B 8 -10.91 -11.88 14.23
C ILE B 8 -11.33 -11.19 12.93
N PRO B 9 -10.76 -9.99 12.71
CA PRO B 9 -11.08 -9.22 11.52
C PRO B 9 -10.39 -9.81 10.28
N PRO B 10 -10.72 -9.22 9.11
CA PRO B 10 -10.14 -9.69 7.86
C PRO B 10 -8.69 -9.21 7.71
N PRO B 11 -7.78 -10.21 7.61
CA PRO B 11 -6.35 -9.91 7.47
C PRO B 11 -6.04 -9.42 6.06
N LEU B 12 -5.02 -8.58 5.98
CA LEU B 12 -4.60 -8.02 4.70
C LEU B 12 -4.48 -9.15 3.67
N PRO B 13 -4.21 -8.74 2.40
CA PRO B 13 -4.07 -9.72 1.33
C PRO B 13 -2.73 -10.45 1.42
N GLU B 14 -2.72 -11.67 0.92
CA GLU B 14 -1.51 -12.48 0.93
C GLU B 14 -0.34 -11.70 0.33
N ARG B 15 0.66 -11.47 1.18
CA ARG B 15 1.84 -10.73 0.74
C ARG B 15 2.67 -11.59 -0.22
N THR B 16 2.33 -11.49 -1.50
CA THR B 16 3.04 -12.25 -2.52
C THR B 16 4.47 -11.73 -2.67
N PRO B 17 5.39 -12.69 -2.95
CA PRO B 17 6.80 -12.34 -3.13
C PRO B 17 7.04 -11.66 -4.48
N GLU B 18 6.10 -11.89 -5.39
CA GLU B 18 6.18 -11.31 -6.72
C GLU B 18 6.14 -9.77 -6.63
N SER B 19 5.76 -9.29 -5.46
CA SER B 19 5.67 -7.86 -5.24
C SER B 19 7.03 -7.20 -5.52
N PHE B 20 8.09 -7.98 -5.33
CA PHE B 20 9.43 -7.49 -5.57
C PHE B 20 9.60 -7.05 -7.02
N ILE B 21 8.65 -7.44 -7.85
CA ILE B 21 8.69 -7.10 -9.26
C ILE B 21 7.50 -6.19 -9.59
N VAL B 22 7.80 -5.10 -10.28
CA VAL B 22 6.77 -4.16 -10.66
C VAL B 22 6.56 -4.22 -12.17
N VAL B 23 5.30 -4.29 -12.56
CA VAL B 23 4.95 -4.36 -13.97
C VAL B 23 5.25 -3.00 -14.63
N GLU B 24 6.16 -3.05 -15.59
CA GLU B 24 6.56 -1.84 -16.30
C GLU B 24 5.50 -1.50 -17.36
N GLU B 25 4.27 -1.36 -16.90
CA GLU B 25 3.17 -1.03 -17.79
C GLU B 25 3.35 -1.74 -19.15
N SER A 10 2.12 13.49 -9.69
CA SER A 10 2.59 12.23 -9.16
C SER A 10 1.83 11.08 -9.80
N GLY A 11 0.77 10.66 -9.12
CA GLY A 11 -0.06 9.57 -9.61
C GLY A 11 -1.42 9.56 -8.92
N THR A 12 -1.67 8.49 -8.17
CA THR A 12 -2.92 8.34 -7.46
C THR A 12 -2.72 8.61 -5.96
N GLU A 13 -3.67 9.33 -5.39
CA GLU A 13 -3.62 9.67 -3.98
C GLU A 13 -4.54 8.76 -3.18
N CYS A 14 -3.94 7.90 -2.36
CA CYS A 14 -4.70 6.98 -1.54
C CYS A 14 -4.72 7.52 -0.11
N ILE A 15 -5.82 7.24 0.57
CA ILE A 15 -5.98 7.69 1.94
C ILE A 15 -6.07 6.47 2.87
N ALA A 16 -5.42 6.60 4.02
CA ALA A 16 -5.42 5.51 4.99
C ALA A 16 -6.73 5.53 5.77
N LYS A 17 -7.44 4.41 5.68
CA LYS A 17 -8.72 4.29 6.37
C LYS A 17 -8.50 3.56 7.69
N TYR A 18 -7.74 2.49 7.64
CA TYR A 18 -7.45 1.70 8.82
C TYR A 18 -5.98 1.87 9.25
N ASN A 19 -5.79 1.98 10.55
CA ASN A 19 -4.46 2.14 11.11
C ASN A 19 -3.71 0.81 11.04
N PHE A 20 -3.05 0.59 9.92
CA PHE A 20 -2.30 -0.64 9.72
C PHE A 20 -0.85 -0.48 10.20
N HIS A 21 -0.43 -1.44 11.00
CA HIS A 21 0.93 -1.42 11.54
C HIS A 21 1.84 -2.24 10.62
N GLY A 22 3.13 -1.88 10.65
CA GLY A 22 4.11 -2.57 9.83
C GLY A 22 3.86 -4.08 9.83
N THR A 23 3.73 -4.62 8.63
CA THR A 23 3.48 -6.05 8.47
C THR A 23 4.69 -6.73 7.83
N ALA A 24 5.44 -5.94 7.06
CA ALA A 24 6.63 -6.45 6.39
C ALA A 24 7.69 -5.35 6.34
N GLU A 25 8.94 -5.79 6.30
CA GLU A 25 10.06 -4.87 6.25
C GLU A 25 9.88 -3.89 5.08
N GLN A 26 9.30 -4.40 4.01
CA GLN A 26 9.08 -3.59 2.83
C GLN A 26 7.74 -2.83 2.94
N ASP A 27 6.89 -3.35 3.82
CA ASP A 27 5.58 -2.74 4.03
C ASP A 27 5.77 -1.27 4.39
N LEU A 28 4.66 -0.55 4.41
CA LEU A 28 4.68 0.87 4.73
C LEU A 28 3.58 1.18 5.73
N PRO A 29 3.98 1.28 7.03
CA PRO A 29 3.02 1.56 8.09
C PRO A 29 2.62 3.04 8.06
N PHE A 30 1.32 3.27 8.18
CA PHE A 30 0.79 4.62 8.18
C PHE A 30 -0.34 4.76 9.20
N CYS A 31 -0.88 5.97 9.27
CA CYS A 31 -1.95 6.27 10.20
C CYS A 31 -3.15 6.80 9.41
N LYS A 32 -4.31 6.23 9.70
CA LYS A 32 -5.53 6.63 9.01
C LYS A 32 -5.58 8.16 8.93
N GLY A 33 -6.12 8.64 7.81
CA GLY A 33 -6.23 10.08 7.60
C GLY A 33 -5.04 10.60 6.81
N ASP A 34 -3.96 9.84 6.85
CA ASP A 34 -2.74 10.21 6.14
C ASP A 34 -2.94 9.95 4.64
N VAL A 35 -2.29 10.79 3.85
CA VAL A 35 -2.37 10.65 2.40
C VAL A 35 -1.04 10.13 1.86
N LEU A 36 -1.13 9.20 0.93
CA LEU A 36 0.05 8.62 0.32
C LEU A 36 -0.10 8.62 -1.19
N THR A 37 1.04 8.64 -1.88
CA THR A 37 1.03 8.64 -3.34
C THR A 37 1.59 7.31 -3.86
N ILE A 38 0.89 6.78 -4.84
CA ILE A 38 1.29 5.52 -5.45
C ILE A 38 2.61 5.72 -6.20
N VAL A 39 3.50 4.74 -6.04
CA VAL A 39 4.80 4.80 -6.69
C VAL A 39 4.89 3.69 -7.74
N ALA A 40 4.24 2.58 -7.44
CA ALA A 40 4.23 1.45 -8.36
C ALA A 40 3.31 0.35 -7.80
N VAL A 41 2.91 -0.54 -8.68
CA VAL A 41 2.04 -1.65 -8.30
C VAL A 41 2.87 -2.93 -8.16
N THR A 42 2.26 -3.93 -7.57
CA THR A 42 2.93 -5.20 -7.38
C THR A 42 2.16 -6.33 -8.09
N LYS A 43 2.81 -7.48 -8.18
CA LYS A 43 2.20 -8.63 -8.82
C LYS A 43 0.75 -8.76 -8.35
N ASP A 44 0.54 -8.45 -7.08
CA ASP A 44 -0.78 -8.54 -6.50
C ASP A 44 -1.47 -7.18 -6.62
N PRO A 45 -2.83 -7.25 -6.78
CA PRO A 45 -3.62 -6.02 -6.92
C PRO A 45 -3.77 -5.32 -5.57
N ASN A 46 -4.69 -5.84 -4.76
CA ASN A 46 -4.94 -5.27 -3.45
C ASN A 46 -3.63 -4.72 -2.87
N TRP A 47 -2.55 -5.42 -3.19
CA TRP A 47 -1.24 -5.00 -2.71
C TRP A 47 -0.69 -3.96 -3.68
N TYR A 48 -0.29 -2.83 -3.12
CA TYR A 48 0.25 -1.74 -3.92
C TYR A 48 1.40 -1.04 -3.19
N LYS A 49 2.39 -0.63 -3.97
CA LYS A 49 3.54 0.06 -3.41
C LYS A 49 3.39 1.56 -3.62
N ALA A 50 3.43 2.28 -2.52
CA ALA A 50 3.30 3.73 -2.56
C ALA A 50 4.29 4.36 -1.59
N LYS A 51 4.42 5.68 -1.69
CA LYS A 51 5.33 6.42 -0.82
C LYS A 51 4.53 7.34 0.09
N ASN A 52 5.12 7.67 1.22
CA ASN A 52 4.48 8.54 2.18
C ASN A 52 4.98 9.98 1.99
N LYS A 53 4.44 10.87 2.80
CA LYS A 53 4.82 12.27 2.72
C LYS A 53 6.27 12.43 3.20
N VAL A 54 6.78 11.37 3.79
CA VAL A 54 8.14 11.37 4.30
C VAL A 54 9.11 11.04 3.15
N GLY A 55 8.53 10.63 2.04
CA GLY A 55 9.33 10.28 0.87
C GLY A 55 9.71 8.80 0.89
N ARG A 56 9.31 8.14 1.97
CA ARG A 56 9.61 6.73 2.12
C ARG A 56 8.80 5.90 1.12
N GLU A 57 9.40 4.80 0.69
CA GLU A 57 8.75 3.91 -0.26
C GLU A 57 8.49 2.55 0.37
N GLY A 58 7.22 2.16 0.37
CA GLY A 58 6.84 0.88 0.94
C GLY A 58 5.52 0.38 0.33
N ILE A 59 5.18 -0.85 0.67
CA ILE A 59 3.96 -1.46 0.16
C ILE A 59 2.85 -1.32 1.21
N ILE A 60 1.63 -1.14 0.72
CA ILE A 60 0.49 -1.00 1.60
C ILE A 60 -0.74 -1.63 0.95
N PRO A 61 -1.45 -2.47 1.74
CA PRO A 61 -2.65 -3.13 1.24
C PRO A 61 -3.82 -2.16 1.16
N ALA A 62 -4.42 -2.11 -0.03
CA ALA A 62 -5.55 -1.23 -0.26
C ALA A 62 -6.66 -1.55 0.75
N ASN A 63 -6.52 -2.71 1.38
CA ASN A 63 -7.49 -3.15 2.37
C ASN A 63 -7.47 -2.20 3.57
N TYR A 64 -6.50 -1.29 3.55
CA TYR A 64 -6.35 -0.34 4.62
C TYR A 64 -6.28 1.09 4.07
N VAL A 65 -6.33 1.19 2.75
CA VAL A 65 -6.27 2.48 2.09
C VAL A 65 -7.17 2.46 0.86
N GLN A 66 -7.75 3.61 0.57
CA GLN A 66 -8.64 3.74 -0.57
C GLN A 66 -8.14 4.84 -1.52
N LYS A 67 -8.52 4.72 -2.78
CA LYS A 67 -8.13 5.69 -3.78
C LYS A 67 -9.10 6.87 -3.76
N ARG A 68 -8.59 8.01 -3.31
CA ARG A 68 -9.40 9.21 -3.24
C ARG A 68 -10.31 9.31 -4.46
N GLU A 69 -9.81 8.80 -5.57
CA GLU A 69 -10.57 8.83 -6.81
C GLU A 69 -11.74 7.85 -6.75
N ILE B 8 -12.60 -11.73 14.71
CA ILE B 8 -11.40 -11.70 13.88
C ILE B 8 -11.72 -10.99 12.56
N PRO B 9 -11.05 -9.83 12.35
CA PRO B 9 -11.26 -9.06 11.14
C PRO B 9 -10.55 -9.71 9.95
N PRO B 10 -10.78 -9.13 8.74
CA PRO B 10 -10.18 -9.65 7.52
C PRO B 10 -8.70 -9.26 7.46
N PRO B 11 -7.84 -10.31 7.30
CA PRO B 11 -6.41 -10.11 7.22
C PRO B 11 -6.01 -9.54 5.86
N LEU B 12 -4.94 -8.77 5.86
CA LEU B 12 -4.44 -8.16 4.63
C LEU B 12 -4.37 -9.22 3.53
N PRO B 13 -4.01 -8.77 2.31
CA PRO B 13 -3.89 -9.66 1.18
C PRO B 13 -2.62 -10.51 1.26
N GLU B 14 -2.66 -11.66 0.61
CA GLU B 14 -1.52 -12.56 0.62
C GLU B 14 -0.24 -11.81 0.26
N ARG B 15 0.78 -12.01 1.08
CA ARG B 15 2.05 -11.36 0.86
C ARG B 15 2.87 -12.12 -0.19
N THR B 16 2.67 -11.73 -1.44
CA THR B 16 3.37 -12.36 -2.54
C THR B 16 4.78 -11.76 -2.69
N PRO B 17 5.77 -12.65 -2.94
CA PRO B 17 7.15 -12.22 -3.11
C PRO B 17 7.35 -11.57 -4.47
N GLU B 18 6.46 -11.91 -5.39
CA GLU B 18 6.54 -11.37 -6.74
C GLU B 18 6.32 -9.86 -6.72
N SER B 19 5.88 -9.38 -5.56
CA SER B 19 5.62 -7.95 -5.40
C SER B 19 6.94 -7.17 -5.55
N PHE B 20 8.03 -7.84 -5.24
CA PHE B 20 9.34 -7.22 -5.33
C PHE B 20 9.63 -6.76 -6.77
N ILE B 21 8.79 -7.25 -7.68
CA ILE B 21 8.95 -6.90 -9.08
C ILE B 21 7.74 -6.07 -9.53
N VAL B 22 8.02 -4.96 -10.19
CA VAL B 22 6.98 -4.08 -10.68
C VAL B 22 6.83 -4.27 -12.19
N VAL B 23 5.58 -4.40 -12.61
CA VAL B 23 5.27 -4.59 -14.01
C VAL B 23 5.64 -3.31 -14.78
N GLU B 24 6.49 -3.49 -15.78
CA GLU B 24 6.94 -2.37 -16.60
C GLU B 24 5.85 -1.99 -17.62
N GLU B 25 4.66 -1.73 -17.09
CA GLU B 25 3.54 -1.36 -17.94
C GLU B 25 4.02 -0.54 -19.13
N SER A 10 4.20 10.03 -7.32
CA SER A 10 3.38 11.08 -7.87
C SER A 10 2.42 10.50 -8.91
N GLY A 11 1.24 10.12 -8.45
CA GLY A 11 0.24 9.55 -9.32
C GLY A 11 -1.15 9.57 -8.66
N THR A 12 -1.50 8.45 -8.07
CA THR A 12 -2.79 8.33 -7.40
C THR A 12 -2.63 8.54 -5.89
N GLU A 13 -3.58 9.25 -5.31
CA GLU A 13 -3.55 9.53 -3.88
C GLU A 13 -4.50 8.58 -3.14
N CYS A 14 -3.90 7.79 -2.26
CA CYS A 14 -4.67 6.83 -1.49
C CYS A 14 -4.95 7.44 -0.11
N ILE A 15 -6.16 7.20 0.38
CA ILE A 15 -6.57 7.72 1.67
C ILE A 15 -6.59 6.58 2.69
N ALA A 16 -6.03 6.85 3.86
CA ALA A 16 -5.98 5.87 4.92
C ALA A 16 -7.35 5.77 5.59
N LYS A 17 -7.87 4.55 5.63
CA LYS A 17 -9.17 4.31 6.25
C LYS A 17 -8.99 3.54 7.55
N TYR A 18 -8.12 2.54 7.48
CA TYR A 18 -7.84 1.70 8.65
C TYR A 18 -6.58 2.19 9.37
N ASN A 19 -6.20 1.43 10.39
CA ASN A 19 -5.02 1.76 11.17
C ASN A 19 -4.01 0.61 11.08
N PHE A 20 -3.39 0.50 9.91
CA PHE A 20 -2.41 -0.54 9.69
C PHE A 20 -1.04 -0.13 10.21
N HIS A 21 -0.57 -0.86 11.21
CA HIS A 21 0.73 -0.58 11.80
C HIS A 21 1.81 -1.35 11.06
N GLY A 22 1.68 -1.36 9.73
CA GLY A 22 2.64 -2.05 8.89
C GLY A 22 2.71 -3.54 9.24
N THR A 23 2.93 -4.35 8.21
CA THR A 23 3.01 -5.79 8.39
C THR A 23 4.45 -6.27 8.17
N ALA A 24 5.13 -5.59 7.26
CA ALA A 24 6.50 -5.95 6.94
C ALA A 24 7.30 -4.67 6.71
N GLU A 25 8.60 -4.77 6.96
CA GLU A 25 9.49 -3.64 6.78
C GLU A 25 9.42 -3.13 5.34
N GLN A 26 9.05 -4.02 4.44
CA GLN A 26 8.93 -3.69 3.04
C GLN A 26 7.64 -2.91 2.78
N ASP A 27 6.70 -3.07 3.70
CA ASP A 27 5.42 -2.40 3.59
C ASP A 27 5.58 -0.93 3.99
N LEU A 28 4.44 -0.25 4.11
CA LEU A 28 4.44 1.15 4.49
C LEU A 28 3.39 1.38 5.57
N PRO A 29 3.89 1.47 6.84
CA PRO A 29 3.00 1.70 7.97
C PRO A 29 2.51 3.15 8.01
N PHE A 30 1.21 3.29 8.14
CA PHE A 30 0.60 4.62 8.19
C PHE A 30 -0.55 4.65 9.21
N CYS A 31 -1.06 5.86 9.43
CA CYS A 31 -2.16 6.04 10.36
C CYS A 31 -3.38 6.52 9.58
N LYS A 32 -4.55 6.10 10.06
CA LYS A 32 -5.80 6.47 9.41
C LYS A 32 -5.80 7.98 9.16
N GLY A 33 -6.34 8.36 8.01
CA GLY A 33 -6.43 9.76 7.64
C GLY A 33 -5.17 10.19 6.86
N ASP A 34 -4.14 9.38 6.98
CA ASP A 34 -2.89 9.65 6.30
C ASP A 34 -3.07 9.44 4.80
N VAL A 35 -2.39 10.27 4.02
CA VAL A 35 -2.47 10.17 2.57
C VAL A 35 -1.13 9.68 2.02
N LEU A 36 -1.23 8.78 1.05
CA LEU A 36 -0.03 8.22 0.43
C LEU A 36 -0.16 8.31 -1.09
N THR A 37 0.99 8.28 -1.75
CA THR A 37 1.03 8.37 -3.19
C THR A 37 1.59 7.07 -3.80
N ILE A 38 0.87 6.55 -4.78
CA ILE A 38 1.29 5.33 -5.45
C ILE A 38 2.53 5.61 -6.29
N VAL A 39 3.52 4.73 -6.14
CA VAL A 39 4.75 4.87 -6.88
C VAL A 39 4.86 3.74 -7.91
N ALA A 40 4.29 2.60 -7.54
CA ALA A 40 4.31 1.44 -8.42
C ALA A 40 3.35 0.38 -7.89
N VAL A 41 2.89 -0.48 -8.79
CA VAL A 41 1.97 -1.53 -8.42
C VAL A 41 2.75 -2.84 -8.25
N THR A 42 2.14 -3.77 -7.53
CA THR A 42 2.76 -5.06 -7.28
C THR A 42 2.00 -6.16 -8.04
N LYS A 43 2.61 -7.34 -8.05
CA LYS A 43 2.01 -8.48 -8.73
C LYS A 43 0.53 -8.57 -8.35
N ASP A 44 0.26 -8.26 -7.09
CA ASP A 44 -1.11 -8.31 -6.60
C ASP A 44 -1.75 -6.93 -6.75
N PRO A 45 -3.10 -6.93 -6.88
CA PRO A 45 -3.85 -5.70 -7.05
C PRO A 45 -3.94 -4.94 -5.72
N ASN A 46 -4.89 -5.37 -4.89
CA ASN A 46 -5.10 -4.73 -3.60
C ASN A 46 -3.75 -4.26 -3.06
N TRP A 47 -2.72 -5.05 -3.34
CA TRP A 47 -1.39 -4.71 -2.87
C TRP A 47 -0.79 -3.68 -3.83
N TYR A 48 -0.47 -2.52 -3.29
CA TYR A 48 0.09 -1.44 -4.08
C TYR A 48 1.26 -0.78 -3.35
N LYS A 49 2.28 -0.42 -4.12
CA LYS A 49 3.46 0.22 -3.56
C LYS A 49 3.30 1.74 -3.67
N ALA A 50 3.36 2.40 -2.52
CA ALA A 50 3.23 3.84 -2.47
C ALA A 50 4.30 4.41 -1.53
N LYS A 51 4.40 5.73 -1.54
CA LYS A 51 5.38 6.41 -0.71
C LYS A 51 4.66 7.45 0.16
N ASN A 52 5.31 7.81 1.26
CA ASN A 52 4.75 8.78 2.18
C ASN A 52 5.33 10.17 1.86
N LYS A 53 4.85 11.15 2.61
CA LYS A 53 5.31 12.52 2.42
C LYS A 53 6.74 12.65 2.96
N VAL A 54 7.17 11.60 3.65
CA VAL A 54 8.51 11.58 4.22
C VAL A 54 9.50 11.12 3.15
N GLY A 55 8.95 10.59 2.08
CA GLY A 55 9.78 10.09 0.98
C GLY A 55 10.01 8.59 1.10
N ARG A 56 9.38 8.01 2.11
CA ARG A 56 9.51 6.58 2.34
C ARG A 56 8.80 5.79 1.25
N GLU A 57 9.41 4.68 0.86
CA GLU A 57 8.85 3.84 -0.18
C GLU A 57 8.55 2.45 0.38
N GLY A 58 7.28 2.07 0.31
CA GLY A 58 6.85 0.78 0.81
C GLY A 58 5.49 0.38 0.20
N ILE A 59 5.10 -0.86 0.47
CA ILE A 59 3.84 -1.37 -0.04
C ILE A 59 2.76 -1.20 1.04
N ILE A 60 1.56 -0.92 0.59
CA ILE A 60 0.44 -0.74 1.50
C ILE A 60 -0.79 -1.44 0.93
N PRO A 61 -1.43 -2.27 1.81
CA PRO A 61 -2.61 -3.01 1.42
C PRO A 61 -3.84 -2.09 1.34
N ALA A 62 -4.43 -2.04 0.15
CA ALA A 62 -5.60 -1.21 -0.07
C ALA A 62 -6.69 -1.59 0.94
N ASN A 63 -6.51 -2.75 1.55
CA ASN A 63 -7.47 -3.23 2.53
C ASN A 63 -7.48 -2.28 3.73
N TYR A 64 -6.52 -1.37 3.73
CA TYR A 64 -6.42 -0.39 4.80
C TYR A 64 -6.39 1.03 4.25
N VAL A 65 -6.36 1.12 2.93
CA VAL A 65 -6.33 2.41 2.26
C VAL A 65 -7.13 2.33 0.96
N GLN A 66 -7.77 3.44 0.63
CA GLN A 66 -8.58 3.51 -0.58
C GLN A 66 -7.91 4.43 -1.60
N LYS A 67 -8.27 4.22 -2.87
CA LYS A 67 -7.72 5.02 -3.94
C LYS A 67 -8.73 6.11 -4.33
N ARG A 68 -8.34 7.34 -4.08
CA ARG A 68 -9.20 8.47 -4.39
C ARG A 68 -9.23 8.72 -5.90
N GLU A 69 -8.19 8.23 -6.56
CA GLU A 69 -8.08 8.40 -8.01
C GLU A 69 -8.42 7.07 -8.71
N ILE B 8 -14.95 -8.60 13.01
CA ILE B 8 -13.60 -8.87 12.53
C ILE B 8 -13.59 -8.87 11.01
N PRO B 9 -12.88 -7.87 10.43
CA PRO B 9 -12.79 -7.76 8.98
C PRO B 9 -11.84 -8.80 8.41
N PRO B 10 -11.78 -8.86 7.05
CA PRO B 10 -10.92 -9.81 6.36
C PRO B 10 -9.45 -9.37 6.45
N PRO B 11 -8.55 -10.38 6.37
CA PRO B 11 -7.12 -10.12 6.43
C PRO B 11 -6.62 -9.52 5.12
N LEU B 12 -5.57 -8.72 5.24
CA LEU B 12 -4.99 -8.08 4.07
C LEU B 12 -4.76 -9.13 2.97
N PRO B 13 -4.30 -8.63 1.80
CA PRO B 13 -4.05 -9.51 0.67
C PRO B 13 -2.75 -10.31 0.87
N GLU B 14 -2.70 -11.45 0.21
CA GLU B 14 -1.53 -12.31 0.32
C GLU B 14 -0.25 -11.50 0.07
N ARG B 15 0.74 -11.74 0.91
CA ARG B 15 2.01 -11.05 0.79
C ARG B 15 2.93 -11.78 -0.18
N THR B 16 2.62 -11.65 -1.46
CA THR B 16 3.41 -12.29 -2.50
C THR B 16 4.76 -11.59 -2.64
N PRO B 17 5.81 -12.43 -2.86
CA PRO B 17 7.15 -11.91 -3.03
C PRO B 17 7.34 -11.27 -4.40
N GLU B 18 6.45 -11.64 -5.31
CA GLU B 18 6.50 -11.11 -6.66
C GLU B 18 6.24 -9.60 -6.65
N SER B 19 5.77 -9.13 -5.51
CA SER B 19 5.49 -7.71 -5.35
C SER B 19 6.76 -6.90 -5.55
N PHE B 20 7.89 -7.54 -5.29
CA PHE B 20 9.18 -6.88 -5.44
C PHE B 20 9.42 -6.45 -6.88
N ILE B 21 8.56 -6.96 -7.76
CA ILE B 21 8.67 -6.64 -9.17
C ILE B 21 7.45 -5.82 -9.60
N VAL B 22 7.72 -4.73 -10.30
CA VAL B 22 6.67 -3.85 -10.77
C VAL B 22 6.39 -4.13 -12.25
N VAL B 23 5.12 -4.35 -12.57
CA VAL B 23 4.73 -4.63 -13.93
C VAL B 23 4.96 -3.39 -14.79
N GLU B 24 5.63 -3.61 -15.91
CA GLU B 24 5.94 -2.52 -16.82
C GLU B 24 4.70 -2.18 -17.67
N GLU B 25 3.61 -1.88 -16.98
CA GLU B 25 2.37 -1.54 -17.65
C GLU B 25 2.66 -0.75 -18.93
N SER A 10 1.36 5.94 -9.93
CA SER A 10 2.21 7.08 -10.23
C SER A 10 1.36 8.31 -10.54
N GLY A 11 0.76 8.86 -9.49
CA GLY A 11 -0.07 10.04 -9.63
C GLY A 11 -1.39 9.87 -8.85
N THR A 12 -1.67 8.63 -8.50
CA THR A 12 -2.89 8.34 -7.76
C THR A 12 -2.65 8.52 -6.26
N GLU A 13 -3.62 9.15 -5.61
CA GLU A 13 -3.52 9.40 -4.18
C GLU A 13 -4.48 8.48 -3.42
N CYS A 14 -3.90 7.73 -2.48
CA CYS A 14 -4.69 6.81 -1.68
C CYS A 14 -4.79 7.37 -0.27
N ILE A 15 -5.97 7.20 0.32
CA ILE A 15 -6.23 7.69 1.66
C ILE A 15 -6.37 6.51 2.62
N ALA A 16 -5.61 6.55 3.70
CA ALA A 16 -5.65 5.49 4.69
C ALA A 16 -6.82 5.72 5.63
N LYS A 17 -7.63 4.68 5.81
CA LYS A 17 -8.78 4.76 6.68
C LYS A 17 -8.55 3.89 7.90
N TYR A 18 -7.90 2.76 7.67
CA TYR A 18 -7.60 1.83 8.75
C TYR A 18 -6.25 2.15 9.40
N ASN A 19 -6.06 1.60 10.59
CA ASN A 19 -4.82 1.82 11.33
C ASN A 19 -3.94 0.58 11.22
N PHE A 20 -3.25 0.48 10.09
CA PHE A 20 -2.36 -0.66 9.85
C PHE A 20 -0.91 -0.30 10.18
N HIS A 21 -0.37 -1.06 11.12
CA HIS A 21 1.01 -0.84 11.54
C HIS A 21 1.96 -1.67 10.67
N GLY A 22 1.62 -1.74 9.39
CA GLY A 22 2.41 -2.49 8.44
C GLY A 22 2.61 -3.94 8.90
N THR A 23 3.02 -4.78 7.98
CA THR A 23 3.24 -6.18 8.27
C THR A 23 4.71 -6.54 8.06
N ALA A 24 5.31 -5.91 7.06
CA ALA A 24 6.70 -6.16 6.75
C ALA A 24 7.42 -4.82 6.55
N GLU A 25 8.72 -4.85 6.81
CA GLU A 25 9.54 -3.65 6.67
C GLU A 25 9.45 -3.12 5.23
N GLN A 26 9.07 -4.01 4.33
CA GLN A 26 8.95 -3.64 2.93
C GLN A 26 7.67 -2.85 2.69
N ASP A 27 6.74 -3.01 3.62
CA ASP A 27 5.46 -2.32 3.52
C ASP A 27 5.64 -0.86 3.93
N LEU A 28 4.52 -0.17 4.08
CA LEU A 28 4.55 1.24 4.47
C LEU A 28 3.55 1.46 5.59
N PRO A 29 4.08 1.51 6.84
CA PRO A 29 3.24 1.72 8.01
C PRO A 29 2.80 3.18 8.11
N PHE A 30 1.49 3.36 8.30
CA PHE A 30 0.94 4.69 8.42
C PHE A 30 -0.14 4.74 9.50
N CYS A 31 -0.72 5.93 9.67
CA CYS A 31 -1.75 6.13 10.67
C CYS A 31 -3.03 6.56 9.94
N LYS A 32 -4.12 5.88 10.28
CA LYS A 32 -5.41 6.19 9.68
C LYS A 32 -5.54 7.71 9.52
N GLY A 33 -5.89 8.11 8.31
CA GLY A 33 -6.06 9.53 8.01
C GLY A 33 -4.86 10.07 7.21
N ASP A 34 -3.80 9.27 7.19
CA ASP A 34 -2.60 9.65 6.47
C ASP A 34 -2.83 9.49 4.96
N VAL A 35 -2.10 10.29 4.20
CA VAL A 35 -2.22 10.25 2.75
C VAL A 35 -0.92 9.71 2.16
N LEU A 36 -1.08 8.83 1.18
CA LEU A 36 0.07 8.22 0.52
C LEU A 36 -0.11 8.31 -1.00
N THR A 37 1.02 8.36 -1.69
CA THR A 37 1.00 8.45 -3.14
C THR A 37 1.57 7.18 -3.76
N ILE A 38 0.83 6.64 -4.73
CA ILE A 38 1.25 5.42 -5.39
C ILE A 38 2.50 5.71 -6.24
N VAL A 39 3.47 4.84 -6.11
CA VAL A 39 4.72 4.98 -6.84
C VAL A 39 4.81 3.88 -7.91
N ALA A 40 4.22 2.75 -7.59
CA ALA A 40 4.23 1.62 -8.51
C ALA A 40 3.29 0.53 -7.98
N VAL A 41 2.79 -0.28 -8.90
CA VAL A 41 1.89 -1.36 -8.54
C VAL A 41 2.68 -2.66 -8.42
N THR A 42 2.11 -3.60 -7.68
CA THR A 42 2.75 -4.89 -7.47
C THR A 42 2.01 -5.99 -8.22
N LYS A 43 2.65 -7.14 -8.32
CA LYS A 43 2.07 -8.26 -9.02
C LYS A 43 0.60 -8.42 -8.60
N ASP A 44 0.35 -8.12 -7.33
CA ASP A 44 -1.00 -8.22 -6.79
C ASP A 44 -1.69 -6.84 -6.92
N PRO A 45 -3.04 -6.90 -7.03
CA PRO A 45 -3.83 -5.68 -7.16
C PRO A 45 -3.93 -4.95 -5.81
N ASN A 46 -4.88 -5.41 -5.01
CA ASN A 46 -5.09 -4.83 -3.69
C ASN A 46 -3.76 -4.34 -3.13
N TRP A 47 -2.71 -5.10 -3.43
CA TRP A 47 -1.38 -4.76 -2.96
C TRP A 47 -0.79 -3.71 -3.92
N TYR A 48 -0.49 -2.55 -3.35
CA TYR A 48 0.07 -1.47 -4.13
C TYR A 48 1.25 -0.81 -3.40
N LYS A 49 2.23 -0.40 -4.18
CA LYS A 49 3.41 0.24 -3.62
C LYS A 49 3.26 1.76 -3.72
N ALA A 50 3.34 2.41 -2.57
CA ALA A 50 3.22 3.85 -2.52
C ALA A 50 4.26 4.42 -1.56
N LYS A 51 4.39 5.74 -1.59
CA LYS A 51 5.36 6.41 -0.73
C LYS A 51 4.61 7.37 0.21
N ASN A 52 5.27 7.69 1.31
CA ASN A 52 4.69 8.59 2.29
C ASN A 52 5.19 10.01 2.03
N LYS A 53 4.68 10.94 2.82
CA LYS A 53 5.06 12.34 2.69
C LYS A 53 6.50 12.53 3.17
N VAL A 54 7.01 11.48 3.81
CA VAL A 54 8.36 11.51 4.33
C VAL A 54 9.34 11.13 3.21
N GLY A 55 8.78 10.60 2.14
CA GLY A 55 9.59 10.20 1.00
C GLY A 55 9.89 8.70 1.05
N ARG A 56 9.36 8.05 2.08
CA ARG A 56 9.57 6.62 2.26
C ARG A 56 8.82 5.84 1.18
N GLU A 57 9.43 4.73 0.76
CA GLU A 57 8.83 3.89 -0.25
C GLU A 57 8.53 2.51 0.31
N GLY A 58 7.25 2.16 0.30
CA GLY A 58 6.82 0.87 0.81
C GLY A 58 5.46 0.48 0.21
N ILE A 59 5.10 -0.79 0.44
CA ILE A 59 3.85 -1.30 -0.07
C ILE A 59 2.78 -1.21 1.03
N ILE A 60 1.56 -0.97 0.59
CA ILE A 60 0.44 -0.86 1.52
C ILE A 60 -0.81 -1.46 0.88
N PRO A 61 -1.48 -2.35 1.66
CA PRO A 61 -2.69 -3.00 1.18
C PRO A 61 -3.88 -2.02 1.22
N ALA A 62 -4.55 -1.91 0.08
CA ALA A 62 -5.70 -1.04 -0.04
C ALA A 62 -6.74 -1.43 1.00
N ASN A 63 -6.58 -2.63 1.54
CA ASN A 63 -7.50 -3.14 2.55
C ASN A 63 -7.49 -2.20 3.76
N TYR A 64 -6.49 -1.34 3.79
CA TYR A 64 -6.35 -0.39 4.88
C TYR A 64 -6.37 1.05 4.37
N VAL A 65 -6.32 1.17 3.05
CA VAL A 65 -6.33 2.48 2.43
C VAL A 65 -7.11 2.41 1.11
N GLN A 66 -7.80 3.49 0.80
CA GLN A 66 -8.58 3.56 -0.42
C GLN A 66 -7.86 4.41 -1.46
N LYS A 67 -8.16 4.13 -2.73
CA LYS A 67 -7.55 4.85 -3.82
C LYS A 67 -8.58 5.80 -4.44
N ARG A 68 -8.28 7.09 -4.31
CA ARG A 68 -9.17 8.11 -4.85
C ARG A 68 -9.49 7.82 -6.31
N GLU A 69 -8.60 7.09 -6.95
CA GLU A 69 -8.77 6.73 -8.36
C GLU A 69 -9.18 5.26 -8.48
N ILE B 8 -13.39 -11.82 13.90
CA ILE B 8 -12.14 -11.58 13.22
C ILE B 8 -12.41 -10.90 11.87
N PRO B 9 -11.78 -9.71 11.69
CA PRO B 9 -11.95 -8.96 10.47
C PRO B 9 -11.16 -9.59 9.32
N PRO B 10 -11.36 -9.01 8.11
CA PRO B 10 -10.68 -9.51 6.92
C PRO B 10 -9.21 -9.10 6.91
N PRO B 11 -8.32 -10.12 6.87
CA PRO B 11 -6.89 -9.87 6.86
C PRO B 11 -6.43 -9.36 5.49
N LEU B 12 -5.38 -8.56 5.51
CA LEU B 12 -4.83 -8.01 4.28
C LEU B 12 -4.67 -9.12 3.25
N PRO B 13 -4.28 -8.71 2.01
CA PRO B 13 -4.09 -9.66 0.94
C PRO B 13 -2.78 -10.44 1.12
N GLU B 14 -2.77 -11.65 0.57
CA GLU B 14 -1.60 -12.51 0.67
C GLU B 14 -0.34 -11.74 0.25
N ARG B 15 0.60 -11.65 1.19
CA ARG B 15 1.85 -10.96 0.93
C ARG B 15 2.68 -11.72 -0.10
N THR B 16 2.45 -11.39 -1.36
CA THR B 16 3.18 -12.03 -2.45
C THR B 16 4.60 -11.49 -2.53
N PRO B 17 5.57 -12.43 -2.73
CA PRO B 17 6.97 -12.06 -2.84
C PRO B 17 7.27 -11.41 -4.18
N GLU B 18 6.45 -11.76 -5.17
CA GLU B 18 6.62 -11.22 -6.51
C GLU B 18 6.36 -9.72 -6.51
N SER B 19 5.84 -9.23 -5.39
CA SER B 19 5.54 -7.82 -5.25
C SER B 19 6.83 -7.00 -5.28
N PHE B 20 7.91 -7.64 -4.86
CA PHE B 20 9.21 -6.99 -4.84
C PHE B 20 9.62 -6.53 -6.25
N ILE B 21 8.90 -7.06 -7.23
CA ILE B 21 9.17 -6.70 -8.61
C ILE B 21 7.99 -5.94 -9.19
N VAL B 22 8.30 -4.82 -9.84
CA VAL B 22 7.26 -4.00 -10.43
C VAL B 22 7.24 -4.23 -11.95
N VAL B 23 6.04 -4.43 -12.46
CA VAL B 23 5.86 -4.66 -13.88
C VAL B 23 6.24 -3.39 -14.66
N GLU B 24 7.26 -3.53 -15.49
CA GLU B 24 7.73 -2.41 -16.29
C GLU B 24 6.81 -2.20 -17.49
N GLU B 25 5.53 -2.04 -17.21
CA GLU B 25 4.54 -1.84 -18.25
C GLU B 25 4.88 -2.68 -19.48
N SER A 10 4.52 11.62 -9.32
CA SER A 10 3.28 11.34 -8.61
C SER A 10 2.53 10.20 -9.31
N GLY A 11 1.40 9.83 -8.71
CA GLY A 11 0.58 8.77 -9.26
C GLY A 11 -0.86 8.89 -8.77
N THR A 12 -1.29 7.87 -8.03
CA THR A 12 -2.64 7.85 -7.49
C THR A 12 -2.63 8.21 -6.00
N GLU A 13 -3.62 9.01 -5.62
CA GLU A 13 -3.74 9.44 -4.24
C GLU A 13 -4.50 8.39 -3.42
N CYS A 14 -3.77 7.75 -2.51
CA CYS A 14 -4.37 6.73 -1.67
C CYS A 14 -4.75 7.38 -0.33
N ILE A 15 -5.88 6.94 0.20
CA ILE A 15 -6.37 7.47 1.46
C ILE A 15 -6.36 6.36 2.51
N ALA A 16 -5.79 6.66 3.66
CA ALA A 16 -5.70 5.70 4.74
C ALA A 16 -7.05 5.66 5.48
N LYS A 17 -7.47 4.43 5.78
CA LYS A 17 -8.74 4.24 6.47
C LYS A 17 -8.49 3.41 7.74
N TYR A 18 -7.65 2.40 7.59
CA TYR A 18 -7.33 1.53 8.72
C TYR A 18 -5.88 1.74 9.18
N ASN A 19 -5.65 1.42 10.44
CA ASN A 19 -4.33 1.57 11.01
C ASN A 19 -3.58 0.23 10.94
N PHE A 20 -3.01 -0.04 9.79
CA PHE A 20 -2.27 -1.27 9.57
C PHE A 20 -0.88 -1.19 10.21
N HIS A 21 -0.64 -2.09 11.16
CA HIS A 21 0.64 -2.13 11.84
C HIS A 21 1.75 -2.39 10.83
N GLY A 22 1.60 -3.48 10.09
CA GLY A 22 2.59 -3.85 9.09
C GLY A 22 2.73 -5.37 8.99
N THR A 23 3.21 -5.82 7.84
CA THR A 23 3.40 -7.23 7.61
C THR A 23 4.85 -7.52 7.19
N ALA A 24 5.40 -6.59 6.41
CA ALA A 24 6.76 -6.73 5.93
C ALA A 24 7.55 -5.48 6.29
N GLU A 25 8.87 -5.64 6.34
CA GLU A 25 9.74 -4.53 6.67
C GLU A 25 9.71 -3.48 5.55
N GLN A 26 9.33 -3.94 4.37
CA GLN A 26 9.25 -3.05 3.21
C GLN A 26 7.92 -2.30 3.21
N ASP A 27 7.01 -2.76 4.05
CA ASP A 27 5.70 -2.14 4.15
C ASP A 27 5.81 -0.85 4.95
N LEU A 28 4.93 0.08 4.64
CA LEU A 28 4.92 1.37 5.31
C LEU A 28 3.54 1.60 5.93
N PRO A 29 3.50 1.53 7.29
CA PRO A 29 2.25 1.73 8.01
C PRO A 29 1.87 3.21 8.04
N PHE A 30 0.56 3.46 8.04
CA PHE A 30 0.06 4.82 8.06
C PHE A 30 -1.15 4.94 9.00
N CYS A 31 -1.60 6.18 9.17
CA CYS A 31 -2.75 6.43 10.03
C CYS A 31 -3.89 6.95 9.16
N LYS A 32 -5.07 6.36 9.37
CA LYS A 32 -6.25 6.74 8.62
C LYS A 32 -6.30 8.26 8.49
N GLY A 33 -6.69 8.72 7.31
CA GLY A 33 -6.79 10.14 7.06
C GLY A 33 -5.55 10.65 6.33
N ASP A 34 -4.47 9.88 6.45
CA ASP A 34 -3.22 10.24 5.80
C ASP A 34 -3.31 9.97 4.30
N VAL A 35 -2.56 10.75 3.54
CA VAL A 35 -2.55 10.61 2.09
C VAL A 35 -1.19 10.06 1.65
N LEU A 36 -1.24 9.13 0.71
CA LEU A 36 -0.03 8.53 0.19
C LEU A 36 -0.07 8.55 -1.35
N THR A 37 1.11 8.57 -1.93
CA THR A 37 1.22 8.59 -3.39
C THR A 37 1.77 7.26 -3.89
N ILE A 38 1.03 6.66 -4.82
CA ILE A 38 1.42 5.39 -5.39
C ILE A 38 2.69 5.58 -6.23
N VAL A 39 3.63 4.67 -6.04
CA VAL A 39 4.88 4.74 -6.77
C VAL A 39 4.97 3.54 -7.73
N ALA A 40 4.32 2.46 -7.34
CA ALA A 40 4.32 1.26 -8.15
C ALA A 40 3.24 0.30 -7.64
N VAL A 41 2.83 -0.61 -8.51
CA VAL A 41 1.81 -1.58 -8.15
C VAL A 41 2.47 -2.95 -7.95
N THR A 42 1.71 -3.86 -7.37
CA THR A 42 2.20 -5.20 -7.12
C THR A 42 1.40 -6.22 -7.94
N LYS A 43 1.87 -7.46 -7.90
CA LYS A 43 1.22 -8.53 -8.63
C LYS A 43 -0.09 -8.91 -7.92
N ASP A 44 -0.23 -8.38 -6.71
CA ASP A 44 -1.43 -8.64 -5.92
C ASP A 44 -2.47 -7.56 -6.20
N PRO A 45 -3.72 -7.84 -5.75
CA PRO A 45 -4.82 -6.90 -5.95
C PRO A 45 -4.70 -5.72 -4.98
N ASN A 46 -5.16 -5.95 -3.76
CA ASN A 46 -5.12 -4.91 -2.74
C ASN A 46 -3.68 -4.78 -2.23
N TRP A 47 -2.76 -4.60 -3.16
CA TRP A 47 -1.36 -4.45 -2.81
C TRP A 47 -0.74 -3.42 -3.76
N TYR A 48 -0.24 -2.35 -3.16
CA TYR A 48 0.39 -1.30 -3.94
C TYR A 48 1.47 -0.58 -3.13
N LYS A 49 2.56 -0.27 -3.81
CA LYS A 49 3.67 0.41 -3.17
C LYS A 49 3.52 1.92 -3.37
N ALA A 50 3.48 2.64 -2.26
CA ALA A 50 3.33 4.08 -2.30
C ALA A 50 4.35 4.72 -1.34
N LYS A 51 4.48 6.03 -1.45
CA LYS A 51 5.41 6.77 -0.61
C LYS A 51 4.65 7.80 0.21
N ASN A 52 5.25 8.20 1.32
CA ASN A 52 4.63 9.19 2.19
C ASN A 52 5.27 10.56 1.95
N LYS A 53 4.78 11.54 2.68
CA LYS A 53 5.30 12.90 2.55
C LYS A 53 6.71 12.96 3.13
N VAL A 54 7.09 11.89 3.80
CA VAL A 54 8.40 11.81 4.41
C VAL A 54 9.43 11.37 3.36
N GLY A 55 8.91 10.90 2.24
CA GLY A 55 9.76 10.46 1.15
C GLY A 55 10.00 8.96 1.23
N ARG A 56 9.48 8.35 2.28
CA ARG A 56 9.62 6.92 2.48
C ARG A 56 8.80 6.15 1.46
N GLU A 57 9.32 5.00 1.05
CA GLU A 57 8.65 4.17 0.09
C GLU A 57 8.44 2.76 0.65
N GLY A 58 7.19 2.32 0.60
CA GLY A 58 6.84 1.00 1.12
C GLY A 58 5.52 0.52 0.52
N ILE A 59 5.18 -0.72 0.84
CA ILE A 59 3.95 -1.31 0.35
C ILE A 59 2.86 -1.16 1.42
N ILE A 60 1.62 -1.07 0.94
CA ILE A 60 0.48 -0.93 1.84
C ILE A 60 -0.71 -1.68 1.26
N PRO A 61 -1.37 -2.48 2.14
CA PRO A 61 -2.53 -3.25 1.73
C PRO A 61 -3.76 -2.35 1.58
N ALA A 62 -4.34 -2.41 0.38
CA ALA A 62 -5.52 -1.61 0.09
C ALA A 62 -6.61 -1.91 1.11
N ASN A 63 -6.44 -3.04 1.78
CA ASN A 63 -7.41 -3.46 2.79
C ASN A 63 -7.46 -2.41 3.91
N TYR A 64 -6.48 -1.52 3.88
CA TYR A 64 -6.41 -0.47 4.88
C TYR A 64 -6.31 0.91 4.22
N VAL A 65 -6.27 0.89 2.90
CA VAL A 65 -6.18 2.14 2.14
C VAL A 65 -6.98 1.99 0.84
N GLN A 66 -7.56 3.10 0.42
CA GLN A 66 -8.37 3.11 -0.79
C GLN A 66 -7.78 4.10 -1.80
N LYS A 67 -8.02 3.83 -3.07
CA LYS A 67 -7.54 4.69 -4.13
C LYS A 67 -8.63 5.71 -4.50
N ARG A 68 -8.34 6.97 -4.19
CA ARG A 68 -9.28 8.03 -4.48
C ARG A 68 -9.48 8.17 -5.99
N GLU A 69 -8.45 7.79 -6.72
CA GLU A 69 -8.50 7.87 -8.17
C GLU A 69 -9.03 6.56 -8.76
N ILE B 8 -12.75 -14.12 13.73
CA ILE B 8 -11.55 -13.48 13.21
C ILE B 8 -11.93 -12.55 12.06
N PRO B 9 -11.30 -11.34 12.07
CA PRO B 9 -11.57 -10.36 11.03
C PRO B 9 -10.88 -10.75 9.71
N PRO B 10 -11.18 -9.94 8.66
CA PRO B 10 -10.59 -10.19 7.35
C PRO B 10 -9.13 -9.77 7.31
N PRO B 11 -8.24 -10.79 7.13
CA PRO B 11 -6.81 -10.54 7.07
C PRO B 11 -6.42 -9.91 5.72
N LEU B 12 -5.36 -9.10 5.76
CA LEU B 12 -4.88 -8.44 4.57
C LEU B 12 -4.79 -9.46 3.43
N PRO B 13 -4.45 -8.95 2.22
CA PRO B 13 -4.32 -9.79 1.05
C PRO B 13 -3.02 -10.60 1.10
N GLU B 14 -3.06 -11.77 0.48
CA GLU B 14 -1.91 -12.65 0.44
C GLU B 14 -0.69 -11.90 -0.09
N ARG B 15 0.35 -11.87 0.72
CA ARG B 15 1.58 -11.19 0.34
C ARG B 15 2.36 -12.03 -0.66
N THR B 16 2.05 -11.82 -1.94
CA THR B 16 2.72 -12.56 -3.00
C THR B 16 4.11 -11.98 -3.25
N PRO B 17 5.05 -12.90 -3.64
CA PRO B 17 6.41 -12.50 -3.91
C PRO B 17 6.51 -11.77 -5.25
N GLU B 18 5.49 -11.95 -6.08
CA GLU B 18 5.46 -11.32 -7.38
C GLU B 18 5.44 -9.81 -7.23
N SER B 19 5.19 -9.36 -6.01
CA SER B 19 5.14 -7.94 -5.72
C SER B 19 6.47 -7.28 -6.13
N PHE B 20 7.53 -8.07 -6.03
CA PHE B 20 8.86 -7.57 -6.37
C PHE B 20 8.89 -7.06 -7.81
N ILE B 21 7.87 -7.44 -8.56
CA ILE B 21 7.78 -7.01 -9.96
C ILE B 21 6.58 -6.09 -10.12
N VAL B 22 6.82 -4.96 -10.78
CA VAL B 22 5.79 -3.98 -11.01
C VAL B 22 5.15 -4.23 -12.39
N VAL B 23 3.83 -4.22 -12.41
CA VAL B 23 3.10 -4.45 -13.64
C VAL B 23 3.13 -3.17 -14.49
N GLU B 24 3.52 -3.33 -15.74
CA GLU B 24 3.60 -2.19 -16.66
C GLU B 24 2.20 -1.84 -17.16
N GLU B 25 1.30 -1.58 -16.22
CA GLU B 25 -0.06 -1.21 -16.55
C GLU B 25 -0.08 -0.37 -17.83
N SER A 10 1.87 14.89 -8.52
CA SER A 10 2.26 13.55 -8.13
C SER A 10 1.55 12.53 -9.03
N GLY A 11 0.37 12.14 -8.60
CA GLY A 11 -0.42 11.16 -9.35
C GLY A 11 -1.68 10.78 -8.59
N THR A 12 -1.66 9.57 -8.04
CA THR A 12 -2.80 9.07 -7.29
C THR A 12 -2.50 9.11 -5.78
N GLU A 13 -3.45 9.65 -5.03
CA GLU A 13 -3.30 9.74 -3.60
C GLU A 13 -4.28 8.81 -2.89
N CYS A 14 -3.74 7.96 -2.03
CA CYS A 14 -4.55 7.01 -1.29
C CYS A 14 -4.70 7.52 0.14
N ILE A 15 -5.84 7.20 0.73
CA ILE A 15 -6.13 7.61 2.11
C ILE A 15 -6.16 6.38 3.00
N ALA A 16 -5.44 6.47 4.11
CA ALA A 16 -5.38 5.37 5.06
C ALA A 16 -6.62 5.41 5.95
N LYS A 17 -7.22 4.25 6.15
CA LYS A 17 -8.40 4.13 6.97
C LYS A 17 -8.17 3.09 8.06
N TYR A 18 -7.56 1.98 7.67
CA TYR A 18 -7.28 0.90 8.60
C TYR A 18 -5.92 1.11 9.27
N ASN A 19 -5.93 1.06 10.59
CA ASN A 19 -4.71 1.23 11.36
C ASN A 19 -3.88 -0.06 11.31
N PHE A 20 -2.79 0.01 10.57
CA PHE A 20 -1.91 -1.14 10.42
C PHE A 20 -0.52 -0.83 10.96
N HIS A 21 0.05 -1.82 11.65
CA HIS A 21 1.38 -1.66 12.23
C HIS A 21 2.41 -2.37 11.34
N GLY A 22 2.10 -2.41 10.05
CA GLY A 22 2.98 -3.07 9.10
C GLY A 22 3.07 -4.58 9.36
N THR A 23 3.10 -5.33 8.28
CA THR A 23 3.19 -6.78 8.38
C THR A 23 4.45 -7.29 7.68
N ALA A 24 4.83 -6.58 6.64
CA ALA A 24 6.02 -6.95 5.88
C ALA A 24 7.05 -5.82 5.97
N GLU A 25 8.31 -6.22 6.01
CA GLU A 25 9.41 -5.26 6.11
C GLU A 25 9.34 -4.27 4.94
N GLN A 26 8.77 -4.75 3.84
CA GLN A 26 8.64 -3.92 2.65
C GLN A 26 7.43 -3.01 2.77
N ASP A 27 6.51 -3.41 3.63
CA ASP A 27 5.29 -2.64 3.86
C ASP A 27 5.60 -1.45 4.76
N LEU A 28 4.80 -0.40 4.60
CA LEU A 28 4.99 0.81 5.39
C LEU A 28 3.70 1.10 6.17
N PRO A 29 3.83 1.06 7.52
CA PRO A 29 2.69 1.31 8.40
C PRO A 29 2.36 2.81 8.43
N PHE A 30 1.07 3.09 8.53
CA PHE A 30 0.61 4.46 8.57
C PHE A 30 -0.54 4.62 9.58
N CYS A 31 -0.94 5.88 9.77
CA CYS A 31 -2.02 6.18 10.70
C CYS A 31 -3.21 6.71 9.90
N LYS A 32 -4.36 6.10 10.14
CA LYS A 32 -5.57 6.51 9.45
C LYS A 32 -5.58 8.02 9.29
N GLY A 33 -5.75 8.46 8.05
CA GLY A 33 -5.79 9.88 7.75
C GLY A 33 -4.55 10.29 6.94
N ASP A 34 -3.57 9.40 6.93
CA ASP A 34 -2.33 9.66 6.20
C ASP A 34 -2.59 9.47 4.70
N VAL A 35 -1.80 10.20 3.91
CA VAL A 35 -1.93 10.12 2.47
C VAL A 35 -0.67 9.47 1.88
N LEU A 36 -0.89 8.58 0.94
CA LEU A 36 0.21 7.88 0.30
C LEU A 36 0.03 7.93 -1.23
N THR A 37 1.10 8.31 -1.90
CA THR A 37 1.08 8.42 -3.35
C THR A 37 1.58 7.12 -3.98
N ILE A 38 0.81 6.64 -4.95
CA ILE A 38 1.16 5.40 -5.64
C ILE A 38 2.41 5.65 -6.50
N VAL A 39 3.37 4.76 -6.36
CA VAL A 39 4.61 4.86 -7.12
C VAL A 39 4.70 3.70 -8.11
N ALA A 40 4.16 2.56 -7.68
CA ALA A 40 4.18 1.37 -8.51
C ALA A 40 3.27 0.31 -7.88
N VAL A 41 2.86 -0.64 -8.71
CA VAL A 41 2.00 -1.73 -8.26
C VAL A 41 2.83 -3.00 -8.10
N THR A 42 2.30 -3.91 -7.29
CA THR A 42 2.97 -5.17 -7.05
C THR A 42 2.31 -6.29 -7.85
N LYS A 43 2.95 -7.46 -7.82
CA LYS A 43 2.42 -8.61 -8.53
C LYS A 43 0.92 -8.70 -8.31
N ASP A 44 0.51 -8.39 -7.09
CA ASP A 44 -0.90 -8.44 -6.73
C ASP A 44 -1.50 -7.05 -6.89
N PRO A 45 -2.85 -7.03 -7.11
CA PRO A 45 -3.57 -5.78 -7.28
C PRO A 45 -3.73 -5.06 -5.95
N ASN A 46 -4.73 -5.50 -5.20
CA ASN A 46 -5.02 -4.92 -3.90
C ASN A 46 -3.71 -4.41 -3.28
N TRP A 47 -2.65 -5.18 -3.50
CA TRP A 47 -1.35 -4.83 -2.97
C TRP A 47 -0.71 -3.81 -3.92
N TYR A 48 -0.42 -2.64 -3.37
CA TYR A 48 0.19 -1.58 -4.16
C TYR A 48 1.32 -0.89 -3.37
N LYS A 49 2.35 -0.51 -4.11
CA LYS A 49 3.50 0.15 -3.49
C LYS A 49 3.37 1.66 -3.69
N ALA A 50 3.36 2.38 -2.57
CA ALA A 50 3.25 3.82 -2.61
C ALA A 50 4.31 4.44 -1.71
N LYS A 51 4.45 5.75 -1.81
CA LYS A 51 5.43 6.47 -1.02
C LYS A 51 4.69 7.44 -0.07
N ASN A 52 5.37 7.77 1.01
CA ASN A 52 4.81 8.68 2.00
C ASN A 52 5.29 10.11 1.71
N LYS A 53 4.71 11.06 2.42
CA LYS A 53 5.07 12.45 2.26
C LYS A 53 6.49 12.67 2.79
N VAL A 54 6.99 11.67 3.49
CA VAL A 54 8.32 11.74 4.06
C VAL A 54 9.35 11.32 3.01
N GLY A 55 8.83 10.74 1.94
CA GLY A 55 9.69 10.28 0.85
C GLY A 55 10.05 8.81 1.01
N ARG A 56 9.32 8.15 1.89
CA ARG A 56 9.54 6.74 2.16
C ARG A 56 8.81 5.88 1.12
N GLU A 57 9.37 4.72 0.86
CA GLU A 57 8.78 3.80 -0.10
C GLU A 57 8.40 2.48 0.59
N GLY A 58 7.14 2.11 0.44
CA GLY A 58 6.64 0.89 1.04
C GLY A 58 5.32 0.46 0.40
N ILE A 59 4.95 -0.78 0.66
CA ILE A 59 3.71 -1.32 0.13
C ILE A 59 2.60 -1.18 1.17
N ILE A 60 1.37 -1.03 0.68
CA ILE A 60 0.23 -0.89 1.54
C ILE A 60 -0.98 -1.60 0.92
N PRO A 61 -1.72 -2.35 1.78
CA PRO A 61 -2.88 -3.08 1.33
C PRO A 61 -4.06 -2.14 1.08
N ALA A 62 -4.63 -2.25 -0.11
CA ALA A 62 -5.76 -1.41 -0.49
C ALA A 62 -6.94 -1.72 0.44
N ASN A 63 -6.91 -2.91 1.02
CA ASN A 63 -7.96 -3.32 1.92
C ASN A 63 -7.85 -2.54 3.23
N TYR A 64 -6.85 -1.68 3.28
CA TYR A 64 -6.62 -0.86 4.46
C TYR A 64 -6.68 0.63 4.12
N VAL A 65 -6.75 0.90 2.82
CA VAL A 65 -6.81 2.27 2.35
C VAL A 65 -7.72 2.35 1.13
N GLN A 66 -8.04 3.58 0.75
CA GLN A 66 -8.91 3.80 -0.40
C GLN A 66 -8.35 4.93 -1.27
N LYS A 67 -8.38 4.70 -2.57
CA LYS A 67 -7.88 5.69 -3.51
C LYS A 67 -8.79 6.91 -3.49
N ARG A 68 -8.23 8.01 -2.98
CA ARG A 68 -8.99 9.25 -2.89
C ARG A 68 -9.40 9.72 -4.28
N GLU A 69 -8.64 9.28 -5.28
CA GLU A 69 -8.91 9.65 -6.65
C GLU A 69 -9.91 8.67 -7.27
N ILE B 8 -14.36 -11.56 13.39
CA ILE B 8 -13.06 -11.24 12.83
C ILE B 8 -13.23 -10.76 11.39
N PRO B 9 -12.64 -9.57 11.09
CA PRO B 9 -12.72 -9.00 9.76
C PRO B 9 -11.80 -9.74 8.80
N PRO B 10 -11.90 -9.35 7.50
CA PRO B 10 -11.07 -9.96 6.46
C PRO B 10 -9.64 -9.45 6.54
N PRO B 11 -8.68 -10.43 6.53
CA PRO B 11 -7.27 -10.09 6.60
C PRO B 11 -6.77 -9.55 5.26
N LEU B 12 -5.76 -8.70 5.34
CA LEU B 12 -5.19 -8.11 4.15
C LEU B 12 -4.92 -9.20 3.11
N PRO B 13 -4.47 -8.76 1.91
CA PRO B 13 -4.20 -9.68 0.83
C PRO B 13 -2.88 -10.43 1.07
N GLU B 14 -2.78 -11.60 0.46
CA GLU B 14 -1.59 -12.43 0.62
C GLU B 14 -0.34 -11.60 0.31
N ARG B 15 0.69 -11.84 1.10
CA ARG B 15 1.95 -11.13 0.94
C ARG B 15 2.89 -11.92 0.02
N THR B 16 2.75 -11.67 -1.28
CA THR B 16 3.57 -12.34 -2.27
C THR B 16 4.94 -11.68 -2.36
N PRO B 17 5.98 -12.53 -2.56
CA PRO B 17 7.34 -12.04 -2.67
C PRO B 17 7.58 -11.40 -4.03
N GLU B 18 6.71 -11.73 -4.96
CA GLU B 18 6.81 -11.19 -6.31
C GLU B 18 6.64 -9.67 -6.29
N SER B 19 6.19 -9.17 -5.15
CA SER B 19 5.98 -7.74 -4.99
C SER B 19 7.28 -6.99 -5.25
N PHE B 20 8.39 -7.68 -4.98
CA PHE B 20 9.71 -7.09 -5.19
C PHE B 20 9.91 -6.69 -6.65
N ILE B 21 9.02 -7.18 -7.49
CA ILE B 21 9.10 -6.88 -8.92
C ILE B 21 7.88 -6.07 -9.33
N VAL B 22 8.13 -4.99 -10.05
CA VAL B 22 7.07 -4.12 -10.52
C VAL B 22 6.82 -4.38 -12.00
N VAL B 23 5.57 -4.69 -12.32
CA VAL B 23 5.18 -4.95 -13.69
C VAL B 23 5.31 -3.68 -14.52
N GLU B 24 6.02 -3.79 -15.63
CA GLU B 24 6.24 -2.66 -16.51
C GLU B 24 4.99 -2.41 -17.36
N GLU B 25 3.87 -2.22 -16.67
CA GLU B 25 2.61 -1.97 -17.34
C GLU B 25 2.83 -1.13 -18.60
N SER A 10 2.85 10.10 -12.07
CA SER A 10 1.66 9.30 -11.86
C SER A 10 1.64 8.76 -10.43
N GLY A 11 1.11 9.58 -9.53
CA GLY A 11 1.03 9.21 -8.13
C GLY A 11 -0.37 9.46 -7.58
N THR A 12 -1.20 8.41 -7.64
CA THR A 12 -2.56 8.51 -7.16
C THR A 12 -2.58 8.73 -5.64
N GLU A 13 -3.46 9.62 -5.21
CA GLU A 13 -3.59 9.94 -3.80
C GLU A 13 -4.42 8.87 -3.09
N CYS A 14 -3.77 8.15 -2.20
CA CYS A 14 -4.45 7.10 -1.45
C CYS A 14 -4.79 7.65 -0.06
N ILE A 15 -6.01 7.37 0.36
CA ILE A 15 -6.48 7.82 1.66
C ILE A 15 -6.55 6.63 2.62
N ALA A 16 -5.93 6.82 3.79
CA ALA A 16 -5.91 5.78 4.79
C ALA A 16 -7.23 5.80 5.58
N LYS A 17 -7.74 4.61 5.85
CA LYS A 17 -8.99 4.48 6.58
C LYS A 17 -8.77 3.57 7.79
N TYR A 18 -8.08 2.46 7.55
CA TYR A 18 -7.80 1.50 8.60
C TYR A 18 -6.31 1.49 8.95
N ASN A 19 -6.03 1.53 10.24
CA ASN A 19 -4.65 1.52 10.71
C ASN A 19 -4.12 0.09 10.68
N PHE A 20 -3.33 -0.20 9.66
CA PHE A 20 -2.75 -1.53 9.51
C PHE A 20 -1.26 -1.52 9.86
N HIS A 21 -0.90 -2.41 10.77
CA HIS A 21 0.49 -2.51 11.19
C HIS A 21 1.33 -3.11 10.07
N GLY A 22 2.64 -3.02 10.24
CA GLY A 22 3.57 -3.55 9.24
C GLY A 22 3.58 -5.08 9.26
N THR A 23 3.62 -5.66 8.06
CA THR A 23 3.63 -7.10 7.93
C THR A 23 4.93 -7.57 7.28
N ALA A 24 5.46 -6.71 6.41
CA ALA A 24 6.70 -7.02 5.72
C ALA A 24 7.67 -5.85 5.87
N GLU A 25 8.96 -6.18 5.85
CA GLU A 25 9.99 -5.16 5.97
C GLU A 25 9.80 -4.08 4.92
N GLN A 26 9.38 -4.51 3.74
CA GLN A 26 9.17 -3.59 2.64
C GLN A 26 7.85 -2.84 2.83
N ASP A 27 6.99 -3.42 3.65
CA ASP A 27 5.70 -2.82 3.92
C ASP A 27 5.86 -1.69 4.93
N LEU A 28 5.12 -0.62 4.71
CA LEU A 28 5.17 0.53 5.59
C LEU A 28 3.81 0.73 6.25
N PRO A 29 3.82 0.66 7.62
CA PRO A 29 2.59 0.83 8.38
C PRO A 29 2.18 2.31 8.43
N PHE A 30 0.88 2.53 8.28
CA PHE A 30 0.34 3.87 8.29
C PHE A 30 -0.94 3.94 9.12
N CYS A 31 -1.16 5.11 9.72
CA CYS A 31 -2.35 5.31 10.53
C CYS A 31 -3.42 5.98 9.67
N LYS A 32 -4.66 5.63 9.95
CA LYS A 32 -5.79 6.20 9.22
C LYS A 32 -5.60 7.71 9.10
N GLY A 33 -6.12 8.25 8.01
CA GLY A 33 -6.02 9.68 7.75
C GLY A 33 -4.77 10.00 6.93
N ASP A 34 -3.78 9.13 7.06
CA ASP A 34 -2.52 9.31 6.34
C ASP A 34 -2.77 9.09 4.84
N VAL A 35 -2.12 9.92 4.03
CA VAL A 35 -2.27 9.82 2.59
C VAL A 35 -0.94 9.36 2.00
N LEU A 36 -1.06 8.43 1.04
CA LEU A 36 0.13 7.89 0.38
C LEU A 36 -0.09 7.92 -1.13
N THR A 37 0.98 8.20 -1.84
CA THR A 37 0.93 8.25 -3.30
C THR A 37 1.42 6.94 -3.90
N ILE A 38 0.69 6.48 -4.90
CA ILE A 38 1.04 5.23 -5.58
C ILE A 38 2.39 5.41 -6.29
N VAL A 39 3.23 4.40 -6.14
CA VAL A 39 4.55 4.43 -6.75
C VAL A 39 4.64 3.31 -7.79
N ALA A 40 4.01 2.19 -7.46
CA ALA A 40 4.02 1.04 -8.34
C ALA A 40 3.04 -0.02 -7.81
N VAL A 41 2.65 -0.92 -8.70
CA VAL A 41 1.73 -1.98 -8.33
C VAL A 41 2.52 -3.28 -8.12
N THR A 42 1.82 -4.26 -7.55
CA THR A 42 2.44 -5.55 -7.29
C THR A 42 1.62 -6.67 -7.94
N LYS A 43 2.18 -7.87 -7.89
CA LYS A 43 1.53 -9.03 -8.47
C LYS A 43 0.38 -9.46 -7.56
N ASP A 44 0.41 -8.95 -6.34
CA ASP A 44 -0.61 -9.28 -5.36
C ASP A 44 -1.74 -8.24 -5.44
N PRO A 45 -2.96 -8.70 -5.08
CA PRO A 45 -4.13 -7.83 -5.10
C PRO A 45 -4.10 -6.85 -3.92
N ASN A 46 -4.90 -5.81 -4.04
CA ASN A 46 -4.99 -4.81 -2.99
C ASN A 46 -3.60 -4.58 -2.41
N TRP A 47 -2.60 -4.73 -3.26
CA TRP A 47 -1.22 -4.53 -2.85
C TRP A 47 -0.57 -3.53 -3.79
N TYR A 48 -0.09 -2.44 -3.22
CA TYR A 48 0.55 -1.40 -4.00
C TYR A 48 1.60 -0.66 -3.18
N LYS A 49 2.72 -0.36 -3.83
CA LYS A 49 3.81 0.34 -3.17
C LYS A 49 3.64 1.85 -3.39
N ALA A 50 3.55 2.57 -2.27
CA ALA A 50 3.39 4.01 -2.32
C ALA A 50 4.41 4.66 -1.40
N LYS A 51 4.51 5.98 -1.51
CA LYS A 51 5.43 6.73 -0.69
C LYS A 51 4.66 7.80 0.11
N ASN A 52 5.28 8.22 1.20
CA ASN A 52 4.66 9.23 2.06
C ASN A 52 5.24 10.60 1.71
N LYS A 53 4.70 11.61 2.38
CA LYS A 53 5.15 12.98 2.16
C LYS A 53 6.55 13.15 2.76
N VAL A 54 6.96 12.15 3.52
CA VAL A 54 8.28 12.18 4.14
C VAL A 54 9.32 11.68 3.16
N GLY A 55 8.83 11.08 2.08
CA GLY A 55 9.71 10.55 1.04
C GLY A 55 9.95 9.06 1.23
N ARG A 56 9.30 8.52 2.25
CA ARG A 56 9.41 7.09 2.54
C ARG A 56 8.71 6.27 1.46
N GLU A 57 9.24 5.07 1.24
CA GLU A 57 8.67 4.17 0.25
C GLU A 57 8.44 2.79 0.85
N GLY A 58 7.25 2.26 0.60
CA GLY A 58 6.89 0.95 1.10
C GLY A 58 5.56 0.47 0.50
N ILE A 59 5.22 -0.77 0.81
CA ILE A 59 3.98 -1.35 0.31
C ILE A 59 2.91 -1.25 1.39
N ILE A 60 1.67 -1.08 0.93
CA ILE A 60 0.54 -0.97 1.84
C ILE A 60 -0.69 -1.61 1.19
N PRO A 61 -1.41 -2.42 2.02
CA PRO A 61 -2.61 -3.10 1.54
C PRO A 61 -3.77 -2.12 1.42
N ALA A 62 -4.34 -2.05 0.23
CA ALA A 62 -5.46 -1.17 -0.03
C ALA A 62 -6.65 -1.60 0.84
N ASN A 63 -6.51 -2.77 1.43
CA ASN A 63 -7.55 -3.30 2.30
C ASN A 63 -7.75 -2.36 3.48
N TYR A 64 -6.82 -1.43 3.63
CA TYR A 64 -6.87 -0.47 4.72
C TYR A 64 -6.77 0.96 4.19
N VAL A 65 -6.63 1.07 2.87
CA VAL A 65 -6.51 2.36 2.24
C VAL A 65 -7.25 2.33 0.89
N GLN A 66 -7.83 3.47 0.55
CA GLN A 66 -8.56 3.59 -0.71
C GLN A 66 -7.86 4.57 -1.65
N LYS A 67 -8.10 4.38 -2.94
CA LYS A 67 -7.50 5.23 -3.94
C LYS A 67 -8.53 6.28 -4.40
N ARG A 68 -8.21 7.53 -4.14
CA ARG A 68 -9.09 8.62 -4.53
C ARG A 68 -9.13 8.76 -6.04
N GLU A 69 -8.05 8.33 -6.68
CA GLU A 69 -7.96 8.40 -8.13
C GLU A 69 -7.91 7.00 -8.72
N ILE B 8 -14.10 -9.98 13.98
CA ILE B 8 -12.82 -9.60 13.40
C ILE B 8 -12.91 -9.70 11.88
N PRO B 9 -12.32 -8.69 11.20
CA PRO B 9 -12.32 -8.66 9.75
C PRO B 9 -11.32 -9.67 9.18
N PRO B 10 -11.34 -9.80 7.82
CA PRO B 10 -10.45 -10.71 7.14
C PRO B 10 -9.01 -10.16 7.11
N PRO B 11 -8.05 -11.10 7.01
CA PRO B 11 -6.64 -10.72 6.96
C PRO B 11 -6.27 -10.15 5.59
N LEU B 12 -5.29 -9.26 5.61
CA LEU B 12 -4.84 -8.64 4.38
C LEU B 12 -4.62 -9.71 3.31
N PRO B 13 -4.28 -9.24 2.08
CA PRO B 13 -4.03 -10.15 0.98
C PRO B 13 -2.68 -10.84 1.12
N GLU B 14 -2.60 -12.05 0.57
CA GLU B 14 -1.37 -12.82 0.63
C GLU B 14 -0.20 -12.01 0.08
N ARG B 15 0.96 -12.21 0.68
CA ARG B 15 2.16 -11.50 0.26
C ARG B 15 2.95 -12.35 -0.72
N THR B 16 2.64 -12.18 -2.00
CA THR B 16 3.32 -12.93 -3.04
C THR B 16 4.73 -12.39 -3.26
N PRO B 17 5.65 -13.31 -3.63
CA PRO B 17 7.04 -12.94 -3.86
C PRO B 17 7.19 -12.21 -5.20
N GLU B 18 6.22 -12.41 -6.06
CA GLU B 18 6.23 -11.79 -7.38
C GLU B 18 6.13 -10.27 -7.23
N SER B 19 5.81 -9.84 -6.02
CA SER B 19 5.68 -8.42 -5.73
C SER B 19 7.00 -7.71 -6.03
N PHE B 20 8.08 -8.44 -5.86
CA PHE B 20 9.41 -7.90 -6.10
C PHE B 20 9.54 -7.35 -7.52
N ILE B 21 8.58 -7.76 -8.35
CA ILE B 21 8.57 -7.32 -9.74
C ILE B 21 7.38 -6.38 -9.96
N VAL B 22 7.68 -5.24 -10.58
CA VAL B 22 6.64 -4.25 -10.85
C VAL B 22 6.31 -4.29 -12.35
N VAL B 23 5.05 -4.56 -12.64
CA VAL B 23 4.59 -4.61 -14.01
C VAL B 23 4.67 -3.21 -14.63
N GLU B 24 5.29 -3.15 -15.79
CA GLU B 24 5.45 -1.88 -16.49
C GLU B 24 4.14 -1.51 -17.20
N GLU B 25 3.08 -1.44 -16.41
CA GLU B 25 1.76 -1.10 -16.95
C GLU B 25 1.91 -0.05 -18.05
N SER A 10 3.64 11.51 -7.33
CA SER A 10 3.77 10.17 -7.88
C SER A 10 2.68 9.91 -8.92
N GLY A 11 1.45 10.10 -8.49
CA GLY A 11 0.31 9.90 -9.38
C GLY A 11 -1.01 10.02 -8.60
N THR A 12 -1.57 8.87 -8.26
CA THR A 12 -2.82 8.84 -7.53
C THR A 12 -2.56 8.83 -6.03
N GLU A 13 -3.38 9.59 -5.31
CA GLU A 13 -3.25 9.68 -3.87
C GLU A 13 -4.26 8.76 -3.19
N CYS A 14 -3.73 7.93 -2.29
CA CYS A 14 -4.58 6.99 -1.56
C CYS A 14 -4.83 7.57 -0.17
N ILE A 15 -5.93 7.11 0.43
CA ILE A 15 -6.31 7.57 1.76
C ILE A 15 -6.34 6.37 2.71
N ALA A 16 -5.73 6.57 3.87
CA ALA A 16 -5.69 5.52 4.88
C ALA A 16 -7.04 5.45 5.59
N LYS A 17 -7.60 4.24 5.61
CA LYS A 17 -8.88 4.03 6.25
C LYS A 17 -8.67 3.18 7.51
N TYR A 18 -7.88 2.14 7.35
CA TYR A 18 -7.59 1.23 8.46
C TYR A 18 -6.17 1.45 8.99
N ASN A 19 -6.08 1.53 10.32
CA ASN A 19 -4.80 1.72 10.96
C ASN A 19 -3.98 0.43 10.90
N PHE A 20 -3.38 0.21 9.73
CA PHE A 20 -2.58 -0.98 9.53
C PHE A 20 -1.20 -0.83 10.18
N HIS A 21 -1.01 -1.59 11.26
CA HIS A 21 0.25 -1.54 11.98
C HIS A 21 1.39 -1.90 11.03
N GLY A 22 1.20 -2.97 10.28
CA GLY A 22 2.20 -3.42 9.34
C GLY A 22 2.32 -4.94 9.34
N THR A 23 2.67 -5.47 8.17
CA THR A 23 2.81 -6.91 8.02
C THR A 23 4.25 -7.26 7.64
N ALA A 24 4.87 -6.38 6.87
CA ALA A 24 6.23 -6.59 6.43
C ALA A 24 7.04 -5.30 6.65
N GLU A 25 8.29 -5.50 7.02
CA GLU A 25 9.18 -4.36 7.27
C GLU A 25 9.33 -3.52 6.00
N GLN A 26 8.90 -4.09 4.90
CA GLN A 26 8.98 -3.41 3.62
C GLN A 26 7.67 -2.66 3.32
N ASP A 27 6.65 -3.03 4.07
CA ASP A 27 5.34 -2.42 3.91
C ASP A 27 5.44 -0.92 4.23
N LEU A 28 4.28 -0.29 4.31
CA LEU A 28 4.22 1.12 4.62
C LEU A 28 3.14 1.38 5.67
N PRO A 29 3.59 1.49 6.94
CA PRO A 29 2.68 1.73 8.05
C PRO A 29 2.19 3.18 8.05
N PHE A 30 0.88 3.33 8.12
CA PHE A 30 0.28 4.65 8.13
C PHE A 30 -0.92 4.71 9.10
N CYS A 31 -1.50 5.89 9.20
CA CYS A 31 -2.64 6.09 10.09
C CYS A 31 -3.79 6.64 9.25
N LYS A 32 -4.97 6.09 9.51
CA LYS A 32 -6.17 6.52 8.80
C LYS A 32 -6.20 8.05 8.73
N GLY A 33 -6.58 8.54 7.57
CA GLY A 33 -6.66 9.99 7.36
C GLY A 33 -5.41 10.50 6.63
N ASP A 34 -4.35 9.72 6.71
CA ASP A 34 -3.10 10.08 6.07
C ASP A 34 -3.22 9.84 4.56
N VAL A 35 -2.52 10.67 3.81
CA VAL A 35 -2.54 10.57 2.36
C VAL A 35 -1.17 10.08 1.87
N LEU A 36 -1.21 9.15 0.93
CA LEU A 36 0.01 8.59 0.37
C LEU A 36 -0.08 8.61 -1.15
N THR A 37 1.09 8.59 -1.78
CA THR A 37 1.16 8.59 -3.24
C THR A 37 1.60 7.22 -3.75
N ILE A 38 0.82 6.71 -4.69
CA ILE A 38 1.12 5.40 -5.28
C ILE A 38 2.39 5.51 -6.12
N VAL A 39 3.23 4.49 -5.99
CA VAL A 39 4.48 4.46 -6.73
C VAL A 39 4.40 3.39 -7.82
N ALA A 40 3.71 2.30 -7.48
CA ALA A 40 3.54 1.21 -8.42
C ALA A 40 2.63 0.14 -7.80
N VAL A 41 2.10 -0.72 -8.65
CA VAL A 41 1.22 -1.78 -8.21
C VAL A 41 2.04 -3.06 -8.00
N THR A 42 1.45 -4.00 -7.28
CA THR A 42 2.10 -5.27 -7.02
C THR A 42 1.39 -6.40 -7.77
N LYS A 43 1.99 -7.58 -7.69
CA LYS A 43 1.44 -8.75 -8.35
C LYS A 43 0.04 -9.03 -7.80
N ASP A 44 -0.18 -8.55 -6.58
CA ASP A 44 -1.47 -8.75 -5.93
C ASP A 44 -2.37 -7.56 -6.24
N PRO A 45 -3.70 -7.81 -6.10
CA PRO A 45 -4.69 -6.76 -6.37
C PRO A 45 -4.72 -5.74 -5.23
N ASN A 46 -5.16 -6.21 -4.07
CA ASN A 46 -5.25 -5.34 -2.90
C ASN A 46 -3.84 -5.13 -2.33
N TRP A 47 -2.90 -4.90 -3.23
CA TRP A 47 -1.52 -4.67 -2.84
C TRP A 47 -0.91 -3.65 -3.79
N TYR A 48 -0.33 -2.62 -3.21
CA TYR A 48 0.29 -1.57 -4.01
C TYR A 48 1.41 -0.88 -3.22
N LYS A 49 2.50 -0.60 -3.92
CA LYS A 49 3.65 0.05 -3.29
C LYS A 49 3.52 1.56 -3.49
N ALA A 50 3.49 2.27 -2.37
CA ALA A 50 3.37 3.72 -2.39
C ALA A 50 4.41 4.32 -1.45
N LYS A 51 4.55 5.63 -1.54
CA LYS A 51 5.51 6.35 -0.71
C LYS A 51 4.77 7.42 0.10
N ASN A 52 5.38 7.81 1.20
CA ASN A 52 4.81 8.82 2.07
C ASN A 52 5.37 10.19 1.70
N LYS A 53 4.86 11.22 2.37
CA LYS A 53 5.30 12.57 2.11
C LYS A 53 6.71 12.76 2.69
N VAL A 54 7.12 11.78 3.48
CA VAL A 54 8.44 11.83 4.09
C VAL A 54 9.47 11.28 3.11
N GLY A 55 8.97 10.70 2.02
CA GLY A 55 9.83 10.13 1.00
C GLY A 55 10.03 8.63 1.22
N ARG A 56 9.28 8.11 2.18
CA ARG A 56 9.35 6.69 2.50
C ARG A 56 8.72 5.86 1.38
N GLU A 57 9.22 4.65 1.22
CA GLU A 57 8.70 3.76 0.19
C GLU A 57 8.45 2.36 0.78
N GLY A 58 7.22 1.90 0.59
CA GLY A 58 6.84 0.60 1.09
C GLY A 58 5.52 0.14 0.49
N ILE A 59 5.17 -1.11 0.75
CA ILE A 59 3.94 -1.68 0.23
C ILE A 59 2.84 -1.56 1.30
N ILE A 60 1.63 -1.34 0.82
CA ILE A 60 0.49 -1.20 1.72
C ILE A 60 -0.73 -1.90 1.11
N PRO A 61 -1.47 -2.62 1.98
CA PRO A 61 -2.65 -3.35 1.54
C PRO A 61 -3.82 -2.39 1.28
N ALA A 62 -4.36 -2.49 0.07
CA ALA A 62 -5.47 -1.64 -0.32
C ALA A 62 -6.64 -1.86 0.65
N ASN A 63 -6.59 -3.00 1.33
CA ASN A 63 -7.64 -3.34 2.29
C ASN A 63 -7.56 -2.39 3.48
N TYR A 64 -6.54 -1.55 3.46
CA TYR A 64 -6.35 -0.58 4.54
C TYR A 64 -6.20 0.83 3.99
N VAL A 65 -6.20 0.93 2.66
CA VAL A 65 -6.08 2.21 2.00
C VAL A 65 -6.93 2.22 0.73
N GLN A 66 -7.46 3.39 0.42
CA GLN A 66 -8.30 3.54 -0.76
C GLN A 66 -7.65 4.52 -1.75
N LYS A 67 -8.03 4.38 -3.00
CA LYS A 67 -7.51 5.24 -4.05
C LYS A 67 -8.53 6.34 -4.36
N ARG A 68 -8.13 7.57 -4.10
CA ARG A 68 -9.00 8.71 -4.36
C ARG A 68 -9.43 8.74 -5.82
N GLU A 69 -8.64 8.07 -6.65
CA GLU A 69 -8.92 8.01 -8.07
C GLU A 69 -9.37 6.60 -8.47
N ILE B 8 -13.57 -11.20 14.64
CA ILE B 8 -12.26 -11.16 14.00
C ILE B 8 -12.44 -11.29 12.49
N PRO B 9 -12.06 -10.19 11.78
CA PRO B 9 -12.18 -10.16 10.33
C PRO B 9 -11.07 -11.00 9.68
N PRO B 10 -11.17 -11.13 8.32
CA PRO B 10 -10.18 -11.90 7.58
C PRO B 10 -8.87 -11.13 7.44
N PRO B 11 -7.75 -11.90 7.44
CA PRO B 11 -6.43 -11.30 7.32
C PRO B 11 -6.17 -10.85 5.89
N LEU B 12 -5.36 -9.80 5.77
CA LEU B 12 -5.02 -9.26 4.46
C LEU B 12 -4.60 -10.41 3.54
N PRO B 13 -4.36 -10.04 2.25
CA PRO B 13 -3.95 -11.03 1.26
C PRO B 13 -2.49 -11.43 1.45
N GLU B 14 -2.20 -12.67 1.11
CA GLU B 14 -0.85 -13.20 1.23
C GLU B 14 0.14 -12.25 0.55
N ARG B 15 1.04 -11.71 1.37
CA ARG B 15 2.05 -10.79 0.87
C ARG B 15 3.03 -11.53 -0.04
N THR B 16 2.76 -11.47 -1.34
CA THR B 16 3.61 -12.13 -2.31
C THR B 16 4.87 -11.29 -2.58
N PRO B 17 5.99 -12.01 -2.82
CA PRO B 17 7.26 -11.36 -3.08
C PRO B 17 7.29 -10.76 -4.49
N GLU B 18 6.32 -11.17 -5.29
CA GLU B 18 6.22 -10.70 -6.66
C GLU B 18 6.02 -9.18 -6.68
N SER B 19 5.70 -8.65 -5.51
CA SER B 19 5.48 -7.22 -5.38
C SER B 19 6.71 -6.45 -5.87
N PHE B 20 7.87 -7.07 -5.70
CA PHE B 20 9.12 -6.46 -6.13
C PHE B 20 9.09 -6.13 -7.63
N ILE B 21 8.12 -6.72 -8.31
CA ILE B 21 7.97 -6.50 -9.74
C ILE B 21 6.66 -5.75 -10.00
N VAL B 22 6.75 -4.72 -10.81
CA VAL B 22 5.59 -3.92 -11.15
C VAL B 22 4.97 -4.44 -12.45
N VAL B 23 3.70 -4.78 -12.36
CA VAL B 23 2.99 -5.30 -13.53
C VAL B 23 2.86 -4.19 -14.57
N GLU B 24 3.47 -4.44 -15.73
CA GLU B 24 3.44 -3.48 -16.82
C GLU B 24 2.10 -3.56 -17.55
N GLU B 25 1.03 -3.39 -16.78
CA GLU B 25 -0.31 -3.43 -17.34
C GLU B 25 -0.39 -4.50 -18.43
N SER A 10 3.39 11.35 -7.59
CA SER A 10 3.50 10.39 -8.67
C SER A 10 2.31 10.51 -9.62
N GLY A 11 1.13 10.46 -9.04
CA GLY A 11 -0.10 10.56 -9.82
C GLY A 11 -1.33 10.25 -8.96
N THR A 12 -1.50 8.97 -8.68
CA THR A 12 -2.62 8.52 -7.87
C THR A 12 -2.29 8.66 -6.38
N GLU A 13 -3.29 9.11 -5.64
CA GLU A 13 -3.13 9.28 -4.20
C GLU A 13 -4.01 8.29 -3.44
N CYS A 14 -3.42 7.68 -2.41
CA CYS A 14 -4.14 6.72 -1.60
C CYS A 14 -4.43 7.36 -0.23
N ILE A 15 -5.63 7.12 0.26
CA ILE A 15 -6.04 7.66 1.55
C ILE A 15 -6.11 6.53 2.57
N ALA A 16 -5.46 6.74 3.70
CA ALA A 16 -5.45 5.75 4.76
C ALA A 16 -6.76 5.84 5.55
N LYS A 17 -7.33 4.68 5.84
CA LYS A 17 -8.56 4.61 6.59
C LYS A 17 -8.37 3.74 7.83
N TYR A 18 -7.68 2.62 7.62
CA TYR A 18 -7.42 1.70 8.71
C TYR A 18 -5.93 1.67 9.06
N ASN A 19 -5.67 1.85 10.35
CA ASN A 19 -4.29 1.85 10.83
C ASN A 19 -3.82 0.40 11.03
N PHE A 20 -3.09 -0.08 10.04
CA PHE A 20 -2.58 -1.44 10.08
C PHE A 20 -1.05 -1.45 10.16
N HIS A 21 -0.54 -2.02 11.24
CA HIS A 21 0.90 -2.10 11.43
C HIS A 21 1.54 -2.74 10.20
N GLY A 22 2.86 -2.85 10.26
CA GLY A 22 3.62 -3.44 9.17
C GLY A 22 3.66 -4.97 9.30
N THR A 23 3.65 -5.63 8.15
CA THR A 23 3.69 -7.08 8.12
C THR A 23 4.96 -7.56 7.42
N ALA A 24 5.37 -6.80 6.43
CA ALA A 24 6.57 -7.14 5.66
C ALA A 24 7.57 -5.99 5.78
N GLU A 25 8.85 -6.36 5.73
CA GLU A 25 9.91 -5.38 5.82
C GLU A 25 9.76 -4.32 4.72
N GLN A 26 9.20 -4.76 3.61
CA GLN A 26 9.00 -3.87 2.47
C GLN A 26 7.73 -3.03 2.68
N ASP A 27 6.85 -3.55 3.52
CA ASP A 27 5.61 -2.87 3.82
C ASP A 27 5.88 -1.74 4.83
N LEU A 28 5.08 -0.69 4.73
CA LEU A 28 5.21 0.44 5.62
C LEU A 28 3.86 0.74 6.26
N PRO A 29 3.86 0.77 7.62
CA PRO A 29 2.65 1.04 8.37
C PRO A 29 2.29 2.52 8.32
N PHE A 30 1.00 2.79 8.26
CA PHE A 30 0.51 4.16 8.21
C PHE A 30 -0.65 4.37 9.18
N CYS A 31 -0.98 5.63 9.41
CA CYS A 31 -2.06 5.98 10.30
C CYS A 31 -3.19 6.61 9.47
N LYS A 32 -4.38 6.05 9.66
CA LYS A 32 -5.55 6.54 8.94
C LYS A 32 -5.50 8.06 8.86
N GLY A 33 -5.98 8.59 7.75
CA GLY A 33 -6.00 10.02 7.54
C GLY A 33 -4.79 10.47 6.72
N ASP A 34 -3.73 9.68 6.81
CA ASP A 34 -2.51 9.97 6.08
C ASP A 34 -2.70 9.65 4.60
N VAL A 35 -2.26 10.57 3.76
CA VAL A 35 -2.38 10.39 2.32
C VAL A 35 -0.98 10.18 1.73
N LEU A 36 -0.90 9.22 0.82
CA LEU A 36 0.36 8.91 0.17
C LEU A 36 0.14 8.83 -1.34
N THR A 37 1.25 8.65 -2.06
CA THR A 37 1.19 8.55 -3.51
C THR A 37 1.67 7.19 -3.98
N ILE A 38 0.88 6.57 -4.84
CA ILE A 38 1.23 5.26 -5.37
C ILE A 38 2.46 5.38 -6.26
N VAL A 39 3.36 4.42 -6.11
CA VAL A 39 4.58 4.40 -6.91
C VAL A 39 4.48 3.32 -7.97
N ALA A 40 3.80 2.24 -7.61
CA ALA A 40 3.62 1.13 -8.54
C ALA A 40 2.69 0.10 -7.91
N VAL A 41 2.16 -0.78 -8.76
CA VAL A 41 1.26 -1.82 -8.29
C VAL A 41 2.01 -3.15 -8.23
N THR A 42 1.44 -4.09 -7.50
CA THR A 42 2.04 -5.40 -7.35
C THR A 42 1.27 -6.44 -8.17
N LYS A 43 1.83 -7.63 -8.22
CA LYS A 43 1.21 -8.72 -8.97
C LYS A 43 -0.13 -9.06 -8.33
N ASP A 44 -0.17 -8.96 -7.01
CA ASP A 44 -1.38 -9.25 -6.27
C ASP A 44 -2.16 -7.96 -6.04
N PRO A 45 -3.51 -8.11 -6.03
CA PRO A 45 -4.39 -6.97 -5.83
C PRO A 45 -4.39 -6.53 -4.36
N ASN A 46 -4.86 -5.31 -4.13
CA ASN A 46 -4.92 -4.77 -2.79
C ASN A 46 -3.49 -4.56 -2.26
N TRP A 47 -2.53 -4.84 -3.14
CA TRP A 47 -1.13 -4.70 -2.77
C TRP A 47 -0.48 -3.72 -3.76
N TYR A 48 -0.03 -2.59 -3.22
CA TYR A 48 0.60 -1.58 -4.04
C TYR A 48 1.69 -0.85 -3.25
N LYS A 49 2.77 -0.50 -3.95
CA LYS A 49 3.87 0.20 -3.34
C LYS A 49 3.68 1.70 -3.52
N ALA A 50 3.61 2.40 -2.39
CA ALA A 50 3.43 3.84 -2.42
C ALA A 50 4.43 4.49 -1.45
N LYS A 51 4.51 5.81 -1.54
CA LYS A 51 5.41 6.57 -0.68
C LYS A 51 4.61 7.56 0.15
N ASN A 52 5.15 7.92 1.30
CA ASN A 52 4.51 8.86 2.18
C ASN A 52 5.00 10.28 1.88
N LYS A 53 4.38 11.25 2.52
CA LYS A 53 4.76 12.64 2.33
C LYS A 53 6.11 12.90 3.00
N VAL A 54 6.53 11.93 3.80
CA VAL A 54 7.79 12.04 4.50
C VAL A 54 8.93 11.60 3.58
N GLY A 55 8.53 11.02 2.45
CA GLY A 55 9.51 10.54 1.48
C GLY A 55 9.84 9.07 1.72
N ARG A 56 8.93 8.39 2.40
CA ARG A 56 9.11 6.98 2.70
C ARG A 56 8.56 6.12 1.56
N GLU A 57 9.11 4.93 1.43
CA GLU A 57 8.68 4.01 0.40
C GLU A 57 8.40 2.62 1.00
N GLY A 58 7.21 2.12 0.69
CA GLY A 58 6.79 0.82 1.19
C GLY A 58 5.45 0.41 0.60
N ILE A 59 5.12 -0.86 0.79
CA ILE A 59 3.86 -1.39 0.29
C ILE A 59 2.80 -1.33 1.39
N ILE A 60 1.56 -1.17 0.96
CA ILE A 60 0.45 -1.09 1.90
C ILE A 60 -0.78 -1.75 1.28
N PRO A 61 -1.46 -2.58 2.10
CA PRO A 61 -2.66 -3.28 1.64
C PRO A 61 -3.85 -2.33 1.57
N ALA A 62 -4.41 -2.23 0.37
CA ALA A 62 -5.56 -1.37 0.15
C ALA A 62 -6.66 -1.71 1.16
N ASN A 63 -6.51 -2.88 1.78
CA ASN A 63 -7.48 -3.34 2.75
C ASN A 63 -7.58 -2.32 3.88
N TYR A 64 -6.59 -1.43 3.93
CA TYR A 64 -6.56 -0.41 4.96
C TYR A 64 -6.37 0.97 4.34
N VAL A 65 -6.28 0.99 3.01
CA VAL A 65 -6.10 2.24 2.29
C VAL A 65 -6.88 2.18 0.97
N GLN A 66 -7.39 3.34 0.58
CA GLN A 66 -8.16 3.43 -0.65
C GLN A 66 -7.44 4.33 -1.66
N LYS A 67 -7.75 4.11 -2.93
CA LYS A 67 -7.14 4.89 -3.99
C LYS A 67 -8.17 5.85 -4.57
N ARG A 68 -7.86 7.14 -4.46
CA ARG A 68 -8.75 8.16 -4.97
C ARG A 68 -8.95 8.01 -6.48
N GLU A 69 -7.93 7.48 -7.13
CA GLU A 69 -7.98 7.27 -8.56
C GLU A 69 -8.13 5.77 -8.87
N ILE B 8 -13.75 -10.24 14.53
CA ILE B 8 -12.44 -10.16 13.92
C ILE B 8 -12.58 -10.35 12.40
N PRO B 9 -12.11 -9.32 11.65
CA PRO B 9 -12.18 -9.36 10.20
C PRO B 9 -11.11 -10.30 9.63
N PRO B 10 -11.16 -10.50 8.29
CA PRO B 10 -10.21 -11.35 7.62
C PRO B 10 -8.85 -10.68 7.49
N PRO B 11 -7.79 -11.52 7.44
CA PRO B 11 -6.43 -11.02 7.31
C PRO B 11 -6.15 -10.53 5.89
N LEU B 12 -5.28 -9.53 5.80
CA LEU B 12 -4.92 -8.96 4.51
C LEU B 12 -4.60 -10.09 3.54
N PRO B 13 -4.33 -9.69 2.26
CA PRO B 13 -4.00 -10.66 1.23
C PRO B 13 -2.58 -11.18 1.39
N GLU B 14 -2.37 -12.39 0.92
CA GLU B 14 -1.05 -13.01 1.02
C GLU B 14 0.01 -12.10 0.39
N ARG B 15 1.12 -11.97 1.08
CA ARG B 15 2.21 -11.14 0.60
C ARG B 15 3.01 -11.88 -0.48
N THR B 16 2.48 -11.81 -1.70
CA THR B 16 3.13 -12.46 -2.82
C THR B 16 4.47 -11.79 -3.13
N PRO B 17 5.47 -12.65 -3.50
CA PRO B 17 6.79 -12.15 -3.81
C PRO B 17 6.81 -11.48 -5.20
N GLU B 18 5.75 -11.73 -5.94
CA GLU B 18 5.64 -11.17 -7.29
C GLU B 18 5.63 -9.64 -7.22
N SER B 19 5.45 -9.13 -6.00
CA SER B 19 5.42 -7.70 -5.80
C SER B 19 6.70 -7.07 -6.33
N PHE B 20 7.78 -7.84 -6.26
CA PHE B 20 9.07 -7.37 -6.73
C PHE B 20 9.01 -6.95 -8.21
N ILE B 21 7.94 -7.38 -8.86
CA ILE B 21 7.74 -7.05 -10.26
C ILE B 21 6.52 -6.13 -10.40
N VAL B 22 6.72 -5.07 -11.18
CA VAL B 22 5.65 -4.11 -11.40
C VAL B 22 5.03 -4.36 -12.78
N VAL B 23 3.75 -4.70 -12.76
CA VAL B 23 3.03 -4.97 -13.99
C VAL B 23 2.91 -3.68 -14.79
N GLU B 24 3.50 -3.69 -15.98
CA GLU B 24 3.47 -2.53 -16.86
C GLU B 24 2.11 -2.45 -17.57
N GLU B 25 1.05 -2.44 -16.77
CA GLU B 25 -0.29 -2.36 -17.32
C GLU B 25 -0.39 -3.19 -18.60
N SER A 10 0.90 8.31 -12.70
CA SER A 10 1.29 8.83 -11.39
C SER A 10 0.44 10.06 -11.05
N GLY A 11 0.21 10.23 -9.76
CA GLY A 11 -0.58 11.36 -9.29
C GLY A 11 -1.76 10.88 -8.44
N THR A 12 -1.80 9.58 -8.21
CA THR A 12 -2.87 8.98 -7.43
C THR A 12 -2.49 8.96 -5.94
N GLU A 13 -3.43 9.39 -5.12
CA GLU A 13 -3.21 9.43 -3.68
C GLU A 13 -4.27 8.59 -2.96
N CYS A 14 -3.79 7.65 -2.17
CA CYS A 14 -4.69 6.78 -1.42
C CYS A 14 -4.83 7.35 0.00
N ILE A 15 -6.01 7.14 0.56
CA ILE A 15 -6.29 7.62 1.91
C ILE A 15 -6.37 6.43 2.86
N ALA A 16 -5.68 6.56 3.98
CA ALA A 16 -5.67 5.51 4.98
C ALA A 16 -6.99 5.53 5.76
N LYS A 17 -7.66 4.40 5.76
CA LYS A 17 -8.93 4.28 6.45
C LYS A 17 -8.69 3.68 7.84
N TYR A 18 -7.84 2.66 7.88
CA TYR A 18 -7.52 2.00 9.12
C TYR A 18 -6.08 2.29 9.55
N ASN A 19 -5.82 2.06 10.83
CA ASN A 19 -4.49 2.29 11.36
C ASN A 19 -3.71 0.97 11.38
N PHE A 20 -3.11 0.66 10.24
CA PHE A 20 -2.33 -0.57 10.12
C PHE A 20 -0.96 -0.41 10.77
N HIS A 21 -0.61 -1.40 11.58
CA HIS A 21 0.67 -1.39 12.27
C HIS A 21 1.71 -2.10 11.41
N GLY A 22 1.48 -2.08 10.11
CA GLY A 22 2.39 -2.71 9.17
C GLY A 22 2.56 -4.21 9.48
N THR A 23 2.80 -4.97 8.43
CA THR A 23 2.97 -6.41 8.57
C THR A 23 4.34 -6.84 8.04
N ALA A 24 4.78 -6.15 6.99
CA ALA A 24 6.06 -6.45 6.39
C ALA A 24 6.94 -5.20 6.43
N GLU A 25 8.23 -5.43 6.63
CA GLU A 25 9.18 -4.33 6.70
C GLU A 25 9.18 -3.55 5.38
N GLN A 26 8.63 -4.17 4.35
CA GLN A 26 8.54 -3.55 3.05
C GLN A 26 7.30 -2.66 2.95
N ASP A 27 6.35 -2.94 3.83
CA ASP A 27 5.11 -2.19 3.85
C ASP A 27 5.35 -0.85 4.57
N LEU A 28 4.39 0.05 4.41
CA LEU A 28 4.49 1.35 5.03
C LEU A 28 3.35 1.51 6.04
N PRO A 29 3.72 1.43 7.34
CA PRO A 29 2.73 1.57 8.41
C PRO A 29 2.31 3.03 8.58
N PHE A 30 1.00 3.23 8.58
CA PHE A 30 0.44 4.57 8.74
C PHE A 30 -0.80 4.55 9.63
N CYS A 31 -1.35 5.73 9.84
CA CYS A 31 -2.54 5.86 10.67
C CYS A 31 -3.64 6.53 9.84
N LYS A 32 -4.86 6.09 10.07
CA LYS A 32 -6.00 6.63 9.35
C LYS A 32 -5.81 8.14 9.17
N GLY A 33 -6.14 8.60 7.97
CA GLY A 33 -6.01 10.01 7.65
C GLY A 33 -4.73 10.28 6.86
N ASP A 34 -3.82 9.32 6.92
CA ASP A 34 -2.56 9.44 6.20
C ASP A 34 -2.80 9.21 4.71
N VAL A 35 -2.14 10.03 3.91
CA VAL A 35 -2.27 9.93 2.46
C VAL A 35 -0.94 9.47 1.87
N LEU A 36 -1.04 8.57 0.90
CA LEU A 36 0.14 8.05 0.24
C LEU A 36 -0.03 8.16 -1.28
N THR A 37 1.10 8.31 -1.95
CA THR A 37 1.08 8.43 -3.41
C THR A 37 1.59 7.13 -4.05
N ILE A 38 0.83 6.64 -5.01
CA ILE A 38 1.19 5.43 -5.71
C ILE A 38 2.41 5.69 -6.59
N VAL A 39 3.37 4.78 -6.52
CA VAL A 39 4.58 4.91 -7.31
C VAL A 39 4.76 3.66 -8.18
N ALA A 40 4.37 2.53 -7.62
CA ALA A 40 4.47 1.26 -8.34
C ALA A 40 3.49 0.26 -7.74
N VAL A 41 3.13 -0.73 -8.54
CA VAL A 41 2.20 -1.76 -8.10
C VAL A 41 2.96 -3.06 -7.88
N THR A 42 2.27 -4.01 -7.27
CA THR A 42 2.86 -5.31 -6.99
C THR A 42 2.14 -6.41 -7.77
N LYS A 43 2.73 -7.59 -7.76
CA LYS A 43 2.15 -8.73 -8.46
C LYS A 43 0.66 -8.79 -8.16
N ASP A 44 0.31 -8.44 -6.93
CA ASP A 44 -1.08 -8.46 -6.51
C ASP A 44 -1.70 -7.08 -6.74
N PRO A 45 -3.05 -7.08 -6.91
CA PRO A 45 -3.77 -5.83 -7.14
C PRO A 45 -3.89 -5.02 -5.85
N ASN A 46 -4.88 -5.41 -5.05
CA ASN A 46 -5.11 -4.73 -3.78
C ASN A 46 -3.77 -4.26 -3.20
N TRP A 47 -2.74 -5.06 -3.44
CA TRP A 47 -1.42 -4.73 -2.95
C TRP A 47 -0.79 -3.71 -3.92
N TYR A 48 -0.45 -2.56 -3.35
CA TYR A 48 0.15 -1.51 -4.15
C TYR A 48 1.30 -0.83 -3.39
N LYS A 49 2.31 -0.43 -4.15
CA LYS A 49 3.48 0.22 -3.56
C LYS A 49 3.34 1.73 -3.74
N ALA A 50 3.38 2.44 -2.62
CA ALA A 50 3.28 3.89 -2.64
C ALA A 50 4.33 4.49 -1.71
N LYS A 51 4.47 5.80 -1.79
CA LYS A 51 5.43 6.50 -0.96
C LYS A 51 4.68 7.48 -0.03
N ASN A 52 5.35 7.83 1.06
CA ASN A 52 4.77 8.75 2.03
C ASN A 52 5.30 10.16 1.76
N LYS A 53 4.69 11.13 2.44
CA LYS A 53 5.08 12.51 2.29
C LYS A 53 6.43 12.72 2.96
N VAL A 54 6.85 11.73 3.73
CA VAL A 54 8.11 11.79 4.44
C VAL A 54 9.24 11.36 3.51
N GLY A 55 8.85 10.78 2.39
CA GLY A 55 9.80 10.31 1.40
C GLY A 55 10.03 8.81 1.51
N ARG A 56 9.14 8.16 2.24
CA ARG A 56 9.22 6.72 2.44
C ARG A 56 8.60 5.98 1.24
N GLU A 57 9.10 4.78 1.01
CA GLU A 57 8.63 3.97 -0.10
C GLU A 57 8.44 2.53 0.36
N GLY A 58 7.26 2.00 0.06
CA GLY A 58 6.93 0.63 0.43
C GLY A 58 5.59 0.20 -0.16
N ILE A 59 5.05 -0.88 0.38
CA ILE A 59 3.78 -1.40 -0.09
C ILE A 59 2.71 -1.14 0.97
N ILE A 60 1.48 -1.00 0.49
CA ILE A 60 0.36 -0.74 1.38
C ILE A 60 -0.88 -1.48 0.87
N PRO A 61 -1.52 -2.24 1.79
CA PRO A 61 -2.71 -3.00 1.44
C PRO A 61 -3.93 -2.08 1.30
N ALA A 62 -4.52 -2.12 0.11
CA ALA A 62 -5.69 -1.31 -0.16
C ALA A 62 -6.79 -1.63 0.86
N ASN A 63 -6.67 -2.79 1.47
CA ASN A 63 -7.63 -3.23 2.46
C ASN A 63 -7.55 -2.31 3.69
N TYR A 64 -6.55 -1.44 3.66
CA TYR A 64 -6.35 -0.51 4.76
C TYR A 64 -6.30 0.93 4.25
N VAL A 65 -6.34 1.06 2.94
CA VAL A 65 -6.30 2.38 2.31
C VAL A 65 -7.17 2.36 1.05
N GLN A 66 -7.73 3.53 0.75
CA GLN A 66 -8.58 3.66 -0.42
C GLN A 66 -7.95 4.61 -1.43
N LYS A 67 -8.41 4.50 -2.68
CA LYS A 67 -7.89 5.34 -3.74
C LYS A 67 -8.79 6.57 -3.90
N ARG A 68 -8.21 7.72 -3.60
CA ARG A 68 -8.95 8.97 -3.71
C ARG A 68 -9.65 9.06 -5.06
N GLU A 69 -9.03 8.47 -6.06
CA GLU A 69 -9.58 8.48 -7.41
C GLU A 69 -9.94 7.06 -7.84
N ILE B 8 -15.28 -7.84 13.00
CA ILE B 8 -13.90 -7.99 12.54
C ILE B 8 -13.88 -8.11 11.02
N PRO B 9 -13.16 -7.15 10.37
CA PRO B 9 -13.06 -7.15 8.92
C PRO B 9 -12.11 -8.24 8.43
N PRO B 10 -12.04 -8.39 7.09
CA PRO B 10 -11.17 -9.39 6.48
C PRO B 10 -9.71 -8.97 6.55
N PRO B 11 -8.82 -9.99 6.53
CA PRO B 11 -7.39 -9.74 6.57
C PRO B 11 -6.87 -9.21 5.23
N LEU B 12 -5.82 -8.40 5.31
CA LEU B 12 -5.22 -7.83 4.12
C LEU B 12 -5.00 -8.93 3.09
N PRO B 13 -4.53 -8.50 1.88
CA PRO B 13 -4.29 -9.44 0.80
C PRO B 13 -3.01 -10.24 1.06
N GLU B 14 -2.95 -11.42 0.45
CA GLU B 14 -1.80 -12.28 0.60
C GLU B 14 -0.52 -11.53 0.28
N ARG B 15 0.50 -11.76 1.09
CA ARG B 15 1.78 -11.10 0.91
C ARG B 15 2.67 -11.93 -0.04
N THR B 16 2.49 -11.69 -1.33
CA THR B 16 3.26 -12.40 -2.33
C THR B 16 4.64 -11.77 -2.49
N PRO B 17 5.66 -12.65 -2.74
CA PRO B 17 7.03 -12.20 -2.91
C PRO B 17 7.21 -11.54 -4.28
N GLU B 18 6.26 -11.80 -5.16
CA GLU B 18 6.31 -11.25 -6.51
C GLU B 18 6.26 -9.72 -6.45
N SER B 19 5.91 -9.22 -5.28
CA SER B 19 5.82 -7.77 -5.09
C SER B 19 7.17 -7.12 -5.39
N PHE B 20 8.23 -7.87 -5.13
CA PHE B 20 9.58 -7.38 -5.37
C PHE B 20 9.75 -6.94 -6.82
N ILE B 21 8.82 -7.39 -7.66
CA ILE B 21 8.85 -7.05 -9.07
C ILE B 21 7.66 -6.15 -9.40
N VAL B 22 7.97 -5.06 -10.10
CA VAL B 22 6.94 -4.10 -10.49
C VAL B 22 6.60 -4.29 -11.97
N VAL B 23 5.32 -4.49 -12.22
CA VAL B 23 4.86 -4.69 -13.59
C VAL B 23 5.05 -3.39 -14.37
N GLU B 24 5.87 -3.48 -15.41
CA GLU B 24 6.15 -2.32 -16.25
C GLU B 24 5.01 -2.09 -17.23
N GLU B 25 3.81 -1.97 -16.68
CA GLU B 25 2.63 -1.75 -17.49
C GLU B 25 2.72 -2.57 -18.79
N SER A 10 4.32 7.91 -8.47
CA SER A 10 3.65 9.11 -8.00
C SER A 10 2.58 9.54 -9.01
N GLY A 11 1.34 9.49 -8.55
CA GLY A 11 0.22 9.87 -9.40
C GLY A 11 -1.10 9.84 -8.61
N THR A 12 -1.54 8.62 -8.31
CA THR A 12 -2.77 8.44 -7.56
C THR A 12 -2.51 8.53 -6.06
N GLU A 13 -3.42 9.20 -5.37
CA GLU A 13 -3.31 9.36 -3.93
C GLU A 13 -4.31 8.47 -3.21
N CYS A 14 -3.81 7.73 -2.23
CA CYS A 14 -4.65 6.84 -1.44
C CYS A 14 -4.68 7.34 0.00
N ILE A 15 -5.79 7.04 0.67
CA ILE A 15 -5.95 7.46 2.05
C ILE A 15 -6.08 6.22 2.94
N ALA A 16 -5.36 6.27 4.06
CA ALA A 16 -5.38 5.15 5.00
C ALA A 16 -6.65 5.22 5.84
N LYS A 17 -7.39 4.12 5.82
CA LYS A 17 -8.63 4.03 6.57
C LYS A 17 -8.44 3.09 7.76
N TYR A 18 -7.79 1.97 7.48
CA TYR A 18 -7.54 0.97 8.51
C TYR A 18 -6.13 1.13 9.09
N ASN A 19 -6.07 1.16 10.41
CA ASN A 19 -4.79 1.30 11.11
C ASN A 19 -4.04 -0.03 11.04
N PHE A 20 -2.98 -0.03 10.25
CA PHE A 20 -2.17 -1.23 10.10
C PHE A 20 -0.80 -1.05 10.79
N HIS A 21 -0.46 -2.04 11.61
CA HIS A 21 0.80 -2.02 12.32
C HIS A 21 1.89 -2.71 11.50
N GLY A 22 1.71 -2.63 10.19
CA GLY A 22 2.66 -3.25 9.27
C GLY A 22 2.57 -4.77 9.33
N THR A 23 2.57 -5.38 8.14
CA THR A 23 2.48 -6.82 8.04
C THR A 23 3.77 -7.39 7.45
N ALA A 24 4.42 -6.59 6.63
CA ALA A 24 5.66 -7.00 6.00
C ALA A 24 6.73 -5.93 6.23
N GLU A 25 7.98 -6.37 6.26
CA GLU A 25 9.09 -5.46 6.46
C GLU A 25 9.14 -4.42 5.35
N GLN A 26 8.65 -4.82 4.18
CA GLN A 26 8.63 -3.93 3.04
C GLN A 26 7.42 -2.98 3.11
N ASP A 27 6.44 -3.38 3.91
CA ASP A 27 5.25 -2.59 4.08
C ASP A 27 5.55 -1.40 4.98
N LEU A 28 4.72 -0.37 4.86
CA LEU A 28 4.89 0.84 5.65
C LEU A 28 3.58 1.15 6.39
N PRO A 29 3.64 1.02 7.74
CA PRO A 29 2.47 1.29 8.56
C PRO A 29 2.21 2.79 8.69
N PHE A 30 0.93 3.14 8.72
CA PHE A 30 0.54 4.54 8.84
C PHE A 30 -0.63 4.70 9.79
N CYS A 31 -1.17 5.91 9.81
CA CYS A 31 -2.30 6.21 10.68
C CYS A 31 -3.45 6.72 9.80
N LYS A 32 -4.61 6.11 10.00
CA LYS A 32 -5.79 6.48 9.24
C LYS A 32 -5.82 8.01 9.07
N GLY A 33 -6.02 8.42 7.83
CA GLY A 33 -6.07 9.84 7.52
C GLY A 33 -4.83 10.27 6.73
N ASP A 34 -3.80 9.44 6.80
CA ASP A 34 -2.56 9.72 6.10
C ASP A 34 -2.74 9.44 4.62
N VAL A 35 -2.06 10.25 3.81
CA VAL A 35 -2.14 10.10 2.36
C VAL A 35 -0.79 9.59 1.84
N LEU A 36 -0.88 8.66 0.90
CA LEU A 36 0.32 8.08 0.31
C LEU A 36 0.19 8.09 -1.21
N THR A 37 1.30 8.37 -1.87
CA THR A 37 1.33 8.41 -3.32
C THR A 37 1.81 7.09 -3.90
N ILE A 38 1.01 6.54 -4.79
CA ILE A 38 1.34 5.27 -5.42
C ILE A 38 2.61 5.44 -6.26
N VAL A 39 3.50 4.46 -6.16
CA VAL A 39 4.74 4.49 -6.91
C VAL A 39 4.74 3.36 -7.94
N ALA A 40 4.12 2.25 -7.56
CA ALA A 40 4.04 1.09 -8.42
C ALA A 40 3.00 0.11 -7.88
N VAL A 41 2.56 -0.78 -8.75
CA VAL A 41 1.57 -1.77 -8.36
C VAL A 41 2.27 -3.12 -8.15
N THR A 42 1.66 -3.94 -7.30
CA THR A 42 2.21 -5.25 -7.00
C THR A 42 1.50 -6.32 -7.83
N LYS A 43 2.01 -7.54 -7.73
CA LYS A 43 1.43 -8.66 -8.46
C LYS A 43 0.06 -8.99 -7.87
N ASP A 44 -0.19 -8.45 -6.69
CA ASP A 44 -1.46 -8.68 -6.00
C ASP A 44 -2.44 -7.58 -6.38
N PRO A 45 -3.74 -7.83 -6.06
CA PRO A 45 -4.79 -6.87 -6.36
C PRO A 45 -4.73 -5.68 -5.39
N ASN A 46 -5.28 -5.91 -4.20
CA ASN A 46 -5.31 -4.87 -3.19
C ASN A 46 -3.92 -4.73 -2.58
N TRP A 47 -2.93 -4.60 -3.45
CA TRP A 47 -1.56 -4.45 -3.02
C TRP A 47 -0.86 -3.47 -3.96
N TYR A 48 -0.34 -2.41 -3.37
CA TYR A 48 0.35 -1.39 -4.14
C TYR A 48 1.42 -0.69 -3.30
N LYS A 49 2.56 -0.44 -3.94
CA LYS A 49 3.66 0.22 -3.26
C LYS A 49 3.54 1.72 -3.46
N ALA A 50 3.47 2.44 -2.33
CA ALA A 50 3.35 3.88 -2.37
C ALA A 50 4.41 4.49 -1.46
N LYS A 51 4.54 5.81 -1.54
CA LYS A 51 5.50 6.53 -0.73
C LYS A 51 4.78 7.56 0.13
N ASN A 52 5.43 7.94 1.22
CA ASN A 52 4.86 8.91 2.14
C ASN A 52 5.32 10.31 1.74
N LYS A 53 4.74 11.31 2.41
CA LYS A 53 5.07 12.68 2.13
C LYS A 53 6.49 12.98 2.65
N VAL A 54 7.00 12.05 3.44
CA VAL A 54 8.32 12.19 4.01
C VAL A 54 9.36 11.66 3.01
N GLY A 55 8.86 10.96 2.00
CA GLY A 55 9.73 10.39 0.98
C GLY A 55 10.00 8.91 1.24
N ARG A 56 9.21 8.35 2.13
CA ARG A 56 9.35 6.95 2.48
C ARG A 56 8.76 6.06 1.38
N GLU A 57 9.33 4.88 1.26
CA GLU A 57 8.88 3.93 0.25
C GLU A 57 8.52 2.60 0.89
N GLY A 58 7.27 2.20 0.70
CA GLY A 58 6.78 0.95 1.26
C GLY A 58 5.47 0.52 0.59
N ILE A 59 5.06 -0.70 0.88
CA ILE A 59 3.84 -1.24 0.32
C ILE A 59 2.69 -1.05 1.32
N ILE A 60 1.50 -0.93 0.78
CA ILE A 60 0.31 -0.74 1.60
C ILE A 60 -0.87 -1.50 0.98
N PRO A 61 -1.58 -2.26 1.85
CA PRO A 61 -2.72 -3.03 1.40
C PRO A 61 -3.93 -2.12 1.16
N ALA A 62 -4.43 -2.18 -0.07
CA ALA A 62 -5.58 -1.37 -0.44
C ALA A 62 -6.77 -1.73 0.46
N ASN A 63 -6.70 -2.92 1.05
CA ASN A 63 -7.74 -3.39 1.94
C ASN A 63 -7.70 -2.59 3.24
N TYR A 64 -6.73 -1.69 3.31
CA TYR A 64 -6.57 -0.86 4.49
C TYR A 64 -6.55 0.63 4.12
N VAL A 65 -6.65 0.89 2.83
CA VAL A 65 -6.65 2.25 2.34
C VAL A 65 -7.59 2.35 1.13
N GLN A 66 -7.96 3.59 0.82
CA GLN A 66 -8.85 3.83 -0.31
C GLN A 66 -8.16 4.73 -1.34
N LYS A 67 -8.29 4.33 -2.60
CA LYS A 67 -7.69 5.08 -3.68
C LYS A 67 -8.65 6.20 -4.12
N ARG A 68 -8.24 7.43 -3.85
CA ARG A 68 -9.04 8.58 -4.21
C ARG A 68 -9.39 8.54 -5.70
N GLU A 69 -8.51 7.92 -6.46
CA GLU A 69 -8.73 7.80 -7.89
C GLU A 69 -9.50 6.53 -8.22
N ILE B 8 -15.45 -11.04 12.90
CA ILE B 8 -14.08 -11.03 12.43
C ILE B 8 -14.07 -11.12 10.90
N PRO B 9 -13.60 -10.02 10.26
CA PRO B 9 -13.53 -9.97 8.81
C PRO B 9 -12.37 -10.82 8.29
N PRO B 10 -12.31 -10.92 6.93
CA PRO B 10 -11.25 -11.69 6.29
C PRO B 10 -9.92 -10.94 6.33
N PRO B 11 -8.83 -11.74 6.39
CA PRO B 11 -7.49 -11.17 6.43
C PRO B 11 -7.08 -10.64 5.06
N LEU B 12 -6.24 -9.61 5.09
CA LEU B 12 -5.76 -9.01 3.84
C LEU B 12 -5.27 -10.11 2.90
N PRO B 13 -4.89 -9.68 1.67
CA PRO B 13 -4.40 -10.62 0.67
C PRO B 13 -2.98 -11.06 0.99
N GLU B 14 -2.67 -12.29 0.59
CA GLU B 14 -1.34 -12.85 0.83
C GLU B 14 -0.28 -11.96 0.20
N ARG B 15 0.68 -11.55 1.03
CA ARG B 15 1.76 -10.70 0.57
C ARG B 15 2.72 -11.49 -0.31
N THR B 16 2.38 -11.58 -1.58
CA THR B 16 3.20 -12.31 -2.54
C THR B 16 4.54 -11.61 -2.72
N PRO B 17 5.60 -12.44 -2.97
CA PRO B 17 6.94 -11.91 -3.18
C PRO B 17 7.08 -11.26 -4.55
N GLU B 18 6.12 -11.57 -5.41
CA GLU B 18 6.13 -11.04 -6.77
C GLU B 18 5.99 -9.51 -6.72
N SER B 19 5.65 -9.01 -5.55
CA SER B 19 5.48 -7.58 -5.36
C SER B 19 6.76 -6.85 -5.75
N PHE B 20 7.88 -7.54 -5.56
CA PHE B 20 9.17 -6.97 -5.89
C PHE B 20 9.24 -6.57 -7.37
N ILE B 21 8.29 -7.09 -8.13
CA ILE B 21 8.23 -6.80 -9.56
C ILE B 21 6.94 -6.04 -9.86
N VAL B 22 7.10 -4.94 -10.59
CA VAL B 22 5.96 -4.11 -10.96
C VAL B 22 5.40 -4.59 -12.29
N VAL B 23 4.12 -4.94 -12.27
CA VAL B 23 3.45 -5.43 -13.47
C VAL B 23 3.38 -4.29 -14.49
N GLU B 24 3.92 -4.57 -15.67
CA GLU B 24 3.93 -3.59 -16.74
C GLU B 24 2.55 -3.53 -17.41
N GLU B 25 1.54 -3.30 -16.59
CA GLU B 25 0.17 -3.22 -17.08
C GLU B 25 0.16 -2.59 -18.49
N SER A 10 3.76 9.43 -7.84
CA SER A 10 3.38 10.79 -8.13
C SER A 10 2.24 10.81 -9.17
N GLY A 11 1.04 10.50 -8.69
CA GLY A 11 -0.12 10.48 -9.55
C GLY A 11 -1.40 10.24 -8.75
N THR A 12 -1.58 8.99 -8.34
CA THR A 12 -2.76 8.61 -7.57
C THR A 12 -2.45 8.70 -6.08
N GLU A 13 -3.42 9.20 -5.33
CA GLU A 13 -3.27 9.34 -3.89
C GLU A 13 -4.28 8.45 -3.17
N CYS A 14 -3.77 7.71 -2.19
CA CYS A 14 -4.61 6.82 -1.41
C CYS A 14 -4.84 7.44 -0.03
N ILE A 15 -5.99 7.14 0.54
CA ILE A 15 -6.34 7.67 1.85
C ILE A 15 -6.35 6.52 2.87
N ALA A 16 -5.69 6.77 3.99
CA ALA A 16 -5.60 5.77 5.04
C ALA A 16 -6.91 5.77 5.83
N LYS A 17 -7.38 4.58 6.13
CA LYS A 17 -8.62 4.42 6.88
C LYS A 17 -8.37 3.51 8.09
N TYR A 18 -7.64 2.43 7.82
CA TYR A 18 -7.33 1.47 8.87
C TYR A 18 -5.84 1.48 9.20
N ASN A 19 -5.55 1.62 10.49
CA ASN A 19 -4.17 1.65 10.94
C ASN A 19 -3.59 0.24 10.88
N PHE A 20 -2.82 -0.01 9.84
CA PHE A 20 -2.19 -1.31 9.65
C PHE A 20 -0.72 -1.27 10.03
N HIS A 21 -0.09 -2.43 9.95
CA HIS A 21 1.33 -2.54 10.28
C HIS A 21 2.12 -2.91 9.02
N GLY A 22 2.09 -4.19 8.71
CA GLY A 22 2.80 -4.68 7.54
C GLY A 22 3.17 -6.16 7.69
N THR A 23 3.45 -6.79 6.57
CA THR A 23 3.82 -8.20 6.56
C THR A 23 5.27 -8.38 6.10
N ALA A 24 5.65 -7.57 5.13
CA ALA A 24 7.00 -7.63 4.59
C ALA A 24 7.82 -6.46 5.16
N GLU A 25 9.13 -6.63 5.13
CA GLU A 25 10.03 -5.61 5.63
C GLU A 25 9.98 -4.37 4.73
N GLN A 26 9.33 -4.54 3.59
CA GLN A 26 9.21 -3.45 2.63
C GLN A 26 7.86 -2.74 2.81
N ASP A 27 6.98 -3.39 3.53
CA ASP A 27 5.65 -2.84 3.78
C ASP A 27 5.76 -1.74 4.83
N LEU A 28 5.17 -0.59 4.50
CA LEU A 28 5.20 0.55 5.41
C LEU A 28 3.75 0.94 5.76
N PRO A 29 3.46 0.87 7.09
CA PRO A 29 2.13 1.20 7.57
C PRO A 29 1.92 2.72 7.57
N PHE A 30 0.65 3.11 7.49
CA PHE A 30 0.30 4.51 7.47
C PHE A 30 -0.66 4.85 8.62
N CYS A 31 -1.03 6.12 8.68
CA CYS A 31 -1.93 6.59 9.72
C CYS A 31 -3.23 7.05 9.06
N LYS A 32 -4.34 6.58 9.61
CA LYS A 32 -5.65 6.94 9.07
C LYS A 32 -5.69 8.45 8.82
N GLY A 33 -6.18 8.81 7.66
CA GLY A 33 -6.30 10.21 7.28
C GLY A 33 -5.06 10.67 6.49
N ASP A 34 -4.02 9.85 6.56
CA ASP A 34 -2.78 10.15 5.86
C ASP A 34 -2.97 9.86 4.37
N VAL A 35 -2.22 10.59 3.56
CA VAL A 35 -2.28 10.43 2.12
C VAL A 35 -0.97 9.84 1.61
N LEU A 36 -1.10 8.89 0.70
CA LEU A 36 0.06 8.23 0.12
C LEU A 36 -0.03 8.26 -1.40
N THR A 37 1.13 8.30 -2.04
CA THR A 37 1.20 8.33 -3.48
C THR A 37 1.66 6.97 -4.03
N ILE A 38 0.97 6.53 -5.07
CA ILE A 38 1.29 5.25 -5.69
C ILE A 38 2.65 5.37 -6.40
N VAL A 39 3.47 4.35 -6.21
CA VAL A 39 4.79 4.32 -6.82
C VAL A 39 4.85 3.20 -7.86
N ALA A 40 4.14 2.12 -7.56
CA ALA A 40 4.09 0.98 -8.45
C ALA A 40 3.10 -0.05 -7.90
N VAL A 41 2.68 -0.94 -8.79
CA VAL A 41 1.74 -1.98 -8.42
C VAL A 41 2.49 -3.31 -8.26
N THR A 42 1.85 -4.23 -7.55
CA THR A 42 2.44 -5.53 -7.32
C THR A 42 1.62 -6.62 -8.02
N LYS A 43 2.18 -7.82 -8.03
CA LYS A 43 1.51 -8.95 -8.66
C LYS A 43 0.37 -9.44 -7.76
N ASP A 44 0.27 -8.82 -6.59
CA ASP A 44 -0.76 -9.18 -5.64
C ASP A 44 -1.89 -8.16 -5.72
N PRO A 45 -3.10 -8.60 -5.27
CA PRO A 45 -4.27 -7.74 -5.29
C PRO A 45 -4.20 -6.69 -4.17
N ASN A 46 -4.95 -5.61 -4.37
CA ASN A 46 -4.97 -4.53 -3.40
C ASN A 46 -3.60 -4.40 -2.75
N TRP A 47 -2.57 -4.62 -3.55
CA TRP A 47 -1.20 -4.54 -3.07
C TRP A 47 -0.42 -3.64 -4.02
N TYR A 48 0.05 -2.51 -3.48
CA TYR A 48 0.81 -1.57 -4.27
C TYR A 48 1.84 -0.83 -3.40
N LYS A 49 2.95 -0.48 -4.02
CA LYS A 49 4.01 0.22 -3.33
C LYS A 49 3.83 1.72 -3.51
N ALA A 50 3.71 2.42 -2.39
CA ALA A 50 3.53 3.87 -2.41
C ALA A 50 4.50 4.50 -1.43
N LYS A 51 4.59 5.83 -1.51
CA LYS A 51 5.48 6.58 -0.62
C LYS A 51 4.66 7.62 0.14
N ASN A 52 5.21 8.04 1.27
CA ASN A 52 4.55 9.03 2.10
C ASN A 52 5.11 10.41 1.78
N LYS A 53 4.51 11.42 2.39
CA LYS A 53 4.94 12.80 2.17
C LYS A 53 6.29 13.02 2.83
N VAL A 54 6.69 12.04 3.64
CA VAL A 54 7.95 12.12 4.35
C VAL A 54 9.07 11.62 3.43
N GLY A 55 8.66 10.99 2.34
CA GLY A 55 9.61 10.46 1.37
C GLY A 55 9.84 8.97 1.58
N ARG A 56 9.08 8.41 2.51
CA ARG A 56 9.18 6.99 2.82
C ARG A 56 8.63 6.16 1.67
N GLU A 57 9.22 4.98 1.50
CA GLU A 57 8.80 4.08 0.44
C GLU A 57 8.49 2.70 1.01
N GLY A 58 7.32 2.19 0.64
CA GLY A 58 6.90 0.88 1.11
C GLY A 58 5.55 0.49 0.50
N ILE A 59 5.15 -0.75 0.77
CA ILE A 59 3.88 -1.24 0.26
C ILE A 59 2.79 -1.06 1.31
N ILE A 60 1.58 -0.82 0.84
CA ILE A 60 0.45 -0.62 1.74
C ILE A 60 -0.75 -1.39 1.21
N PRO A 61 -1.40 -2.17 2.12
CA PRO A 61 -2.56 -2.96 1.76
C PRO A 61 -3.79 -2.07 1.59
N ALA A 62 -4.31 -2.05 0.37
CA ALA A 62 -5.48 -1.25 0.07
C ALA A 62 -6.63 -1.65 1.00
N ASN A 63 -6.47 -2.82 1.60
CA ASN A 63 -7.48 -3.33 2.52
C ASN A 63 -7.61 -2.39 3.71
N TYR A 64 -6.66 -1.46 3.79
CA TYR A 64 -6.67 -0.50 4.88
C TYR A 64 -6.58 0.94 4.34
N VAL A 65 -6.50 1.03 3.01
CA VAL A 65 -6.41 2.32 2.36
C VAL A 65 -7.22 2.28 1.06
N GLN A 66 -7.82 3.41 0.74
CA GLN A 66 -8.62 3.52 -0.47
C GLN A 66 -7.93 4.44 -1.48
N LYS A 67 -8.25 4.22 -2.75
CA LYS A 67 -7.66 5.02 -3.81
C LYS A 67 -8.64 6.13 -4.20
N ARG A 68 -8.20 7.37 -3.96
CA ARG A 68 -9.02 8.52 -4.27
C ARG A 68 -9.72 8.33 -5.62
N GLU A 69 -9.04 7.62 -6.51
CA GLU A 69 -9.59 7.35 -7.83
C GLU A 69 -10.75 6.36 -7.73
N ILE B 8 -13.82 -13.85 13.10
CA ILE B 8 -12.60 -13.66 12.35
C ILE B 8 -12.89 -12.84 11.09
N PRO B 9 -12.33 -11.60 11.07
CA PRO B 9 -12.53 -10.72 9.94
C PRO B 9 -11.69 -11.16 8.73
N PRO B 10 -11.90 -10.45 7.59
CA PRO B 10 -11.17 -10.78 6.37
C PRO B 10 -9.73 -10.27 6.45
N PRO B 11 -8.78 -11.23 6.31
CA PRO B 11 -7.37 -10.89 6.36
C PRO B 11 -6.91 -10.22 5.06
N LEU B 12 -5.91 -9.36 5.20
CA LEU B 12 -5.38 -8.64 4.06
C LEU B 12 -5.13 -9.63 2.92
N PRO B 13 -4.72 -9.06 1.75
CA PRO B 13 -4.44 -9.87 0.57
C PRO B 13 -3.10 -10.61 0.73
N GLU B 14 -3.00 -11.73 0.03
CA GLU B 14 -1.80 -12.53 0.08
C GLU B 14 -0.58 -11.68 -0.26
N ARG B 15 0.53 -11.98 0.40
CA ARG B 15 1.77 -11.25 0.17
C ARG B 15 2.69 -12.04 -0.75
N THR B 16 2.29 -12.12 -2.01
CA THR B 16 3.08 -12.85 -3.00
C THR B 16 4.42 -12.15 -3.23
N PRO B 17 5.45 -12.98 -3.53
CA PRO B 17 6.78 -12.45 -3.78
C PRO B 17 6.86 -11.80 -5.16
N GLU B 18 5.83 -12.05 -5.96
CA GLU B 18 5.77 -11.50 -7.30
C GLU B 18 5.73 -9.97 -7.24
N SER B 19 5.51 -9.45 -6.04
CA SER B 19 5.45 -8.02 -5.84
C SER B 19 6.77 -7.37 -6.27
N PHE B 20 7.84 -8.14 -6.13
CA PHE B 20 9.16 -7.66 -6.50
C PHE B 20 9.20 -7.22 -7.97
N ILE B 21 8.17 -7.63 -8.70
CA ILE B 21 8.07 -7.29 -10.11
C ILE B 21 6.88 -6.35 -10.32
N VAL B 22 7.15 -5.27 -11.04
CA VAL B 22 6.10 -4.29 -11.31
C VAL B 22 5.55 -4.54 -12.72
N VAL B 23 4.23 -4.70 -12.78
CA VAL B 23 3.57 -4.93 -14.06
C VAL B 23 3.69 -3.68 -14.92
N GLU B 24 4.38 -3.85 -16.05
CA GLU B 24 4.56 -2.75 -16.97
C GLU B 24 3.30 -2.53 -17.81
N GLU B 25 2.20 -2.32 -17.12
CA GLU B 25 0.92 -2.09 -17.78
C GLU B 25 0.81 -2.98 -19.01
N SER A 10 4.11 13.25 -8.60
CA SER A 10 3.18 12.36 -7.93
C SER A 10 2.18 11.79 -8.95
N GLY A 11 1.24 11.02 -8.43
CA GLY A 11 0.22 10.41 -9.28
C GLY A 11 -1.12 10.34 -8.56
N THR A 12 -1.42 9.17 -8.02
CA THR A 12 -2.67 8.96 -7.31
C THR A 12 -2.43 8.94 -5.80
N GLU A 13 -3.34 9.57 -5.08
CA GLU A 13 -3.24 9.64 -3.63
C GLU A 13 -4.23 8.68 -2.98
N CYS A 14 -3.71 7.88 -2.04
CA CYS A 14 -4.54 6.92 -1.35
C CYS A 14 -4.76 7.42 0.08
N ILE A 15 -5.93 7.07 0.62
CA ILE A 15 -6.27 7.49 1.97
C ILE A 15 -6.28 6.26 2.89
N ALA A 16 -5.61 6.40 4.03
CA ALA A 16 -5.54 5.32 4.99
C ALA A 16 -6.84 5.26 5.79
N LYS A 17 -7.44 4.07 5.77
CA LYS A 17 -8.70 3.87 6.50
C LYS A 17 -8.44 2.97 7.70
N TYR A 18 -7.68 1.91 7.47
CA TYR A 18 -7.36 0.97 8.53
C TYR A 18 -5.92 1.17 9.02
N ASN A 19 -5.77 1.22 10.34
CA ASN A 19 -4.47 1.41 10.94
C ASN A 19 -3.71 0.08 10.92
N PHE A 20 -2.88 -0.07 9.90
CA PHE A 20 -2.09 -1.28 9.76
C PHE A 20 -0.79 -1.19 10.54
N HIS A 21 -0.46 -2.27 11.22
CA HIS A 21 0.76 -2.33 12.02
C HIS A 21 1.95 -2.63 11.10
N GLY A 22 1.83 -3.71 10.36
CA GLY A 22 2.87 -4.12 9.44
C GLY A 22 2.96 -5.66 9.36
N THR A 23 3.14 -6.14 8.14
CA THR A 23 3.25 -7.57 7.92
C THR A 23 4.59 -7.92 7.28
N ALA A 24 5.09 -6.98 6.48
CA ALA A 24 6.36 -7.16 5.81
C ALA A 24 7.23 -5.92 6.01
N GLU A 25 8.53 -6.16 6.17
CA GLU A 25 9.48 -5.08 6.37
C GLU A 25 9.42 -4.11 5.19
N GLN A 26 8.90 -4.60 4.08
CA GLN A 26 8.79 -3.78 2.88
C GLN A 26 7.53 -2.92 2.94
N ASP A 27 6.59 -3.35 3.77
CA ASP A 27 5.33 -2.63 3.93
C ASP A 27 5.55 -1.45 4.88
N LEU A 28 4.82 -0.38 4.62
CA LEU A 28 4.93 0.81 5.45
C LEU A 28 3.58 1.08 6.11
N PRO A 29 3.57 0.95 7.47
CA PRO A 29 2.35 1.17 8.23
C PRO A 29 2.05 2.67 8.35
N PHE A 30 0.76 2.98 8.40
CA PHE A 30 0.33 4.35 8.50
C PHE A 30 -0.85 4.49 9.47
N CYS A 31 -1.37 5.70 9.57
CA CYS A 31 -2.49 5.97 10.45
C CYS A 31 -3.63 6.56 9.61
N LYS A 32 -4.83 6.03 9.84
CA LYS A 32 -5.99 6.50 9.11
C LYS A 32 -5.92 8.02 8.95
N GLY A 33 -6.24 8.47 7.76
CA GLY A 33 -6.21 9.90 7.47
C GLY A 33 -4.93 10.28 6.72
N ASP A 34 -3.97 9.37 6.76
CA ASP A 34 -2.70 9.61 6.10
C ASP A 34 -2.87 9.44 4.59
N VAL A 35 -2.13 10.25 3.84
CA VAL A 35 -2.20 10.19 2.39
C VAL A 35 -0.88 9.65 1.85
N LEU A 36 -1.00 8.74 0.89
CA LEU A 36 0.17 8.14 0.27
C LEU A 36 0.11 8.32 -1.24
N THR A 37 1.26 8.21 -1.88
CA THR A 37 1.35 8.35 -3.31
C THR A 37 1.77 7.03 -3.97
N ILE A 38 0.98 6.62 -4.95
CA ILE A 38 1.26 5.37 -5.66
C ILE A 38 2.57 5.52 -6.45
N VAL A 39 3.43 4.52 -6.29
CA VAL A 39 4.71 4.53 -6.98
C VAL A 39 4.75 3.39 -7.99
N ALA A 40 4.11 2.29 -7.62
CA ALA A 40 4.06 1.13 -8.48
C ALA A 40 3.00 0.15 -7.95
N VAL A 41 2.59 -0.75 -8.83
CA VAL A 41 1.58 -1.74 -8.47
C VAL A 41 2.26 -3.09 -8.25
N THR A 42 1.67 -3.88 -7.36
CA THR A 42 2.20 -5.19 -7.05
C THR A 42 1.47 -6.27 -7.84
N LYS A 43 1.99 -7.49 -7.73
CA LYS A 43 1.39 -8.61 -8.44
C LYS A 43 -0.04 -8.83 -7.93
N ASP A 44 -0.27 -8.38 -6.71
CA ASP A 44 -1.58 -8.52 -6.09
C ASP A 44 -2.41 -7.27 -6.38
N PRO A 45 -3.76 -7.47 -6.38
CA PRO A 45 -4.67 -6.37 -6.66
C PRO A 45 -4.77 -5.43 -5.45
N ASN A 46 -5.10 -6.02 -4.30
CA ASN A 46 -5.22 -5.25 -3.08
C ASN A 46 -3.84 -5.00 -2.48
N TRP A 47 -2.90 -4.69 -3.37
CA TRP A 47 -1.53 -4.44 -2.95
C TRP A 47 -0.95 -3.38 -3.88
N TYR A 48 -0.41 -2.33 -3.26
CA TYR A 48 0.18 -1.24 -4.02
C TYR A 48 1.31 -0.57 -3.23
N LYS A 49 2.39 -0.27 -3.94
CA LYS A 49 3.54 0.36 -3.31
C LYS A 49 3.44 1.88 -3.52
N ALA A 50 3.41 2.60 -2.40
CA ALA A 50 3.32 4.04 -2.45
C ALA A 50 4.36 4.64 -1.50
N LYS A 51 4.53 5.96 -1.61
CA LYS A 51 5.48 6.65 -0.76
C LYS A 51 4.74 7.70 0.08
N ASN A 52 5.31 7.97 1.25
CA ASN A 52 4.72 8.95 2.16
C ASN A 52 5.22 10.35 1.79
N LYS A 53 4.65 11.33 2.47
CA LYS A 53 5.03 12.71 2.23
C LYS A 53 6.43 12.96 2.78
N VAL A 54 6.92 11.99 3.54
CA VAL A 54 8.24 12.09 4.14
C VAL A 54 9.28 11.63 3.12
N GLY A 55 8.79 11.02 2.04
CA GLY A 55 9.67 10.53 0.99
C GLY A 55 9.96 9.04 1.18
N ARG A 56 9.21 8.44 2.08
CA ARG A 56 9.38 7.01 2.37
C ARG A 56 8.69 6.18 1.30
N GLU A 57 9.23 4.98 1.09
CA GLU A 57 8.67 4.08 0.10
C GLU A 57 8.38 2.71 0.72
N GLY A 58 7.15 2.26 0.54
CA GLY A 58 6.74 0.98 1.09
C GLY A 58 5.43 0.50 0.45
N ILE A 59 5.08 -0.74 0.74
CA ILE A 59 3.86 -1.32 0.21
C ILE A 59 2.76 -1.25 1.27
N ILE A 60 1.53 -1.13 0.79
CA ILE A 60 0.39 -1.05 1.68
C ILE A 60 -0.80 -1.78 1.05
N PRO A 61 -1.56 -2.50 1.91
CA PRO A 61 -2.72 -3.24 1.45
C PRO A 61 -3.89 -2.30 1.15
N ALA A 62 -4.47 -2.50 -0.04
CA ALA A 62 -5.60 -1.69 -0.46
C ALA A 62 -6.75 -1.86 0.53
N ASN A 63 -6.78 -3.04 1.15
CA ASN A 63 -7.83 -3.35 2.11
C ASN A 63 -7.64 -2.48 3.36
N TYR A 64 -6.56 -1.71 3.34
CA TYR A 64 -6.25 -0.85 4.46
C TYR A 64 -6.19 0.61 4.03
N VAL A 65 -6.18 0.81 2.72
CA VAL A 65 -6.12 2.15 2.16
C VAL A 65 -6.95 2.19 0.87
N GLN A 66 -7.57 3.33 0.65
CA GLN A 66 -8.40 3.51 -0.54
C GLN A 66 -7.72 4.49 -1.51
N LYS A 67 -8.06 4.34 -2.78
CA LYS A 67 -7.49 5.20 -3.82
C LYS A 67 -8.50 6.27 -4.20
N ARG A 68 -8.12 7.51 -3.95
CA ARG A 68 -8.98 8.64 -4.25
C ARG A 68 -9.34 8.64 -5.74
N GLU A 69 -8.49 8.00 -6.53
CA GLU A 69 -8.71 7.92 -7.96
C GLU A 69 -8.95 6.47 -8.37
N ILE B 8 -15.18 -9.75 13.43
CA ILE B 8 -13.87 -9.39 12.95
C ILE B 8 -13.86 -9.37 11.42
N PRO B 9 -13.17 -8.35 10.87
CA PRO B 9 -13.09 -8.20 9.42
C PRO B 9 -12.13 -9.23 8.82
N PRO B 10 -12.07 -9.25 7.47
CA PRO B 10 -11.20 -10.18 6.75
C PRO B 10 -9.75 -9.73 6.84
N PRO B 11 -8.83 -10.72 6.73
CA PRO B 11 -7.40 -10.44 6.78
C PRO B 11 -6.92 -9.79 5.48
N LEU B 12 -5.89 -8.98 5.62
CA LEU B 12 -5.32 -8.30 4.46
C LEU B 12 -5.10 -9.31 3.33
N PRO B 13 -4.65 -8.77 2.16
CA PRO B 13 -4.41 -9.61 1.00
C PRO B 13 -3.09 -10.38 1.17
N GLU B 14 -3.08 -11.58 0.59
CA GLU B 14 -1.90 -12.42 0.67
C GLU B 14 -0.66 -11.68 0.17
N ARG B 15 0.31 -11.56 1.05
CA ARG B 15 1.54 -10.86 0.72
C ARG B 15 2.44 -11.75 -0.14
N THR B 16 2.26 -11.64 -1.45
CA THR B 16 3.04 -12.43 -2.38
C THR B 16 4.43 -11.82 -2.57
N PRO B 17 5.42 -12.72 -2.81
CA PRO B 17 6.80 -12.28 -3.00
C PRO B 17 6.97 -11.64 -4.39
N GLU B 18 6.04 -11.94 -5.27
CA GLU B 18 6.08 -11.40 -6.62
C GLU B 18 5.99 -9.88 -6.59
N SER B 19 5.63 -9.36 -5.42
CA SER B 19 5.50 -7.93 -5.25
C SER B 19 6.80 -7.23 -5.63
N PHE B 20 7.91 -7.93 -5.41
CA PHE B 20 9.21 -7.40 -5.72
C PHE B 20 9.30 -6.99 -7.19
N ILE B 21 8.36 -7.50 -7.98
CA ILE B 21 8.32 -7.19 -9.39
C ILE B 21 7.09 -6.34 -9.69
N VAL B 22 7.32 -5.27 -10.43
CA VAL B 22 6.25 -4.36 -10.80
C VAL B 22 5.80 -4.65 -12.24
N VAL B 23 4.51 -4.89 -12.39
CA VAL B 23 3.96 -5.17 -13.71
C VAL B 23 4.03 -3.91 -14.57
N GLU B 24 4.78 -4.01 -15.67
CA GLU B 24 4.93 -2.89 -16.58
C GLU B 24 3.69 -2.76 -17.46
N GLU B 25 2.54 -2.66 -16.82
CA GLU B 25 1.29 -2.53 -17.54
C GLU B 25 1.31 -3.38 -18.80
N SER A 10 1.76 13.71 -8.12
CA SER A 10 2.61 12.72 -8.76
C SER A 10 1.76 11.71 -9.54
N GLY A 11 0.83 11.09 -8.81
CA GLY A 11 -0.06 10.11 -9.42
C GLY A 11 -1.39 10.03 -8.67
N THR A 12 -1.63 8.87 -8.08
CA THR A 12 -2.86 8.66 -7.33
C THR A 12 -2.58 8.74 -5.83
N GLU A 13 -3.52 9.35 -5.13
CA GLU A 13 -3.40 9.50 -3.69
C GLU A 13 -4.31 8.51 -2.96
N CYS A 14 -3.69 7.68 -2.14
CA CYS A 14 -4.43 6.68 -1.38
C CYS A 14 -4.70 7.23 0.02
N ILE A 15 -5.88 6.92 0.52
CA ILE A 15 -6.28 7.38 1.85
C ILE A 15 -6.53 6.17 2.75
N ALA A 16 -5.95 6.23 3.94
CA ALA A 16 -6.10 5.16 4.89
C ALA A 16 -7.46 5.28 5.60
N LYS A 17 -8.22 4.20 5.54
CA LYS A 17 -9.54 4.19 6.16
C LYS A 17 -9.38 3.98 7.67
N TYR A 18 -8.62 2.95 8.02
CA TYR A 18 -8.38 2.64 9.42
C TYR A 18 -6.96 2.13 9.63
N ASN A 19 -6.71 1.68 10.85
CA ASN A 19 -5.39 1.16 11.19
C ASN A 19 -5.21 -0.22 10.54
N PHE A 20 -3.95 -0.52 10.23
CA PHE A 20 -3.62 -1.80 9.61
C PHE A 20 -2.58 -2.55 10.43
N HIS A 21 -1.49 -1.86 10.74
CA HIS A 21 -0.42 -2.45 11.51
C HIS A 21 0.60 -3.08 10.56
N GLY A 22 1.78 -2.47 10.52
CA GLY A 22 2.85 -2.96 9.67
C GLY A 22 2.85 -4.49 9.62
N THR A 23 2.93 -5.01 8.40
CA THR A 23 2.94 -6.45 8.20
C THR A 23 4.31 -6.90 7.68
N ALA A 24 4.99 -5.98 7.02
CA ALA A 24 6.30 -6.26 6.47
C ALA A 24 7.18 -5.02 6.57
N GLU A 25 8.47 -5.25 6.76
CA GLU A 25 9.42 -4.16 6.87
C GLU A 25 9.39 -3.30 5.60
N GLN A 26 8.84 -3.88 4.55
CA GLN A 26 8.74 -3.17 3.28
C GLN A 26 7.44 -2.37 3.21
N ASP A 27 6.50 -2.78 4.05
CA ASP A 27 5.21 -2.12 4.10
C ASP A 27 5.33 -0.81 4.90
N LEU A 28 4.42 0.10 4.63
CA LEU A 28 4.42 1.38 5.31
C LEU A 28 3.10 1.56 6.07
N PRO A 29 3.17 1.30 7.40
CA PRO A 29 1.98 1.42 8.24
C PRO A 29 1.65 2.89 8.51
N PHE A 30 0.37 3.19 8.41
CA PHE A 30 -0.10 4.56 8.63
C PHE A 30 -1.39 4.57 9.46
N CYS A 31 -1.95 5.76 9.60
CA CYS A 31 -3.18 5.92 10.36
C CYS A 31 -4.23 6.56 9.44
N LYS A 32 -5.48 6.26 9.75
CA LYS A 32 -6.58 6.79 8.96
C LYS A 32 -6.38 8.29 8.74
N GLY A 33 -6.71 8.74 7.55
CA GLY A 33 -6.57 10.14 7.19
C GLY A 33 -5.23 10.40 6.49
N ASP A 34 -4.32 9.46 6.67
CA ASP A 34 -3.01 9.57 6.05
C ASP A 34 -3.13 9.34 4.55
N VAL A 35 -2.47 10.20 3.79
CA VAL A 35 -2.49 10.10 2.34
C VAL A 35 -1.11 9.70 1.83
N LEU A 36 -1.10 8.81 0.86
CA LEU A 36 0.15 8.35 0.27
C LEU A 36 0.07 8.46 -1.25
N THR A 37 1.24 8.41 -1.88
CA THR A 37 1.31 8.50 -3.33
C THR A 37 1.70 7.15 -3.93
N ILE A 38 0.97 6.77 -4.97
CA ILE A 38 1.23 5.51 -5.64
C ILE A 38 2.60 5.57 -6.32
N VAL A 39 3.34 4.48 -6.19
CA VAL A 39 4.66 4.38 -6.78
C VAL A 39 4.68 3.26 -7.81
N ALA A 40 3.94 2.20 -7.49
CA ALA A 40 3.85 1.05 -8.38
C ALA A 40 2.85 0.05 -7.82
N VAL A 41 2.37 -0.82 -8.70
CA VAL A 41 1.40 -1.82 -8.31
C VAL A 41 2.13 -3.14 -8.04
N THR A 42 1.42 -4.05 -7.38
CA THR A 42 1.99 -5.35 -7.05
C THR A 42 1.21 -6.46 -7.75
N LYS A 43 1.72 -7.68 -7.62
CA LYS A 43 1.09 -8.83 -8.23
C LYS A 43 -0.31 -9.01 -7.63
N ASP A 44 -0.48 -8.49 -6.43
CA ASP A 44 -1.75 -8.60 -5.74
C ASP A 44 -2.60 -7.36 -6.07
N PRO A 45 -3.94 -7.54 -5.96
CA PRO A 45 -4.87 -6.46 -6.24
C PRO A 45 -4.89 -5.44 -5.10
N ASN A 46 -5.24 -5.93 -3.92
CA ASN A 46 -5.29 -5.08 -2.74
C ASN A 46 -3.88 -4.87 -2.20
N TRP A 47 -2.95 -4.67 -3.13
CA TRP A 47 -1.56 -4.46 -2.77
C TRP A 47 -0.97 -3.42 -3.73
N TYR A 48 -0.38 -2.39 -3.15
CA TYR A 48 0.22 -1.33 -3.94
C TYR A 48 1.35 -0.64 -3.18
N LYS A 49 2.41 -0.34 -3.91
CA LYS A 49 3.57 0.32 -3.31
C LYS A 49 3.43 1.84 -3.48
N ALA A 50 3.46 2.53 -2.35
CA ALA A 50 3.33 3.97 -2.36
C ALA A 50 4.39 4.57 -1.43
N LYS A 51 4.56 5.89 -1.53
CA LYS A 51 5.52 6.59 -0.71
C LYS A 51 4.80 7.61 0.16
N ASN A 52 5.44 7.95 1.27
CA ASN A 52 4.86 8.92 2.20
C ASN A 52 5.44 10.30 1.91
N LYS A 53 4.95 11.29 2.65
CA LYS A 53 5.41 12.65 2.48
C LYS A 53 6.83 12.78 3.03
N VAL A 54 7.26 11.73 3.71
CA VAL A 54 8.60 11.71 4.29
C VAL A 54 9.61 11.28 3.22
N GLY A 55 9.08 10.75 2.13
CA GLY A 55 9.92 10.30 1.03
C GLY A 55 10.11 8.79 1.08
N ARG A 56 9.54 8.18 2.11
CA ARG A 56 9.64 6.73 2.28
C ARG A 56 8.82 6.02 1.20
N GLU A 57 9.29 4.82 0.85
CA GLU A 57 8.62 4.03 -0.16
C GLU A 57 8.48 2.58 0.30
N GLY A 58 7.27 2.05 0.15
CA GLY A 58 7.01 0.68 0.56
C GLY A 58 5.68 0.18 -0.04
N ILE A 59 5.16 -0.87 0.56
CA ILE A 59 3.92 -1.45 0.09
C ILE A 59 2.83 -1.21 1.15
N ILE A 60 1.59 -1.12 0.66
CA ILE A 60 0.47 -0.89 1.55
C ILE A 60 -0.76 -1.63 1.00
N PRO A 61 -1.46 -2.36 1.91
CA PRO A 61 -2.64 -3.11 1.54
C PRO A 61 -3.83 -2.18 1.33
N ALA A 62 -4.38 -2.22 0.11
CA ALA A 62 -5.52 -1.39 -0.22
C ALA A 62 -6.69 -1.75 0.69
N ASN A 63 -6.56 -2.90 1.33
CA ASN A 63 -7.61 -3.37 2.24
C ASN A 63 -7.69 -2.42 3.44
N TYR A 64 -6.72 -1.52 3.52
CA TYR A 64 -6.69 -0.56 4.61
C TYR A 64 -6.59 0.87 4.07
N VAL A 65 -6.51 0.97 2.75
CA VAL A 65 -6.41 2.27 2.10
C VAL A 65 -7.17 2.23 0.78
N GLN A 66 -7.77 3.36 0.44
CA GLN A 66 -8.53 3.46 -0.79
C GLN A 66 -7.81 4.40 -1.77
N LYS A 67 -8.08 4.18 -3.05
CA LYS A 67 -7.48 5.00 -4.10
C LYS A 67 -8.46 6.10 -4.51
N ARG A 68 -8.08 7.33 -4.22
CA ARG A 68 -8.92 8.47 -4.56
C ARG A 68 -9.04 8.60 -6.08
N GLU A 69 -8.04 8.07 -6.76
CA GLU A 69 -8.03 8.13 -8.22
C GLU A 69 -8.46 6.78 -8.80
N ILE B 8 -13.45 -10.24 14.89
CA ILE B 8 -12.14 -10.24 14.25
C ILE B 8 -12.31 -10.43 12.74
N PRO B 9 -11.92 -9.37 11.98
CA PRO B 9 -12.03 -9.42 10.53
C PRO B 9 -10.94 -10.31 9.93
N PRO B 10 -11.05 -10.50 8.59
CA PRO B 10 -10.08 -11.34 7.87
C PRO B 10 -8.75 -10.59 7.70
N PRO B 11 -7.65 -11.39 7.70
CA PRO B 11 -6.32 -10.83 7.55
C PRO B 11 -6.06 -10.42 6.10
N LEU B 12 -5.23 -9.40 5.95
CA LEU B 12 -4.89 -8.89 4.63
C LEU B 12 -4.51 -10.07 3.72
N PRO B 13 -4.30 -9.74 2.42
CA PRO B 13 -3.93 -10.75 1.44
C PRO B 13 -2.48 -11.18 1.61
N GLU B 14 -2.23 -12.45 1.29
CA GLU B 14 -0.89 -13.00 1.41
C GLU B 14 0.12 -12.09 0.72
N ARG B 15 1.02 -11.53 1.51
CA ARG B 15 2.05 -10.65 0.99
C ARG B 15 3.01 -11.42 0.09
N THR B 16 2.68 -11.43 -1.20
CA THR B 16 3.51 -12.13 -2.16
C THR B 16 4.80 -11.35 -2.42
N PRO B 17 5.89 -12.12 -2.68
CA PRO B 17 7.19 -11.52 -2.93
C PRO B 17 7.24 -10.92 -4.35
N GLU B 18 6.29 -11.35 -5.17
CA GLU B 18 6.22 -10.86 -6.54
C GLU B 18 5.96 -9.36 -6.55
N SER B 19 5.53 -8.85 -5.41
CA SER B 19 5.23 -7.43 -5.28
C SER B 19 6.48 -6.61 -5.64
N PHE B 20 7.63 -7.20 -5.40
CA PHE B 20 8.89 -6.54 -5.69
C PHE B 20 8.98 -6.16 -7.18
N ILE B 21 8.08 -6.76 -7.95
CA ILE B 21 8.05 -6.50 -9.39
C ILE B 21 6.74 -5.79 -9.74
N VAL B 22 6.88 -4.72 -10.51
CA VAL B 22 5.71 -3.95 -10.93
C VAL B 22 5.18 -4.51 -12.24
N VAL B 23 3.94 -4.97 -12.19
CA VAL B 23 3.30 -5.53 -13.36
C VAL B 23 3.11 -4.42 -14.41
N GLU B 24 3.79 -4.60 -15.54
CA GLU B 24 3.70 -3.63 -16.60
C GLU B 24 2.41 -3.83 -17.41
N GLU B 25 1.30 -3.81 -16.68
CA GLU B 25 0.00 -3.99 -17.31
C GLU B 25 0.09 -5.01 -18.45
N SER A 10 3.22 7.26 -9.48
CA SER A 10 3.17 8.59 -8.87
C SER A 10 2.03 9.39 -9.47
N GLY A 11 0.82 9.08 -9.02
CA GLY A 11 -0.37 9.77 -9.52
C GLY A 11 -1.57 9.50 -8.61
N THR A 12 -1.91 8.23 -8.49
CA THR A 12 -3.03 7.82 -7.66
C THR A 12 -2.72 8.09 -6.19
N GLU A 13 -3.71 8.65 -5.51
CA GLU A 13 -3.57 8.97 -4.10
C GLU A 13 -4.37 7.97 -3.25
N CYS A 14 -3.65 7.32 -2.34
CA CYS A 14 -4.28 6.35 -1.46
C CYS A 14 -4.63 7.04 -0.14
N ILE A 15 -5.81 6.74 0.35
CA ILE A 15 -6.27 7.32 1.61
C ILE A 15 -6.25 6.26 2.70
N ALA A 16 -5.62 6.62 3.82
CA ALA A 16 -5.52 5.71 4.94
C ALA A 16 -6.82 5.72 5.74
N LYS A 17 -7.44 4.56 5.83
CA LYS A 17 -8.70 4.44 6.55
C LYS A 17 -8.43 4.53 8.06
N TYR A 18 -7.45 3.76 8.50
CA TYR A 18 -7.08 3.74 9.91
C TYR A 18 -5.60 3.40 10.08
N ASN A 19 -5.23 3.15 11.33
CA ASN A 19 -3.85 2.81 11.65
C ASN A 19 -3.64 1.32 11.38
N PHE A 20 -2.67 1.04 10.51
CA PHE A 20 -2.36 -0.33 10.16
C PHE A 20 -1.13 -0.82 10.95
N HIS A 21 -1.39 -1.74 11.86
CA HIS A 21 -0.33 -2.30 12.68
C HIS A 21 0.90 -2.57 11.81
N GLY A 22 0.65 -3.16 10.65
CA GLY A 22 1.72 -3.48 9.72
C GLY A 22 1.76 -4.98 9.43
N THR A 23 2.26 -5.30 8.25
CA THR A 23 2.37 -6.69 7.83
C THR A 23 3.82 -7.05 7.55
N ALA A 24 4.55 -6.09 7.00
CA ALA A 24 5.95 -6.30 6.69
C ALA A 24 6.71 -4.98 6.85
N GLU A 25 7.96 -5.10 7.24
CA GLU A 25 8.80 -3.92 7.43
C GLU A 25 8.95 -3.15 6.12
N GLN A 26 8.56 -3.81 5.04
CA GLN A 26 8.65 -3.21 3.72
C GLN A 26 7.37 -2.41 3.42
N ASP A 27 6.34 -2.70 4.20
CA ASP A 27 5.07 -2.03 4.02
C ASP A 27 5.25 -0.53 4.26
N LEU A 28 4.12 0.17 4.35
CA LEU A 28 4.15 1.60 4.58
C LEU A 28 3.13 1.96 5.66
N PRO A 29 3.65 2.16 6.90
CA PRO A 29 2.79 2.51 8.03
C PRO A 29 2.34 3.96 7.94
N PHE A 30 1.05 4.16 8.16
CA PHE A 30 0.48 5.50 8.10
C PHE A 30 -0.55 5.70 9.22
N CYS A 31 -1.10 6.90 9.26
CA CYS A 31 -2.09 7.23 10.27
C CYS A 31 -3.40 7.60 9.57
N LYS A 32 -4.51 7.18 10.17
CA LYS A 32 -5.82 7.46 9.62
C LYS A 32 -5.88 8.92 9.15
N GLY A 33 -6.39 9.11 7.95
CA GLY A 33 -6.51 10.44 7.38
C GLY A 33 -5.24 10.82 6.62
N ASP A 34 -4.24 9.95 6.72
CA ASP A 34 -2.98 10.20 6.05
C ASP A 34 -3.13 9.93 4.55
N VAL A 35 -2.37 10.69 3.76
CA VAL A 35 -2.43 10.55 2.31
C VAL A 35 -1.10 9.99 1.82
N LEU A 36 -1.19 9.06 0.88
CA LEU A 36 -0.01 8.44 0.31
C LEU A 36 -0.11 8.44 -1.21
N THR A 37 1.04 8.41 -1.86
CA THR A 37 1.08 8.41 -3.31
C THR A 37 1.67 7.10 -3.82
N ILE A 38 0.98 6.53 -4.81
CA ILE A 38 1.42 5.27 -5.40
C ILE A 38 2.51 5.55 -6.43
N VAL A 39 3.62 4.84 -6.28
CA VAL A 39 4.74 4.99 -7.17
C VAL A 39 4.80 3.80 -8.13
N ALA A 40 4.41 2.64 -7.61
CA ALA A 40 4.41 1.42 -8.39
C ALA A 40 3.54 0.37 -7.70
N VAL A 41 2.67 -0.24 -8.48
CA VAL A 41 1.79 -1.27 -7.95
C VAL A 41 2.43 -2.63 -8.14
N THR A 42 2.11 -3.54 -7.22
CA THR A 42 2.66 -4.88 -7.28
C THR A 42 1.77 -5.78 -8.14
N LYS A 43 2.24 -7.01 -8.34
CA LYS A 43 1.50 -7.97 -9.15
C LYS A 43 0.01 -7.86 -8.81
N ASP A 44 -0.27 -7.46 -7.59
CA ASP A 44 -1.64 -7.31 -7.13
C ASP A 44 -2.03 -5.84 -7.17
N PRO A 45 -3.36 -5.60 -7.35
CA PRO A 45 -3.88 -4.24 -7.41
C PRO A 45 -3.91 -3.61 -6.03
N ASN A 46 -4.73 -4.20 -5.16
CA ASN A 46 -4.87 -3.71 -3.79
C ASN A 46 -3.49 -3.63 -3.15
N TRP A 47 -2.54 -4.33 -3.75
CA TRP A 47 -1.19 -4.35 -3.24
C TRP A 47 -0.32 -3.49 -4.17
N TYR A 48 0.19 -2.39 -3.61
CA TYR A 48 1.02 -1.49 -4.37
C TYR A 48 1.99 -0.74 -3.45
N LYS A 49 3.11 -0.34 -4.03
CA LYS A 49 4.12 0.38 -3.27
C LYS A 49 3.90 1.89 -3.45
N ALA A 50 3.72 2.57 -2.32
CA ALA A 50 3.50 4.00 -2.34
C ALA A 50 4.54 4.68 -1.44
N LYS A 51 4.59 6.00 -1.53
CA LYS A 51 5.53 6.78 -0.75
C LYS A 51 4.77 7.84 0.04
N ASN A 52 5.37 8.28 1.14
CA ASN A 52 4.76 9.29 1.98
C ASN A 52 5.40 10.64 1.68
N LYS A 53 4.87 11.67 2.35
CA LYS A 53 5.38 13.02 2.16
C LYS A 53 6.75 13.14 2.82
N VAL A 54 7.08 12.13 3.63
CA VAL A 54 8.35 12.12 4.32
C VAL A 54 9.42 11.52 3.41
N GLY A 55 8.97 10.99 2.29
CA GLY A 55 9.86 10.38 1.32
C GLY A 55 10.01 8.87 1.59
N ARG A 56 9.20 8.38 2.50
CA ARG A 56 9.22 6.97 2.85
C ARG A 56 8.67 6.12 1.71
N GLU A 57 9.20 4.92 1.59
CA GLU A 57 8.77 4.01 0.55
C GLU A 57 8.39 2.65 1.15
N GLY A 58 7.21 2.19 0.77
CA GLY A 58 6.72 0.91 1.26
C GLY A 58 5.39 0.54 0.60
N ILE A 59 4.96 -0.69 0.85
CA ILE A 59 3.72 -1.19 0.28
C ILE A 59 2.60 -1.02 1.31
N ILE A 60 1.41 -0.76 0.80
CA ILE A 60 0.24 -0.58 1.66
C ILE A 60 -0.94 -1.36 1.08
N PRO A 61 -1.56 -2.20 1.96
CA PRO A 61 -2.70 -3.00 1.54
C PRO A 61 -3.96 -2.13 1.41
N ALA A 62 -4.66 -2.32 0.31
CA ALA A 62 -5.88 -1.57 0.05
C ALA A 62 -6.88 -1.86 1.16
N ASN A 63 -6.66 -2.96 1.86
CA ASN A 63 -7.54 -3.36 2.95
C ASN A 63 -7.45 -2.32 4.07
N TYR A 64 -6.48 -1.43 3.94
CA TYR A 64 -6.28 -0.39 4.93
C TYR A 64 -6.26 0.99 4.28
N VAL A 65 -6.35 0.99 2.96
CA VAL A 65 -6.34 2.23 2.21
C VAL A 65 -7.27 2.10 0.99
N GLN A 66 -7.75 3.24 0.52
CA GLN A 66 -8.64 3.26 -0.63
C GLN A 66 -8.12 4.23 -1.69
N LYS A 67 -8.08 3.75 -2.92
CA LYS A 67 -7.60 4.57 -4.03
C LYS A 67 -8.67 5.62 -4.37
N ARG A 68 -8.35 6.87 -4.04
CA ARG A 68 -9.26 7.96 -4.31
C ARG A 68 -9.91 7.79 -5.69
N GLU A 69 -9.15 7.20 -6.59
CA GLU A 69 -9.63 6.97 -7.94
C GLU A 69 -10.23 5.57 -8.06
N ILE B 8 -13.57 -9.94 14.41
CA ILE B 8 -12.35 -10.09 13.64
C ILE B 8 -12.60 -9.62 12.21
N PRO B 9 -11.91 -8.51 11.84
CA PRO B 9 -12.04 -7.95 10.51
C PRO B 9 -11.29 -8.79 9.48
N PRO B 10 -11.46 -8.41 8.18
CA PRO B 10 -10.80 -9.12 7.10
C PRO B 10 -9.32 -8.76 7.04
N PRO B 11 -8.47 -9.83 6.94
CA PRO B 11 -7.04 -9.64 6.86
C PRO B 11 -6.61 -9.12 5.49
N LEU B 12 -5.52 -8.37 5.49
CA LEU B 12 -5.00 -7.81 4.26
C LEU B 12 -4.94 -8.91 3.18
N PRO B 13 -4.57 -8.48 1.94
CA PRO B 13 -4.47 -9.42 0.84
C PRO B 13 -3.20 -10.27 0.96
N GLU B 14 -3.29 -11.47 0.40
CA GLU B 14 -2.16 -12.39 0.43
C GLU B 14 -0.89 -11.70 -0.07
N ARG B 15 0.14 -11.76 0.76
CA ARG B 15 1.42 -11.14 0.41
C ARG B 15 2.13 -11.96 -0.66
N THR B 16 1.83 -11.64 -1.91
CA THR B 16 2.44 -12.34 -3.03
C THR B 16 3.90 -11.93 -3.20
N PRO B 17 4.75 -12.93 -3.52
CA PRO B 17 6.16 -12.69 -3.71
C PRO B 17 6.43 -11.98 -5.04
N GLU B 18 5.49 -12.16 -5.96
CA GLU B 18 5.61 -11.56 -7.28
C GLU B 18 5.63 -10.04 -7.16
N SER B 19 5.29 -9.56 -5.97
CA SER B 19 5.25 -8.13 -5.71
C SER B 19 6.62 -7.52 -6.00
N PHE B 20 7.65 -8.32 -5.79
CA PHE B 20 9.01 -7.86 -6.02
C PHE B 20 9.18 -7.36 -7.45
N ILE B 21 8.22 -7.71 -8.29
CA ILE B 21 8.26 -7.30 -9.68
C ILE B 21 7.07 -6.37 -9.96
N VAL B 22 7.38 -5.24 -10.57
CA VAL B 22 6.37 -4.26 -10.90
C VAL B 22 6.03 -4.35 -12.39
N VAL B 23 4.73 -4.25 -12.68
CA VAL B 23 4.27 -4.32 -14.05
C VAL B 23 4.75 -3.10 -14.82
N GLU B 24 5.38 -3.36 -15.97
CA GLU B 24 5.90 -2.29 -16.79
C GLU B 24 4.76 -1.65 -17.59
N GLU B 25 3.75 -1.19 -16.87
CA GLU B 25 2.61 -0.55 -17.50
C GLU B 25 3.06 0.26 -18.72
N SER A 10 2.08 12.64 -9.32
CA SER A 10 2.95 11.48 -9.24
C SER A 10 2.24 10.25 -9.82
N GLY A 11 1.11 9.93 -9.20
CA GLY A 11 0.32 8.79 -9.64
C GLY A 11 -1.10 8.85 -9.07
N THR A 12 -1.43 7.86 -8.24
CA THR A 12 -2.75 7.80 -7.63
C THR A 12 -2.67 8.21 -6.17
N GLU A 13 -3.67 8.95 -5.73
CA GLU A 13 -3.73 9.40 -4.35
C GLU A 13 -4.49 8.39 -3.49
N CYS A 14 -3.75 7.75 -2.59
CA CYS A 14 -4.34 6.77 -1.71
C CYS A 14 -4.64 7.44 -0.37
N ILE A 15 -5.84 7.18 0.13
CA ILE A 15 -6.27 7.76 1.39
C ILE A 15 -6.28 6.67 2.47
N ALA A 16 -5.67 6.98 3.59
CA ALA A 16 -5.60 6.04 4.69
C ALA A 16 -6.94 6.03 5.43
N LYS A 17 -7.47 4.82 5.60
CA LYS A 17 -8.75 4.66 6.28
C LYS A 17 -8.52 3.93 7.61
N TYR A 18 -7.68 2.91 7.55
CA TYR A 18 -7.37 2.12 8.73
C TYR A 18 -6.01 2.52 9.31
N ASN A 19 -5.74 2.00 10.51
CA ASN A 19 -4.48 2.28 11.17
C ASN A 19 -3.63 1.01 11.23
N PHE A 20 -3.07 0.67 10.08
CA PHE A 20 -2.24 -0.53 9.98
C PHE A 20 -0.83 -0.24 10.47
N HIS A 21 -0.38 -1.07 11.40
CA HIS A 21 0.95 -0.92 11.96
C HIS A 21 1.95 -1.75 11.15
N GLY A 22 1.69 -1.83 9.85
CA GLY A 22 2.55 -2.58 8.96
C GLY A 22 2.64 -4.05 9.38
N THR A 23 2.85 -4.91 8.41
CA THR A 23 2.95 -6.33 8.66
C THR A 23 4.27 -6.88 8.11
N ALA A 24 4.70 -6.29 7.00
CA ALA A 24 5.94 -6.71 6.36
C ALA A 24 6.95 -5.58 6.43
N GLU A 25 8.22 -5.95 6.49
CA GLU A 25 9.29 -4.97 6.57
C GLU A 25 9.22 -4.02 5.37
N GLN A 26 8.85 -4.59 4.23
CA GLN A 26 8.74 -3.80 3.01
C GLN A 26 7.52 -2.89 3.07
N ASP A 27 6.58 -3.26 3.92
CA ASP A 27 5.37 -2.49 4.09
C ASP A 27 5.65 -1.29 5.00
N LEU A 28 4.88 -0.22 4.76
CA LEU A 28 5.04 0.99 5.55
C LEU A 28 3.71 1.34 6.21
N PRO A 29 3.74 1.42 7.57
CA PRO A 29 2.56 1.75 8.33
C PRO A 29 2.22 3.24 8.21
N PHE A 30 0.93 3.52 8.24
CA PHE A 30 0.46 4.89 8.13
C PHE A 30 -0.71 5.15 9.09
N CYS A 31 -0.86 6.41 9.47
CA CYS A 31 -1.92 6.80 10.37
C CYS A 31 -3.11 7.28 9.55
N LYS A 32 -4.25 6.63 9.75
CA LYS A 32 -5.45 6.98 9.03
C LYS A 32 -5.53 8.50 8.87
N GLY A 33 -6.08 8.92 7.74
CA GLY A 33 -6.21 10.34 7.46
C GLY A 33 -5.05 10.83 6.58
N ASP A 34 -3.94 10.11 6.68
CA ASP A 34 -2.76 10.47 5.90
C ASP A 34 -2.97 10.07 4.44
N VAL A 35 -2.25 10.74 3.57
CA VAL A 35 -2.35 10.48 2.14
C VAL A 35 -1.03 9.85 1.65
N LEU A 36 -1.17 8.86 0.79
CA LEU A 36 -0.02 8.17 0.25
C LEU A 36 -0.11 8.15 -1.28
N THR A 37 1.02 8.37 -1.92
CA THR A 37 1.08 8.38 -3.38
C THR A 37 1.66 7.06 -3.90
N ILE A 38 1.00 6.52 -4.90
CA ILE A 38 1.45 5.26 -5.50
C ILE A 38 2.81 5.48 -6.17
N VAL A 39 3.71 4.55 -5.90
CA VAL A 39 5.05 4.63 -6.48
C VAL A 39 5.18 3.57 -7.57
N ALA A 40 4.49 2.46 -7.38
CA ALA A 40 4.52 1.36 -8.34
C ALA A 40 3.52 0.28 -7.92
N VAL A 41 3.00 -0.41 -8.91
CA VAL A 41 2.04 -1.47 -8.66
C VAL A 41 2.75 -2.82 -8.73
N THR A 42 2.11 -3.82 -8.13
CA THR A 42 2.66 -5.16 -8.12
C THR A 42 1.66 -6.16 -8.72
N LYS A 43 2.13 -7.38 -8.88
CA LYS A 43 1.29 -8.43 -9.45
C LYS A 43 0.22 -8.82 -8.42
N ASP A 44 0.19 -8.08 -7.32
CA ASP A 44 -0.78 -8.34 -6.28
C ASP A 44 -2.05 -7.53 -6.55
N PRO A 45 -3.16 -7.96 -5.89
CA PRO A 45 -4.44 -7.30 -6.05
C PRO A 45 -4.46 -5.96 -5.29
N ASN A 46 -4.90 -6.04 -4.04
CA ASN A 46 -4.97 -4.86 -3.20
C ASN A 46 -3.62 -4.65 -2.51
N TRP A 47 -2.56 -4.84 -3.29
CA TRP A 47 -1.22 -4.66 -2.76
C TRP A 47 -0.44 -3.78 -3.73
N TYR A 48 -0.06 -2.62 -3.24
CA TYR A 48 0.69 -1.67 -4.06
C TYR A 48 1.73 -0.92 -3.22
N LYS A 49 2.80 -0.53 -3.88
CA LYS A 49 3.88 0.20 -3.21
C LYS A 49 3.67 1.70 -3.42
N ALA A 50 3.56 2.40 -2.29
CA ALA A 50 3.37 3.85 -2.33
C ALA A 50 4.36 4.51 -1.38
N LYS A 51 4.43 5.83 -1.48
CA LYS A 51 5.33 6.60 -0.64
C LYS A 51 4.52 7.58 0.20
N ASN A 52 5.11 7.99 1.32
CA ASN A 52 4.46 8.92 2.21
C ASN A 52 5.01 10.33 1.98
N LYS A 53 4.48 11.28 2.73
CA LYS A 53 4.91 12.67 2.62
C LYS A 53 6.33 12.80 3.17
N VAL A 54 6.78 11.73 3.82
CA VAL A 54 8.12 11.73 4.39
C VAL A 54 9.13 11.33 3.32
N GLY A 55 8.60 10.86 2.19
CA GLY A 55 9.44 10.45 1.09
C GLY A 55 9.79 8.97 1.18
N ARG A 56 9.28 8.34 2.23
CA ARG A 56 9.53 6.92 2.45
C ARG A 56 8.77 6.08 1.41
N GLU A 57 9.35 4.94 1.07
CA GLU A 57 8.74 4.05 0.11
C GLU A 57 8.45 2.68 0.75
N GLY A 58 7.21 2.25 0.60
CA GLY A 58 6.80 0.97 1.16
C GLY A 58 5.44 0.54 0.58
N ILE A 59 5.08 -0.71 0.88
CA ILE A 59 3.83 -1.25 0.40
C ILE A 59 2.76 -1.11 1.48
N ILE A 60 1.53 -0.90 1.03
CA ILE A 60 0.42 -0.74 1.95
C ILE A 60 -0.78 -1.51 1.42
N PRO A 61 -1.47 -2.23 2.36
CA PRO A 61 -2.63 -3.02 2.00
C PRO A 61 -3.85 -2.12 1.77
N ALA A 62 -4.41 -2.23 0.57
CA ALA A 62 -5.57 -1.43 0.21
C ALA A 62 -6.70 -1.71 1.21
N ASN A 63 -6.56 -2.82 1.92
CA ASN A 63 -7.56 -3.21 2.91
C ASN A 63 -7.55 -2.19 4.05
N TYR A 64 -6.57 -1.30 4.01
CA TYR A 64 -6.44 -0.28 5.03
C TYR A 64 -6.35 1.12 4.40
N VAL A 65 -6.36 1.13 3.08
CA VAL A 65 -6.29 2.39 2.35
C VAL A 65 -7.16 2.30 1.09
N GLN A 66 -7.73 3.43 0.73
CA GLN A 66 -8.59 3.50 -0.44
C GLN A 66 -7.95 4.37 -1.52
N LYS A 67 -8.38 4.14 -2.75
CA LYS A 67 -7.86 4.90 -3.88
C LYS A 67 -8.89 5.96 -4.30
N ARG A 68 -8.49 7.21 -4.12
CA ARG A 68 -9.37 8.32 -4.47
C ARG A 68 -9.89 8.15 -5.89
N GLU A 69 -9.14 7.40 -6.68
CA GLU A 69 -9.52 7.16 -8.07
C GLU A 69 -10.60 6.07 -8.14
N ILE B 8 -14.52 -10.76 13.73
CA ILE B 8 -13.22 -10.80 13.07
C ILE B 8 -13.35 -10.24 11.67
N PRO B 9 -12.61 -9.12 11.42
CA PRO B 9 -12.62 -8.47 10.13
C PRO B 9 -11.81 -9.27 9.10
N PRO B 10 -11.88 -8.80 7.82
CA PRO B 10 -11.16 -9.46 6.75
C PRO B 10 -9.66 -9.16 6.82
N PRO B 11 -8.86 -10.23 6.62
CA PRO B 11 -7.40 -10.09 6.67
C PRO B 11 -6.88 -9.42 5.39
N LEU B 12 -5.78 -8.70 5.56
CA LEU B 12 -5.17 -8.00 4.43
C LEU B 12 -5.03 -8.97 3.25
N PRO B 13 -4.55 -8.41 2.11
CA PRO B 13 -4.36 -9.21 0.91
C PRO B 13 -3.14 -10.11 1.03
N GLU B 14 -3.16 -11.19 0.26
CA GLU B 14 -2.06 -12.15 0.28
C GLU B 14 -0.75 -11.45 -0.11
N ARG B 15 0.34 -11.97 0.43
CA ARG B 15 1.66 -11.41 0.14
C ARG B 15 2.31 -12.15 -1.03
N THR B 16 2.08 -11.60 -2.22
CA THR B 16 2.63 -12.20 -3.43
C THR B 16 4.11 -11.83 -3.57
N PRO B 17 4.92 -12.83 -3.97
CA PRO B 17 6.35 -12.63 -4.16
C PRO B 17 6.62 -11.84 -5.44
N GLU B 18 5.66 -11.87 -6.34
CA GLU B 18 5.78 -11.17 -7.61
C GLU B 18 5.92 -9.67 -7.36
N SER B 19 5.64 -9.27 -6.13
CA SER B 19 5.73 -7.87 -5.75
C SER B 19 7.13 -7.33 -6.04
N PHE B 20 8.10 -8.23 -5.99
CA PHE B 20 9.48 -7.87 -6.25
C PHE B 20 9.65 -7.31 -7.66
N ILE B 21 8.64 -7.57 -8.48
CA ILE B 21 8.66 -7.10 -9.87
C ILE B 21 7.54 -6.09 -10.08
N VAL B 22 7.90 -4.96 -10.68
CA VAL B 22 6.93 -3.91 -10.95
C VAL B 22 6.58 -3.91 -12.44
N VAL B 23 5.31 -4.13 -12.72
CA VAL B 23 4.83 -4.16 -14.09
C VAL B 23 4.97 -2.76 -14.69
N GLU B 24 5.40 -2.73 -15.95
CA GLU B 24 5.57 -1.47 -16.66
C GLU B 24 4.25 -1.05 -17.31
N GLU B 25 3.22 -0.98 -16.48
CA GLU B 25 1.91 -0.58 -16.97
C GLU B 25 1.68 -1.11 -18.39
N SER A 10 2.19 6.78 -11.87
CA SER A 10 2.02 7.39 -10.57
C SER A 10 1.24 8.71 -10.71
N GLY A 11 0.70 9.16 -9.58
CA GLY A 11 -0.05 10.40 -9.56
C GLY A 11 -1.32 10.25 -8.71
N THR A 12 -1.72 9.00 -8.52
CA THR A 12 -2.91 8.72 -7.74
C THR A 12 -2.59 8.81 -6.24
N GLU A 13 -3.52 9.39 -5.51
CA GLU A 13 -3.36 9.54 -4.07
C GLU A 13 -4.21 8.51 -3.32
N CYS A 14 -3.56 7.81 -2.41
CA CYS A 14 -4.25 6.79 -1.62
C CYS A 14 -4.67 7.42 -0.30
N ILE A 15 -5.88 7.09 0.12
CA ILE A 15 -6.42 7.61 1.37
C ILE A 15 -6.50 6.48 2.39
N ALA A 16 -6.02 6.78 3.59
CA ALA A 16 -6.04 5.79 4.67
C ALA A 16 -7.44 5.75 5.28
N LYS A 17 -8.02 4.55 5.26
CA LYS A 17 -9.34 4.36 5.82
C LYS A 17 -9.23 3.62 7.15
N TYR A 18 -8.37 2.61 7.17
CA TYR A 18 -8.17 1.83 8.38
C TYR A 18 -6.75 2.02 8.92
N ASN A 19 -6.58 1.67 10.18
CA ASN A 19 -5.27 1.78 10.82
C ASN A 19 -4.63 0.41 10.90
N PHE A 20 -3.65 0.19 10.03
CA PHE A 20 -2.95 -1.08 9.99
C PHE A 20 -1.44 -0.87 10.16
N HIS A 21 -0.88 -1.56 11.14
CA HIS A 21 0.55 -1.46 11.41
C HIS A 21 1.33 -2.27 10.37
N GLY A 22 2.50 -1.75 10.03
CA GLY A 22 3.35 -2.41 9.04
C GLY A 22 3.28 -3.93 9.20
N THR A 23 3.42 -4.61 8.07
CA THR A 23 3.38 -6.07 8.07
C THR A 23 4.74 -6.64 7.65
N ALA A 24 5.43 -5.87 6.82
CA ALA A 24 6.74 -6.29 6.34
C ALA A 24 7.69 -5.09 6.37
N GLU A 25 8.97 -5.39 6.50
CA GLU A 25 9.99 -4.35 6.54
C GLU A 25 9.93 -3.50 5.27
N GLN A 26 9.57 -4.15 4.18
CA GLN A 26 9.47 -3.46 2.90
C GLN A 26 8.13 -2.73 2.79
N ASP A 27 7.21 -3.11 3.68
CA ASP A 27 5.90 -2.49 3.70
C ASP A 27 5.97 -1.14 4.42
N LEU A 28 4.84 -0.47 4.46
CA LEU A 28 4.76 0.83 5.11
C LEU A 28 3.51 0.88 5.98
N PRO A 29 3.66 1.47 7.19
CA PRO A 29 2.55 1.60 8.12
C PRO A 29 1.59 2.69 7.67
N PHE A 30 0.30 2.39 7.79
CA PHE A 30 -0.73 3.34 7.39
C PHE A 30 -1.59 3.74 8.60
N CYS A 31 -1.91 5.02 8.66
CA CYS A 31 -2.73 5.53 9.75
C CYS A 31 -3.92 6.27 9.15
N LYS A 32 -5.10 5.72 9.39
CA LYS A 32 -6.32 6.31 8.87
C LYS A 32 -6.17 7.84 8.82
N GLY A 33 -6.51 8.39 7.67
CA GLY A 33 -6.41 9.83 7.47
C GLY A 33 -5.11 10.19 6.74
N ASP A 34 -4.17 9.27 6.78
CA ASP A 34 -2.88 9.47 6.14
C ASP A 34 -3.04 9.27 4.63
N VAL A 35 -2.36 10.11 3.87
CA VAL A 35 -2.42 10.04 2.42
C VAL A 35 -1.05 9.63 1.89
N LEU A 36 -1.08 8.75 0.89
CA LEU A 36 0.15 8.27 0.29
C LEU A 36 0.06 8.42 -1.23
N THR A 37 1.21 8.29 -1.88
CA THR A 37 1.26 8.40 -3.33
C THR A 37 1.63 7.06 -3.96
N ILE A 38 0.89 6.69 -5.00
CA ILE A 38 1.13 5.44 -5.69
C ILE A 38 2.45 5.53 -6.46
N VAL A 39 3.25 4.48 -6.32
CA VAL A 39 4.54 4.43 -6.98
C VAL A 39 4.54 3.28 -8.00
N ALA A 40 3.84 2.21 -7.62
CA ALA A 40 3.75 1.04 -8.48
C ALA A 40 2.73 0.07 -7.90
N VAL A 41 2.27 -0.83 -8.76
CA VAL A 41 1.29 -1.83 -8.35
C VAL A 41 2.02 -3.13 -7.98
N THR A 42 1.26 -4.04 -7.39
CA THR A 42 1.81 -5.32 -6.99
C THR A 42 1.06 -6.47 -7.67
N LYS A 43 1.59 -7.67 -7.49
CA LYS A 43 0.98 -8.85 -8.08
C LYS A 43 -0.40 -9.09 -7.44
N ASP A 44 -0.56 -8.53 -6.25
CA ASP A 44 -1.80 -8.67 -5.52
C ASP A 44 -2.72 -7.50 -5.85
N PRO A 45 -4.04 -7.70 -5.58
CA PRO A 45 -5.03 -6.67 -5.85
C PRO A 45 -4.96 -5.56 -4.81
N ASN A 46 -5.31 -5.91 -3.58
CA ASN A 46 -5.28 -4.96 -2.49
C ASN A 46 -3.84 -4.79 -2.00
N TRP A 47 -2.95 -4.60 -2.95
CA TRP A 47 -1.54 -4.43 -2.62
C TRP A 47 -0.94 -3.44 -3.63
N TYR A 48 -0.33 -2.39 -3.10
CA TYR A 48 0.29 -1.38 -3.94
C TYR A 48 1.44 -0.69 -3.21
N LYS A 49 2.48 -0.37 -3.97
CA LYS A 49 3.65 0.28 -3.42
C LYS A 49 3.49 1.81 -3.58
N ALA A 50 3.54 2.49 -2.45
CA ALA A 50 3.42 3.94 -2.44
C ALA A 50 4.42 4.54 -1.47
N LYS A 51 4.54 5.86 -1.51
CA LYS A 51 5.46 6.56 -0.64
C LYS A 51 4.69 7.53 0.25
N ASN A 52 5.30 7.88 1.37
CA ASN A 52 4.67 8.80 2.30
C ASN A 52 5.23 10.21 2.09
N LYS A 53 4.70 11.15 2.85
CA LYS A 53 5.14 12.53 2.76
C LYS A 53 6.53 12.67 3.36
N VAL A 54 6.94 11.62 4.06
CA VAL A 54 8.24 11.61 4.69
C VAL A 54 9.31 11.18 3.67
N GLY A 55 8.82 10.76 2.51
CA GLY A 55 9.71 10.33 1.45
C GLY A 55 9.91 8.82 1.48
N ARG A 56 9.21 8.17 2.41
CA ARG A 56 9.31 6.73 2.55
C ARG A 56 8.65 6.03 1.36
N GLU A 57 9.20 4.87 1.04
CA GLU A 57 8.68 4.09 -0.08
C GLU A 57 8.59 2.61 0.30
N GLY A 58 7.44 2.02 0.03
CA GLY A 58 7.22 0.63 0.33
C GLY A 58 5.83 0.18 -0.13
N ILE A 59 5.44 -1.00 0.33
CA ILE A 59 4.15 -1.56 -0.03
C ILE A 59 3.18 -1.39 1.15
N ILE A 60 1.90 -1.25 0.82
CA ILE A 60 0.88 -1.09 1.83
C ILE A 60 -0.38 -1.82 1.39
N PRO A 61 -1.07 -2.43 2.40
CA PRO A 61 -2.30 -3.17 2.12
C PRO A 61 -3.46 -2.22 1.85
N ALA A 62 -3.98 -2.30 0.65
CA ALA A 62 -5.10 -1.46 0.24
C ALA A 62 -6.32 -1.80 1.10
N ASN A 63 -6.21 -2.92 1.82
CA ASN A 63 -7.29 -3.36 2.68
C ASN A 63 -7.55 -2.30 3.75
N TYR A 64 -6.63 -1.35 3.84
CA TYR A 64 -6.75 -0.29 4.82
C TYR A 64 -6.64 1.09 4.15
N VAL A 65 -6.45 1.06 2.84
CA VAL A 65 -6.32 2.29 2.07
C VAL A 65 -7.00 2.10 0.71
N GLN A 66 -7.59 3.18 0.22
CA GLN A 66 -8.27 3.15 -1.06
C GLN A 66 -7.72 4.25 -1.97
N LYS A 67 -7.77 3.97 -3.27
CA LYS A 67 -7.29 4.93 -4.25
C LYS A 67 -8.36 6.01 -4.48
N ARG A 68 -8.06 7.20 -4.00
CA ARG A 68 -8.98 8.32 -4.15
C ARG A 68 -9.42 8.45 -5.61
N GLU A 69 -8.60 7.89 -6.49
CA GLU A 69 -8.90 7.94 -7.92
C GLU A 69 -9.38 6.58 -8.41
N ILE B 8 -12.73 -9.07 15.77
CA ILE B 8 -11.43 -9.11 15.11
C ILE B 8 -11.61 -9.48 13.64
N PRO B 9 -11.29 -8.50 12.75
CA PRO B 9 -11.43 -8.72 11.32
C PRO B 9 -10.30 -9.61 10.80
N PRO B 10 -10.42 -9.97 9.49
CA PRO B 10 -9.41 -10.82 8.86
C PRO B 10 -8.14 -10.03 8.57
N PRO B 11 -6.99 -10.76 8.56
CA PRO B 11 -5.70 -10.15 8.30
C PRO B 11 -5.53 -9.82 6.82
N LEU B 12 -4.76 -8.78 6.56
CA LEU B 12 -4.52 -8.35 5.19
C LEU B 12 -4.15 -9.57 4.33
N PRO B 13 -4.01 -9.32 3.01
CA PRO B 13 -3.67 -10.37 2.08
C PRO B 13 -2.18 -10.75 2.20
N GLU B 14 -1.89 -12.00 1.90
CA GLU B 14 -0.53 -12.50 1.97
C GLU B 14 0.39 -11.64 1.09
N ARG B 15 1.33 -10.99 1.75
CA ARG B 15 2.28 -10.14 1.04
C ARG B 15 3.16 -10.97 0.12
N THR B 16 2.67 -11.17 -1.10
CA THR B 16 3.40 -11.95 -2.09
C THR B 16 4.67 -11.22 -2.51
N PRO B 17 5.71 -12.03 -2.85
CA PRO B 17 6.99 -11.48 -3.26
C PRO B 17 6.91 -10.92 -4.68
N GLU B 18 5.84 -11.31 -5.38
CA GLU B 18 5.63 -10.85 -6.75
C GLU B 18 5.50 -9.33 -6.78
N SER B 19 5.30 -8.75 -5.60
CA SER B 19 5.14 -7.31 -5.48
C SER B 19 6.36 -6.60 -6.07
N PHE B 20 7.50 -7.27 -5.96
CA PHE B 20 8.74 -6.71 -6.49
C PHE B 20 8.61 -6.39 -7.98
N ILE B 21 7.58 -6.97 -8.58
CA ILE B 21 7.35 -6.75 -10.00
C ILE B 21 6.03 -5.99 -10.18
N VAL B 22 6.10 -4.93 -10.98
CA VAL B 22 4.93 -4.12 -11.25
C VAL B 22 4.19 -4.67 -12.46
N VAL B 23 2.87 -4.76 -12.32
CA VAL B 23 2.04 -5.27 -13.40
C VAL B 23 2.08 -4.29 -14.58
N GLU B 24 2.58 -4.77 -15.70
CA GLU B 24 2.68 -3.95 -16.89
C GLU B 24 1.32 -3.85 -17.59
N GLU B 25 0.33 -3.42 -16.82
CA GLU B 25 -1.02 -3.28 -17.35
C GLU B 25 -1.34 -4.43 -18.31
N SER A 10 1.71 7.65 -12.77
CA SER A 10 1.41 7.78 -11.35
C SER A 10 0.77 9.14 -11.07
N GLY A 11 0.58 9.41 -9.79
CA GLY A 11 -0.03 10.67 -9.37
C GLY A 11 -1.32 10.43 -8.60
N THR A 12 -1.56 9.17 -8.30
CA THR A 12 -2.76 8.79 -7.57
C THR A 12 -2.52 8.93 -6.06
N GLU A 13 -3.53 9.46 -5.38
CA GLU A 13 -3.44 9.66 -3.94
C GLU A 13 -4.37 8.68 -3.22
N CYS A 14 -3.79 7.95 -2.28
CA CYS A 14 -4.55 6.97 -1.52
C CYS A 14 -4.81 7.56 -0.12
N ILE A 15 -5.97 7.22 0.41
CA ILE A 15 -6.36 7.70 1.72
C ILE A 15 -6.41 6.52 2.70
N ALA A 16 -5.78 6.72 3.85
CA ALA A 16 -5.75 5.68 4.86
C ALA A 16 -7.09 5.67 5.63
N LYS A 17 -7.68 4.50 5.70
CA LYS A 17 -8.95 4.34 6.39
C LYS A 17 -8.74 3.53 7.67
N TYR A 18 -7.98 2.45 7.52
CA TYR A 18 -7.70 1.59 8.66
C TYR A 18 -6.28 1.84 9.20
N ASN A 19 -6.21 1.94 10.52
CA ASN A 19 -4.93 2.18 11.18
C ASN A 19 -4.09 0.89 11.13
N PHE A 20 -3.48 0.66 9.97
CA PHE A 20 -2.65 -0.52 9.79
C PHE A 20 -1.28 -0.32 10.43
N HIS A 21 -1.15 -0.84 11.64
CA HIS A 21 0.09 -0.74 12.39
C HIS A 21 1.26 -1.13 11.46
N GLY A 22 1.10 -2.26 10.80
CA GLY A 22 2.12 -2.75 9.89
C GLY A 22 2.21 -4.28 9.95
N THR A 23 2.63 -4.85 8.84
CA THR A 23 2.76 -6.29 8.74
C THR A 23 4.24 -6.68 8.51
N ALA A 24 4.91 -5.83 7.76
CA ALA A 24 6.32 -6.07 7.46
C ALA A 24 7.02 -4.73 7.23
N GLU A 25 8.31 -4.73 7.53
CA GLU A 25 9.11 -3.52 7.36
C GLU A 25 9.15 -3.10 5.88
N GLN A 26 8.68 -4.01 5.04
CA GLN A 26 8.66 -3.75 3.60
C GLN A 26 7.41 -2.94 3.24
N ASP A 27 6.42 -3.02 4.11
CA ASP A 27 5.17 -2.30 3.89
C ASP A 27 5.36 -0.82 4.24
N LEU A 28 4.25 -0.12 4.32
CA LEU A 28 4.29 1.30 4.65
C LEU A 28 3.24 1.60 5.73
N PRO A 29 3.72 1.67 6.99
CA PRO A 29 2.83 1.95 8.12
C PRO A 29 2.43 3.43 8.14
N PHE A 30 1.13 3.64 8.27
CA PHE A 30 0.60 4.99 8.30
C PHE A 30 -0.53 5.10 9.34
N CYS A 31 -1.13 6.29 9.39
CA CYS A 31 -2.22 6.54 10.31
C CYS A 31 -3.44 6.98 9.51
N LYS A 32 -4.58 6.41 9.85
CA LYS A 32 -5.83 6.74 9.18
C LYS A 32 -5.90 8.25 8.95
N GLY A 33 -6.28 8.62 7.73
CA GLY A 33 -6.39 10.03 7.39
C GLY A 33 -5.16 10.50 6.61
N ASP A 34 -4.11 9.71 6.70
CA ASP A 34 -2.87 10.03 6.01
C ASP A 34 -3.03 9.75 4.52
N VAL A 35 -2.40 10.60 3.72
CA VAL A 35 -2.46 10.46 2.27
C VAL A 35 -1.09 10.03 1.75
N LEU A 36 -1.11 9.09 0.82
CA LEU A 36 0.11 8.60 0.23
C LEU A 36 -0.02 8.60 -1.30
N THR A 37 1.13 8.58 -1.96
CA THR A 37 1.16 8.58 -3.41
C THR A 37 1.59 7.22 -3.94
N ILE A 38 0.86 6.74 -4.93
CA ILE A 38 1.17 5.46 -5.54
C ILE A 38 2.50 5.53 -6.26
N VAL A 39 3.30 4.48 -6.07
CA VAL A 39 4.62 4.43 -6.70
C VAL A 39 4.60 3.36 -7.80
N ALA A 40 3.87 2.28 -7.53
CA ALA A 40 3.77 1.19 -8.48
C ALA A 40 2.80 0.14 -7.93
N VAL A 41 2.29 -0.67 -8.84
CA VAL A 41 1.36 -1.72 -8.46
C VAL A 41 2.08 -3.07 -8.45
N THR A 42 1.62 -3.95 -7.58
CA THR A 42 2.22 -5.27 -7.45
C THR A 42 1.44 -6.29 -8.29
N LYS A 43 2.00 -7.48 -8.37
CA LYS A 43 1.37 -8.55 -9.13
C LYS A 43 0.01 -8.89 -8.50
N ASP A 44 -0.03 -8.77 -7.17
CA ASP A 44 -1.25 -9.06 -6.45
C ASP A 44 -2.06 -7.77 -6.29
N PRO A 45 -3.41 -7.93 -6.27
CA PRO A 45 -4.30 -6.80 -6.12
C PRO A 45 -4.31 -6.29 -4.68
N ASN A 46 -4.81 -5.07 -4.52
CA ASN A 46 -4.89 -4.46 -3.20
C ASN A 46 -3.47 -4.10 -2.74
N TRP A 47 -2.54 -4.99 -3.03
CA TRP A 47 -1.15 -4.79 -2.65
C TRP A 47 -0.51 -3.85 -3.67
N TYR A 48 -0.01 -2.73 -3.17
CA TYR A 48 0.62 -1.75 -4.03
C TYR A 48 1.74 -1.01 -3.29
N LYS A 49 2.79 -0.69 -4.02
CA LYS A 49 3.92 0.02 -3.44
C LYS A 49 3.73 1.52 -3.64
N ALA A 50 3.71 2.23 -2.52
CA ALA A 50 3.54 3.67 -2.54
C ALA A 50 4.51 4.32 -1.57
N LYS A 51 4.60 5.63 -1.65
CA LYS A 51 5.49 6.38 -0.78
C LYS A 51 4.67 7.37 0.06
N ASN A 52 5.24 7.76 1.18
CA ASN A 52 4.58 8.70 2.07
C ASN A 52 5.11 10.11 1.82
N LYS A 53 4.55 11.07 2.54
CA LYS A 53 4.95 12.45 2.40
C LYS A 53 6.35 12.63 3.00
N VAL A 54 6.79 11.61 3.70
CA VAL A 54 8.11 11.65 4.33
C VAL A 54 9.16 11.21 3.31
N GLY A 55 8.68 10.65 2.21
CA GLY A 55 9.57 10.18 1.16
C GLY A 55 9.86 8.68 1.31
N ARG A 56 9.22 8.09 2.30
CA ARG A 56 9.41 6.67 2.56
C ARG A 56 8.76 5.84 1.44
N GLU A 57 9.33 4.67 1.21
CA GLU A 57 8.83 3.78 0.18
C GLU A 57 8.50 2.41 0.79
N GLY A 58 7.28 1.96 0.54
CA GLY A 58 6.83 0.67 1.04
C GLY A 58 5.48 0.27 0.43
N ILE A 59 5.09 -0.96 0.70
CA ILE A 59 3.83 -1.47 0.18
C ILE A 59 2.74 -1.29 1.24
N ILE A 60 1.52 -1.07 0.75
CA ILE A 60 0.39 -0.89 1.64
C ILE A 60 -0.84 -1.57 1.04
N PRO A 61 -1.52 -2.39 1.88
CA PRO A 61 -2.71 -3.11 1.45
C PRO A 61 -3.91 -2.17 1.35
N ALA A 62 -4.52 -2.15 0.17
CA ALA A 62 -5.67 -1.30 -0.06
C ALA A 62 -6.75 -1.61 0.98
N ASN A 63 -6.61 -2.77 1.60
CA ASN A 63 -7.55 -3.20 2.61
C ASN A 63 -7.51 -2.24 3.80
N TYR A 64 -6.50 -1.37 3.78
CA TYR A 64 -6.34 -0.39 4.84
C TYR A 64 -6.26 1.02 4.27
N VAL A 65 -6.25 1.09 2.94
CA VAL A 65 -6.18 2.36 2.26
C VAL A 65 -7.01 2.30 0.97
N GLN A 66 -7.59 3.44 0.62
CA GLN A 66 -8.41 3.53 -0.57
C GLN A 66 -7.76 4.46 -1.59
N LYS A 67 -8.06 4.20 -2.86
CA LYS A 67 -7.50 5.00 -3.94
C LYS A 67 -8.54 6.03 -4.38
N ARG A 68 -8.21 7.29 -4.15
CA ARG A 68 -9.09 8.39 -4.52
C ARG A 68 -9.33 8.38 -6.03
N GLU A 69 -8.40 7.79 -6.75
CA GLU A 69 -8.50 7.72 -8.20
C GLU A 69 -8.99 6.34 -8.63
N ILE B 8 -14.18 -8.79 13.82
CA ILE B 8 -12.84 -9.05 13.31
C ILE B 8 -12.91 -9.19 11.79
N PRO B 9 -12.30 -8.19 11.09
CA PRO B 9 -12.27 -8.21 9.63
C PRO B 9 -11.29 -9.25 9.11
N PRO B 10 -11.29 -9.41 7.76
CA PRO B 10 -10.40 -10.36 7.11
C PRO B 10 -8.97 -9.84 7.08
N PRO B 11 -8.00 -10.80 7.00
CA PRO B 11 -6.59 -10.44 6.96
C PRO B 11 -6.20 -9.90 5.59
N LEU B 12 -5.23 -9.01 5.59
CA LEU B 12 -4.74 -8.41 4.36
C LEU B 12 -4.49 -9.52 3.32
N PRO B 13 -4.13 -9.07 2.09
CA PRO B 13 -3.85 -10.01 1.01
C PRO B 13 -2.49 -10.68 1.21
N GLU B 14 -2.36 -11.85 0.60
CA GLU B 14 -1.11 -12.60 0.69
C GLU B 14 0.06 -11.74 0.22
N ARG B 15 1.00 -11.54 1.11
CA ARG B 15 2.19 -10.75 0.79
C ARG B 15 3.03 -11.45 -0.26
N THR B 16 2.58 -11.34 -1.51
CA THR B 16 3.27 -11.96 -2.62
C THR B 16 4.65 -11.33 -2.81
N PRO B 17 5.67 -12.20 -3.03
CA PRO B 17 7.03 -11.73 -3.24
C PRO B 17 7.19 -11.12 -4.63
N GLU B 18 6.30 -11.51 -5.52
CA GLU B 18 6.34 -11.00 -6.89
C GLU B 18 6.19 -9.48 -6.89
N SER B 19 5.82 -8.95 -5.74
CA SER B 19 5.63 -7.51 -5.60
C SER B 19 6.92 -6.78 -6.00
N PHE B 20 8.04 -7.43 -5.76
CA PHE B 20 9.33 -6.86 -6.10
C PHE B 20 9.41 -6.51 -7.58
N ILE B 21 8.47 -7.06 -8.34
CA ILE B 21 8.42 -6.81 -9.77
C ILE B 21 7.14 -6.05 -10.10
N VAL B 22 7.30 -4.99 -10.88
CA VAL B 22 6.17 -4.17 -11.28
C VAL B 22 5.73 -4.58 -12.70
N VAL B 23 4.42 -4.74 -12.85
CA VAL B 23 3.88 -5.13 -14.14
C VAL B 23 4.05 -3.97 -15.12
N GLU B 24 4.82 -4.23 -16.17
CA GLU B 24 5.07 -3.23 -17.19
C GLU B 24 3.88 -3.12 -18.13
N GLU B 25 2.71 -2.87 -17.55
CA GLU B 25 1.50 -2.74 -18.33
C GLU B 25 1.50 -3.74 -19.48
N SER A 10 0.70 6.40 -11.64
CA SER A 10 1.64 7.29 -10.97
C SER A 10 1.01 8.67 -10.81
N GLY A 11 0.68 9.00 -9.57
CA GLY A 11 0.09 10.28 -9.27
C GLY A 11 -1.19 10.12 -8.46
N THR A 12 -1.58 8.86 -8.26
CA THR A 12 -2.78 8.55 -7.51
C THR A 12 -2.51 8.68 -6.01
N GLU A 13 -3.48 9.26 -5.32
CA GLU A 13 -3.36 9.45 -3.88
C GLU A 13 -4.38 8.58 -3.15
N CYS A 14 -3.88 7.78 -2.23
CA CYS A 14 -4.72 6.90 -1.46
C CYS A 14 -4.91 7.50 -0.06
N ILE A 15 -6.03 7.15 0.57
CA ILE A 15 -6.32 7.65 1.89
C ILE A 15 -6.43 6.47 2.86
N ALA A 16 -5.75 6.61 3.99
CA ALA A 16 -5.76 5.57 5.00
C ALA A 16 -7.05 5.67 5.82
N LYS A 17 -7.63 4.51 6.11
CA LYS A 17 -8.86 4.45 6.88
C LYS A 17 -8.68 3.47 8.04
N TYR A 18 -8.09 2.33 7.73
CA TYR A 18 -7.86 1.32 8.74
C TYR A 18 -6.36 1.10 8.97
N ASN A 19 -6.04 0.69 10.19
CA ASN A 19 -4.65 0.45 10.56
C ASN A 19 -4.35 -1.05 10.42
N PHE A 20 -3.55 -1.37 9.42
CA PHE A 20 -3.18 -2.75 9.18
C PHE A 20 -1.83 -3.08 9.83
N HIS A 21 -0.87 -2.21 9.59
CA HIS A 21 0.47 -2.39 10.15
C HIS A 21 1.29 -3.27 9.21
N GLY A 22 2.11 -2.61 8.40
CA GLY A 22 2.95 -3.33 7.46
C GLY A 22 3.41 -4.67 8.03
N THR A 23 3.49 -5.66 7.14
CA THR A 23 3.90 -6.98 7.55
C THR A 23 5.20 -7.39 6.83
N ALA A 24 5.33 -6.90 5.60
CA ALA A 24 6.50 -7.20 4.80
C ALA A 24 7.60 -6.19 5.13
N GLU A 25 8.84 -6.61 4.91
CA GLU A 25 9.98 -5.76 5.18
C GLU A 25 9.90 -4.49 4.33
N GLN A 26 9.26 -4.61 3.19
CA GLN A 26 9.09 -3.48 2.29
C GLN A 26 7.77 -2.77 2.57
N ASP A 27 6.92 -3.43 3.32
CA ASP A 27 5.62 -2.88 3.66
C ASP A 27 5.80 -1.77 4.69
N LEU A 28 5.08 -0.68 4.47
CA LEU A 28 5.15 0.47 5.37
C LEU A 28 3.78 0.70 6.00
N PRO A 29 3.78 0.81 7.35
CA PRO A 29 2.54 1.03 8.08
C PRO A 29 2.07 2.49 7.93
N PHE A 30 0.76 2.66 8.00
CA PHE A 30 0.17 3.98 7.87
C PHE A 30 -0.99 4.16 8.85
N CYS A 31 -1.34 5.41 9.07
CA CYS A 31 -2.44 5.74 9.98
C CYS A 31 -3.56 6.39 9.18
N LYS A 32 -4.79 6.09 9.57
CA LYS A 32 -5.95 6.63 8.89
C LYS A 32 -5.79 8.15 8.79
N GLY A 33 -6.34 8.70 7.71
CA GLY A 33 -6.27 10.13 7.47
C GLY A 33 -5.01 10.50 6.69
N ASP A 34 -4.02 9.62 6.78
CA ASP A 34 -2.77 9.85 6.09
C ASP A 34 -2.95 9.55 4.59
N VAL A 35 -2.31 10.37 3.78
CA VAL A 35 -2.40 10.21 2.34
C VAL A 35 -1.04 9.76 1.79
N LEU A 36 -1.10 8.82 0.86
CA LEU A 36 0.11 8.28 0.25
C LEU A 36 -0.02 8.34 -1.27
N THR A 37 1.13 8.42 -1.92
CA THR A 37 1.16 8.48 -3.38
C THR A 37 1.68 7.17 -3.95
N ILE A 38 0.99 6.71 -4.99
CA ILE A 38 1.38 5.46 -5.64
C ILE A 38 2.74 5.64 -6.32
N VAL A 39 3.60 4.65 -6.11
CA VAL A 39 4.94 4.69 -6.69
C VAL A 39 5.05 3.57 -7.74
N ALA A 40 4.34 2.48 -7.48
CA ALA A 40 4.38 1.35 -8.39
C ALA A 40 3.38 0.29 -7.90
N VAL A 41 2.91 -0.51 -8.84
CA VAL A 41 1.96 -1.56 -8.52
C VAL A 41 2.70 -2.89 -8.36
N THR A 42 2.09 -3.79 -7.60
CA THR A 42 2.69 -5.09 -7.37
C THR A 42 1.92 -6.17 -8.12
N LYS A 43 2.50 -7.36 -8.16
CA LYS A 43 1.88 -8.49 -8.84
C LYS A 43 0.40 -8.52 -8.50
N ASP A 44 0.10 -8.26 -7.23
CA ASP A 44 -1.27 -8.27 -6.77
C ASP A 44 -1.85 -6.86 -6.87
N PRO A 45 -3.20 -6.80 -7.02
CA PRO A 45 -3.89 -5.53 -7.14
C PRO A 45 -3.98 -4.82 -5.78
N ASN A 46 -4.94 -5.28 -4.99
CA ASN A 46 -5.15 -4.71 -3.66
C ASN A 46 -3.79 -4.28 -3.09
N TRP A 47 -2.77 -5.05 -3.40
CA TRP A 47 -1.43 -4.76 -2.92
C TRP A 47 -0.82 -3.70 -3.85
N TYR A 48 -0.54 -2.54 -3.28
CA TYR A 48 0.04 -1.45 -4.04
C TYR A 48 1.21 -0.82 -3.28
N LYS A 49 2.21 -0.38 -4.03
CA LYS A 49 3.38 0.24 -3.45
C LYS A 49 3.28 1.76 -3.62
N ALA A 50 3.32 2.45 -2.48
CA ALA A 50 3.24 3.90 -2.49
C ALA A 50 4.29 4.47 -1.54
N LYS A 51 4.46 5.78 -1.61
CA LYS A 51 5.43 6.46 -0.76
C LYS A 51 4.71 7.52 0.07
N ASN A 52 5.34 7.87 1.19
CA ASN A 52 4.77 8.87 2.08
C ASN A 52 5.38 10.24 1.76
N LYS A 53 4.89 11.25 2.47
CA LYS A 53 5.36 12.61 2.27
C LYS A 53 6.80 12.72 2.81
N VAL A 54 7.22 11.69 3.52
CA VAL A 54 8.55 11.67 4.09
C VAL A 54 9.54 11.16 3.04
N GLY A 55 8.99 10.60 1.98
CA GLY A 55 9.81 10.07 0.89
C GLY A 55 10.03 8.56 1.05
N ARG A 56 9.41 8.01 2.08
CA ARG A 56 9.52 6.59 2.36
C ARG A 56 8.76 5.79 1.30
N GLU A 57 9.35 4.68 0.89
CA GLU A 57 8.75 3.82 -0.11
C GLU A 57 8.43 2.45 0.49
N GLY A 58 7.15 2.09 0.43
CA GLY A 58 6.71 0.81 0.96
C GLY A 58 5.36 0.41 0.36
N ILE A 59 4.98 -0.83 0.62
CA ILE A 59 3.71 -1.35 0.12
C ILE A 59 2.65 -1.22 1.21
N ILE A 60 1.41 -1.05 0.77
CA ILE A 60 0.30 -0.93 1.70
C ILE A 60 -0.94 -1.58 1.09
N PRO A 61 -1.61 -2.42 1.92
CA PRO A 61 -2.81 -3.11 1.48
C PRO A 61 -4.01 -2.16 1.44
N ALA A 62 -4.58 -2.04 0.25
CA ALA A 62 -5.73 -1.16 0.06
C ALA A 62 -6.87 -1.63 0.96
N ASN A 63 -6.70 -2.82 1.50
CA ASN A 63 -7.71 -3.40 2.39
C ASN A 63 -7.90 -2.48 3.60
N TYR A 64 -6.96 -1.56 3.76
CA TYR A 64 -7.01 -0.63 4.86
C TYR A 64 -6.89 0.82 4.37
N VAL A 65 -6.75 0.95 3.06
CA VAL A 65 -6.62 2.27 2.45
C VAL A 65 -7.35 2.27 1.11
N GLN A 66 -7.93 3.41 0.79
CA GLN A 66 -8.66 3.57 -0.45
C GLN A 66 -7.87 4.43 -1.43
N LYS A 67 -8.12 4.21 -2.71
CA LYS A 67 -7.45 4.96 -3.76
C LYS A 67 -8.40 5.99 -4.34
N ARG A 68 -8.08 7.26 -4.11
CA ARG A 68 -8.90 8.35 -4.61
C ARG A 68 -9.16 8.17 -6.10
N GLU A 69 -8.25 7.46 -6.76
CA GLU A 69 -8.37 7.21 -8.19
C GLU A 69 -9.06 5.87 -8.43
N ILE B 8 -13.08 -13.69 13.09
CA ILE B 8 -11.88 -13.02 12.64
C ILE B 8 -12.21 -12.16 11.42
N PRO B 9 -11.60 -10.94 11.37
CA PRO B 9 -11.82 -10.02 10.28
C PRO B 9 -11.07 -10.47 9.03
N PRO B 10 -11.32 -9.74 7.91
CA PRO B 10 -10.67 -10.06 6.64
C PRO B 10 -9.20 -9.61 6.66
N PRO B 11 -8.31 -10.62 6.54
CA PRO B 11 -6.87 -10.35 6.53
C PRO B 11 -6.43 -9.75 5.19
N LEU B 12 -5.40 -8.94 5.26
CA LEU B 12 -4.87 -8.31 4.06
C LEU B 12 -4.70 -9.36 2.96
N PRO B 13 -4.31 -8.87 1.75
CA PRO B 13 -4.11 -9.75 0.62
C PRO B 13 -2.80 -10.54 0.76
N GLU B 14 -2.75 -11.68 0.08
CA GLU B 14 -1.57 -12.52 0.12
C GLU B 14 -0.31 -11.69 -0.14
N ARG B 15 0.69 -11.91 0.70
CA ARG B 15 1.94 -11.19 0.58
C ARG B 15 2.87 -11.90 -0.41
N THR B 16 2.67 -11.60 -1.69
CA THR B 16 3.46 -12.20 -2.73
C THR B 16 4.83 -11.51 -2.82
N PRO B 17 5.88 -12.35 -3.04
CA PRO B 17 7.24 -11.84 -3.14
C PRO B 17 7.46 -11.16 -4.49
N GLU B 18 6.61 -11.51 -5.44
CA GLU B 18 6.71 -10.94 -6.78
C GLU B 18 6.45 -9.44 -6.74
N SER B 19 5.95 -8.99 -5.59
CA SER B 19 5.66 -7.57 -5.41
C SER B 19 6.94 -6.76 -5.54
N PHE B 20 8.04 -7.37 -5.16
CA PHE B 20 9.34 -6.71 -5.22
C PHE B 20 9.64 -6.23 -6.64
N ILE B 21 8.87 -6.76 -7.58
CA ILE B 21 9.04 -6.40 -8.98
C ILE B 21 7.80 -5.68 -9.47
N VAL B 22 8.03 -4.53 -10.11
CA VAL B 22 6.94 -3.75 -10.64
C VAL B 22 6.78 -4.02 -12.14
N VAL B 23 5.58 -4.42 -12.52
CA VAL B 23 5.30 -4.71 -13.91
C VAL B 23 5.37 -3.42 -14.73
N GLU B 24 6.15 -3.48 -15.80
CA GLU B 24 6.32 -2.34 -16.67
C GLU B 24 5.11 -2.19 -17.59
N GLU B 25 3.94 -2.09 -16.97
CA GLU B 25 2.70 -1.94 -17.72
C GLU B 25 2.93 -1.08 -18.96
N SER A 10 3.99 12.56 -9.78
CA SER A 10 2.93 12.08 -8.91
C SER A 10 2.12 11.01 -9.64
N GLY A 11 1.08 10.53 -8.94
CA GLY A 11 0.22 9.51 -9.51
C GLY A 11 -1.16 9.54 -8.86
N THR A 12 -1.49 8.46 -8.16
CA THR A 12 -2.77 8.36 -7.49
C THR A 12 -2.61 8.55 -5.98
N GLU A 13 -3.55 9.28 -5.40
CA GLU A 13 -3.51 9.53 -3.97
C GLU A 13 -4.42 8.56 -3.23
N CYS A 14 -3.82 7.80 -2.32
CA CYS A 14 -4.57 6.83 -1.55
C CYS A 14 -4.88 7.44 -0.18
N ILE A 15 -6.11 7.23 0.27
CA ILE A 15 -6.54 7.75 1.55
C ILE A 15 -6.64 6.60 2.55
N ALA A 16 -6.05 6.82 3.72
CA ALA A 16 -6.06 5.82 4.76
C ALA A 16 -7.41 5.86 5.49
N LYS A 17 -7.97 4.68 5.72
CA LYS A 17 -9.24 4.57 6.39
C LYS A 17 -9.08 3.70 7.65
N TYR A 18 -8.31 2.63 7.49
CA TYR A 18 -8.07 1.73 8.60
C TYR A 18 -6.67 1.94 9.19
N ASN A 19 -6.40 1.23 10.27
CA ASN A 19 -5.11 1.33 10.94
C ASN A 19 -4.35 0.02 10.78
N PHE A 20 -3.49 0.00 9.77
CA PHE A 20 -2.69 -1.18 9.48
C PHE A 20 -1.34 -1.12 10.19
N HIS A 21 -1.20 -1.96 11.20
CA HIS A 21 0.04 -2.00 11.97
C HIS A 21 1.20 -2.36 11.04
N GLY A 22 1.05 -3.50 10.37
CA GLY A 22 2.08 -3.96 9.45
C GLY A 22 2.08 -5.49 9.37
N THR A 23 2.51 -5.99 8.21
CA THR A 23 2.55 -7.42 7.99
C THR A 23 3.99 -7.86 7.65
N ALA A 24 4.69 -6.99 6.94
CA ALA A 24 6.05 -7.26 6.54
C ALA A 24 6.87 -5.97 6.61
N GLU A 25 8.14 -6.12 6.93
CA GLU A 25 9.04 -4.98 7.03
C GLU A 25 9.11 -4.26 5.69
N GLN A 26 8.70 -4.95 4.64
CA GLN A 26 8.70 -4.38 3.30
C GLN A 26 7.56 -3.37 3.15
N ASP A 27 6.55 -3.53 3.98
CA ASP A 27 5.40 -2.64 3.95
C ASP A 27 5.73 -1.38 4.74
N LEU A 28 4.72 -0.50 4.84
CA LEU A 28 4.89 0.75 5.56
C LEU A 28 3.68 0.97 6.48
N PRO A 29 3.98 1.23 7.78
CA PRO A 29 2.93 1.46 8.75
C PRO A 29 2.31 2.85 8.57
N PHE A 30 0.98 2.87 8.52
CA PHE A 30 0.26 4.12 8.36
C PHE A 30 -1.02 4.12 9.19
N CYS A 31 -1.57 5.31 9.36
CA CYS A 31 -2.79 5.47 10.13
C CYS A 31 -3.84 6.15 9.23
N LYS A 32 -5.10 5.84 9.53
CA LYS A 32 -6.20 6.41 8.76
C LYS A 32 -6.03 7.93 8.67
N GLY A 33 -6.47 8.48 7.56
CA GLY A 33 -6.38 9.91 7.34
C GLY A 33 -5.09 10.27 6.60
N ASP A 34 -4.11 9.38 6.71
CA ASP A 34 -2.83 9.57 6.06
C ASP A 34 -2.98 9.36 4.56
N VAL A 35 -2.30 10.21 3.80
CA VAL A 35 -2.36 10.13 2.35
C VAL A 35 -1.02 9.61 1.82
N LEU A 36 -1.11 8.71 0.85
CA LEU A 36 0.08 8.12 0.26
C LEU A 36 -0.03 8.20 -1.27
N THR A 37 1.13 8.18 -1.91
CA THR A 37 1.17 8.25 -3.36
C THR A 37 1.60 6.90 -3.95
N ILE A 38 0.86 6.47 -4.96
CA ILE A 38 1.14 5.20 -5.62
C ILE A 38 2.49 5.30 -6.34
N VAL A 39 3.33 4.31 -6.09
CA VAL A 39 4.65 4.26 -6.71
C VAL A 39 4.68 3.13 -7.73
N ALA A 40 3.98 2.05 -7.41
CA ALA A 40 3.93 0.91 -8.29
C ALA A 40 2.94 -0.12 -7.73
N VAL A 41 2.49 -1.01 -8.61
CA VAL A 41 1.55 -2.05 -8.21
C VAL A 41 2.28 -3.38 -8.11
N THR A 42 1.65 -4.31 -7.42
CA THR A 42 2.22 -5.64 -7.24
C THR A 42 1.34 -6.70 -7.90
N LYS A 43 1.85 -7.92 -7.95
CA LYS A 43 1.12 -9.02 -8.54
C LYS A 43 0.01 -9.47 -7.59
N ASP A 44 0.09 -8.95 -6.37
CA ASP A 44 -0.90 -9.29 -5.35
C ASP A 44 -2.02 -8.24 -5.37
N PRO A 45 -3.22 -8.68 -4.90
CA PRO A 45 -4.38 -7.81 -4.86
C PRO A 45 -4.26 -6.79 -3.72
N ASN A 46 -5.05 -5.74 -3.82
CA ASN A 46 -5.03 -4.69 -2.81
C ASN A 46 -3.62 -4.56 -2.24
N TRP A 47 -2.65 -4.71 -3.12
CA TRP A 47 -1.25 -4.59 -2.72
C TRP A 47 -0.55 -3.65 -3.69
N TYR A 48 -0.07 -2.54 -3.16
CA TYR A 48 0.62 -1.55 -3.97
C TYR A 48 1.69 -0.82 -3.15
N LYS A 49 2.80 -0.52 -3.80
CA LYS A 49 3.89 0.18 -3.15
C LYS A 49 3.72 1.69 -3.37
N ALA A 50 3.66 2.40 -2.26
CA ALA A 50 3.51 3.85 -2.31
C ALA A 50 4.51 4.51 -1.36
N LYS A 51 4.61 5.81 -1.46
CA LYS A 51 5.52 6.57 -0.61
C LYS A 51 4.73 7.63 0.15
N ASN A 52 5.31 8.05 1.28
CA ASN A 52 4.67 9.06 2.11
C ASN A 52 5.25 10.44 1.77
N LYS A 53 4.67 11.46 2.39
CA LYS A 53 5.12 12.82 2.17
C LYS A 53 6.49 13.02 2.81
N VAL A 54 6.89 12.03 3.61
CA VAL A 54 8.17 12.09 4.29
C VAL A 54 9.26 11.59 3.34
N GLY A 55 8.83 10.96 2.26
CA GLY A 55 9.75 10.43 1.27
C GLY A 55 9.98 8.92 1.48
N ARG A 56 9.26 8.38 2.45
CA ARG A 56 9.37 6.96 2.76
C ARG A 56 8.76 6.13 1.64
N GLU A 57 9.38 4.99 1.38
CA GLU A 57 8.91 4.10 0.34
C GLU A 57 8.65 2.71 0.92
N GLY A 58 7.42 2.25 0.75
CA GLY A 58 7.03 0.95 1.25
C GLY A 58 5.68 0.51 0.65
N ILE A 59 5.33 -0.74 0.92
CA ILE A 59 4.09 -1.29 0.41
C ILE A 59 3.02 -1.18 1.50
N ILE A 60 1.77 -1.02 1.05
CA ILE A 60 0.66 -0.90 1.97
C ILE A 60 -0.58 -1.57 1.35
N PRO A 61 -1.30 -2.35 2.20
CA PRO A 61 -2.49 -3.04 1.75
C PRO A 61 -3.66 -2.06 1.59
N ALA A 62 -4.22 -2.05 0.39
CA ALA A 62 -5.34 -1.17 0.09
C ALA A 62 -6.53 -1.56 0.98
N ASN A 63 -6.40 -2.70 1.63
CA ASN A 63 -7.45 -3.20 2.50
C ASN A 63 -7.63 -2.21 3.66
N TYR A 64 -6.71 -1.27 3.74
CA TYR A 64 -6.76 -0.27 4.79
C TYR A 64 -6.72 1.15 4.21
N VAL A 65 -6.51 1.21 2.91
CA VAL A 65 -6.44 2.48 2.22
C VAL A 65 -7.21 2.38 0.89
N GLN A 66 -7.83 3.48 0.52
CA GLN A 66 -8.60 3.53 -0.72
C GLN A 66 -7.93 4.48 -1.73
N LYS A 67 -8.26 4.28 -2.99
CA LYS A 67 -7.70 5.11 -4.04
C LYS A 67 -8.72 6.18 -4.45
N ARG A 68 -8.35 7.43 -4.19
CA ARG A 68 -9.21 8.55 -4.51
C ARG A 68 -9.40 8.65 -6.02
N GLU A 69 -8.42 8.14 -6.75
CA GLU A 69 -8.47 8.17 -8.21
C GLU A 69 -8.98 6.83 -8.74
N ILE B 8 -11.97 -15.60 13.86
CA ILE B 8 -10.84 -14.95 13.20
C ILE B 8 -11.37 -14.13 12.02
N PRO B 9 -10.93 -12.84 11.99
CA PRO B 9 -11.35 -11.94 10.92
C PRO B 9 -10.60 -12.26 9.61
N PRO B 10 -11.02 -11.55 8.53
CA PRO B 10 -10.40 -11.74 7.24
C PRO B 10 -9.01 -11.10 7.17
N PRO B 11 -7.98 -11.97 7.02
CA PRO B 11 -6.61 -11.49 6.95
C PRO B 11 -6.32 -10.85 5.59
N LEU B 12 -5.41 -9.89 5.61
CA LEU B 12 -5.04 -9.19 4.39
C LEU B 12 -4.73 -10.22 3.29
N PRO B 13 -4.45 -9.69 2.07
CA PRO B 13 -4.14 -10.55 0.95
C PRO B 13 -2.72 -11.11 1.06
N GLU B 14 -2.55 -12.29 0.48
CA GLU B 14 -1.24 -12.95 0.51
C GLU B 14 -0.17 -12.01 -0.04
N ARG B 15 1.03 -12.16 0.52
CA ARG B 15 2.15 -11.33 0.10
C ARG B 15 3.03 -12.09 -0.89
N THR B 16 2.58 -12.07 -2.15
CA THR B 16 3.31 -12.75 -3.20
C THR B 16 4.65 -12.05 -3.47
N PRO B 17 5.66 -12.87 -3.85
CA PRO B 17 6.99 -12.33 -4.15
C PRO B 17 7.00 -11.62 -5.50
N GLU B 18 5.95 -11.86 -6.26
CA GLU B 18 5.83 -11.25 -7.58
C GLU B 18 5.79 -9.73 -7.46
N SER B 19 5.61 -9.27 -6.23
CA SER B 19 5.55 -7.84 -5.96
C SER B 19 6.82 -7.16 -6.47
N PHE B 20 7.91 -7.91 -6.40
CA PHE B 20 9.21 -7.40 -6.84
C PHE B 20 9.13 -6.92 -8.30
N ILE B 21 8.08 -7.34 -8.98
CA ILE B 21 7.89 -6.97 -10.36
C ILE B 21 6.63 -6.11 -10.48
N VAL B 22 6.78 -4.99 -11.17
CA VAL B 22 5.66 -4.07 -11.36
C VAL B 22 5.05 -4.31 -12.74
N VAL B 23 3.75 -4.54 -12.74
CA VAL B 23 3.02 -4.79 -13.98
C VAL B 23 3.02 -3.51 -14.83
N GLU B 24 3.64 -3.62 -16.00
CA GLU B 24 3.71 -2.48 -16.90
C GLU B 24 2.38 -2.31 -17.65
N GLU B 25 1.31 -2.20 -16.87
CA GLU B 25 -0.02 -2.02 -17.44
C GLU B 25 -0.16 -2.87 -18.71
#